data_6CAO
#
_entry.id   6CAO
#
_cell.length_a   402.300
_cell.length_b   402.300
_cell.length_c   176.400
_cell.angle_alpha   90.000
_cell.angle_beta   90.000
_cell.angle_gamma   90.000
#
_symmetry.space_group_name_H-M   'P 41 21 2'
#
loop_
_entity.id
_entity.type
_entity.pdbx_description
1 polymer '16S Ribosomal RNA rRNA'
2 polymer '30S ribosomal protein S2'
3 polymer '30S ribosomal protein S3'
4 polymer '30S ribosomal protein S4'
5 polymer '30S ribosomal protein S5'
6 polymer '30S ribosomal protein S6'
7 polymer '30S ribosomal protein S7'
8 polymer '30S ribosomal protein S8'
9 polymer '30S ribosomal protein S9'
10 polymer '30S ribosomal protein S10'
11 polymer '30S ribosomal protein S11'
12 polymer '30S ribosomal protein S12'
13 polymer '30S ribosomal protein S13'
14 polymer '30S ribosomal protein S14 type Z'
15 polymer '30S ribosomal protein S15'
16 polymer '30S ribosomal protein S16'
17 polymer '30S ribosomal protein S17'
18 polymer '30S ribosomal protein S18'
19 polymer '30S ribosomal protein S19'
20 polymer '30S ribosomal protein S20'
21 polymer '30S ribosomal protein Thx'
22 polymer "RNA (5'-R(*GP*GP*GP*AP*UP*UP*GP*AP*AP*AP*AP*UP*CP*CP*C)-3')"
23 polymer "RNA (5'-R(*UP*UP*UP*UP*UP*U)-3')"
24 non-polymer PAROMOMYCIN
25 non-polymer 'POTASSIUM ION'
26 non-polymer 'MAGNESIUM ION'
27 non-polymer 'ZINC ION'
28 water water
#
loop_
_entity_poly.entity_id
_entity_poly.type
_entity_poly.pdbx_seq_one_letter_code
_entity_poly.pdbx_strand_id
1 'polyribonucleotide'
;UUUGUUGGAGAGUUUGAUCCUGGCUCAGGGUGAACGCUGGCGGCGUGCCUAAGACAUGCAAGUCGUGCGGGCCGCGGGGU
UUUACUCCGUGGUCAGCGGCGGACGGGUGAGUAACGCGUGGGUGACCUACCCGGAAGAGGGGGACAACCCGGGGAAACUC
GGGCUAAUCCCCCAUGUGGACCCGCCCCUUGGGGUGUGUCCAAAGGGCUUUGCCCGCUUCCGGAUGGGCCCGCGUCCCAU
CAGCUAGUUGGUGGGGUAAUGGCCCACCAAGGCGACGACGGGUAGCCGGUCUGAGAGGAUGGCCGGCCACAGGGGCACUG
AGACACGGGCCCCACUCCUACGGGAGGCAGCAGUUAGGAAUCUUCCGCAAUGGGCGCAAGCCUGACGGAGCGACGCCGCU
UGGAGGAAGAAGCCCUUCGGGGUGUAAACUCCUGAACCCGGGACGAAACCCCCGACGAGGGGACUGACGGUACCGGGGUA
AUAGCGCCGGCCAACUCCG(PSU)GCCAGCAGCC(G7M)CGGUAAUACGGAGGGCGCGAGCGUUACCCGGAUUCACUGGG
CGUAAAGGGCGUGUAGGCGGCCUGGGGCGUCCCAUGUGAAAGACCACGGCUCAACCGUGGGGGAGCGUGGGAUACGCUCA
GGCUAGACGGUGGGAGAGGGUGGUGGAAUUCCCGGAGUAGCGGUGAAAUGCGCAGAUACCGGGAGGAACGCCGAUGGCGA
AGGCAGCCACCUGGUCCACCCGUGACGCUGAGGCGCGAAAGCGUGGGGAGCAAACCGGAUUAGAUACCCGGGUAGUCCAC
GCCCUAAACGAUGCGCGCUAGGUCUCUGGGUCUCCUGGGGGCCGAAGCUAACGCGUUAAGCGCGCCGCCUGGGGAGUACG
GCCGCAAGGCUGAAACUCAAAGGAAUUGACGGGGGCCCGCACAAGCGGUGGAGCAUGUGGUUUAAUUCGAA(M2G)
(5MC)AACGCGAAGAACCUUACCAGGCCUUGACAUGCUAGGGAACCCGGGUGAAAGCCUGGGGUGCCCCGCGAGGGGAGC
CCUAGCACAGGUGCUGCAUGGCCGUCGUCAGCUCGUGCCGUGAGGUGUUGGGUUAAGUCCCGCAACGAGCGCAACCCCCG
CCGUUAGUUGCCAGCGGUUCGGCCGGGCACUCUAACGGGACUGCCCGCGAAAGCGGGAGGAAGGAGGGGACGACGUCUGG
UCAGCAUG(2MG)CCCUUACGGCCUGGGCGACACACGUGCUACAAUGCCCACUACAAAGCGAUGCCACCCGGCAACGGGG
AGCUAAUCGCAAAAAGGUGGGCCCAGUUCGGAUUGGGGUCUGCAACCCGACCCCAUGAAGCCGGAAUCGCUAGUAAUCGC
GGAUCAGCCAUGCCGCGGUGAAUACGUUCCCGGGCCUUGUACACAC(5MC)G(4OC)C(5MC)GU(5MC)ACGCCAUGGG
AGCGGGCUCUACCCGAAGUCGCCGGGAGCCUACGGGCAGGCGCCGAGGGUAGGGCCCGUGACUGGGGCGAAGUCG(UR3)
AACAAGGUAGCUGUACCGG(MA6)(MA6)GGUGCGGCUGGAUCACCUCC(PSU)(PSU)UCU
;
A
2 'polypeptide(L)'
;TVKELLEAGVHFGHERKRWNPKFARYIYAERNGIHIIDLQKTMEELERTFRFIEDLAMRGGTILFVGTKKQAQDIVRMEA
ERAGMPYVNQRWLGGMLTNFKTISQRVHRLEELEALFASPEIEERPKKEQVRLKHELERLQKYLSGFRLLKRLPDAIFVV
DPTKEAIAVREARKLFIPVIALADTDSDPDLVDYIIPGNDDAIRSIQLILSRAVDLIIQARGGVVEPSPSYALVQE
;
B
3 'polypeptide(L)'
;GNKIHPIGFRLGITRDWESRWYAGKKQYRHLLLEDQRIRGLLEKELYSAGLARVDIERAADNVAVTVHVAKPGVVIGRGG
ERIRVLREELAKLTGKNVALNVQEVQNPNLSAPLVAQRVAEQIERRFAVRRAIKQAVQRVMESGAKGAKVIVSGRIGGAE
QARTEWAAQGRVPLHTLRANIDYGFALARTTYGVLGVKAYIFLGEVI
;
C
4 'polypeptide(L)'
;GRYIGPVCRLCRREGVKLYLKGERCYSPKCAMERRPYPPGQHGQKRARRPSDYAVRLREKQKLRRIYGISERQFRNLFEE
ASKKKGVTGSVFLGLLESRLDNVVYRLGFAVSRRQARQLVRHGHITVNGRRVDLPSYRVRPGDEIAVAEKSRNLELIRQN
LEAMKGRKVGPWLSLDVEGMKGKFLRLPDREDLALPVNEQLVIEFYSR
;
D
5 'polypeptide(L)'
;DFEEKMILIRRTARMQAGGRRFRFGALVVVGDRQGRVGLGFGKAPEVPLAVQKAGYYARRNMVEVPLQNGTIPHEIEVEF
GASKIVLKPAAPGTGVIAGAVPRAILELAGVTDILTKELGSRNPINIAYATMEALRQLRTKADVERLRKGE
;
E
6 'polypeptide(L)'
;MRRYEVNIVLNPNLDQSQLALEKEIIQRALENYGARVEKVEELGLRRLAYPIAKDPQGYFLWYQVEMPEDRVNDLARELR
IRDNVRRVMVVKSQEPFLANA
;
F
7 'polypeptide(L)'
;ARRRRAEVRQLQPDLVYGDVLVTAFINKIMRDGKKNLAARIFYDACKIIQEKTGQEPLKVFKQAVENVKPRMEVRSRRVG
GANYQVPMEVSPRRQQSLALRWLVQAANQRPERRAAVRIAHELMDAAEGKGGAVKKKEDVERMAEANRAYAHYRW
;
G
8 'polypeptide(L)'
;MLTDPIADMLTRIRNATRVYKESTDVPASRFKEEILRILAREGFIKGYERVDVDGKPYLRVYLKYGPRRQGPDPRPEQVI
HHIRRISKPGRRVYVGVKEIPRVRRGLGIAILSTSKGVLTDREARKLGVGGELICEVW
;
H
9 'polypeptide(L)'
;EQYYGTGRRKEAVARVFLRPGNGKVTVNGQDFNEYFQGLVRAVAALEPLRAVDALGHFDAYITVRGGGKSGQIDAIKLGI
ARALVQYNPDYRAKLKPLGFLTRDARVVERKKYGKHKARRAPQYSKR
;
I
10 'polypeptide(L)'
;KIRIKLRGFDHKTLDASAQKIVEAARRSGAQVSGPIPLPTRVRRFTVIRGPFKHKDSREHFELRTHNRLVDIINPNRKTI
EQLMTLDLPTGVEIEIKTV
;
J
11 'polypeptide(L)'
;KRQVASGRAYIHASYNNTIVTITDPDGNPITWSSGGVIGYKGSRKGTPYAAQLAALDAAKKAMAYGMQSVDVIVRGTGAG
REQAIRALQASGLQVKSIVDDTPVPHNGCRPKKKFRK
;
K
12 'polypeptide(L)'
;PTINQLVRKGREKVRKKSKVPALKGAPFRRGVCTVVRTVTPKKPNSALRKVAKVRLTSGYEVTAYIPGEGHNLQEHSVVL
IRGGRVK(0TD)LPGVRYHIVRGVYDAAGVKDRKKSRSKYGTKKPKEAA
;
L
13 'polypeptide(L)'
;ARIAGVEIPRNKRVDVALTYIYGIGKARAKEALEKTGINPATRVKDLTEAEVVRLREYVENTWKLEGELRAEVAANIKRL
MDIGCYRGLRHRRGLPVRGQRTRTNARTRKGPRKTVAG
;
M
14 'polypeptide(L)' ARKALIEKAKRTPKFKVRAYTRCVRCGRARSVYRFFGLCRICLRELAHKGQLPGVRKASW N
15 'polypeptide(L)'
;PITKEEKQKVIQEFARFPGDTGSTEVQVALLTLRINRLSEHLKVHKKDHHSHRGLLMMVGQRRRLLRYLQREDPERYRAL
IEKLGIRG
;
O
16 'polypeptide(L)'
;MVKIRLARFGSKHNPHYRIVVTDARRKRDGKYIEKIGYYDPRKTTPDWLKVDVERARYWLSVGAQPTDTARRLLRQAGVF
RQEA
;
P
17 'polypeptide(L)'
;PKKVLTGVVVSDKMQKTVTVLVERQFPHPLYGKVIKRSKKYLAHDPEEKYKLGDVVEIIESRPISKRKRFRVLRLVESGR
MDLVEKYLIRRQNYESLSK
;
Q
18 'polypeptide(L)' PSRKAKVKATLGEFDLRDYRNVEVLKRFLSETGKILPRRRTGLSAKEQRILAKTIKRARILGLLPFTEKLVRK R
19 'polypeptide(L)'
;PRSLKKGVFVDDHLLEKVLELNAKGEKRLIKTWSRRSTIVPEMVGHTIAVYNGKQHVPVYITENMVGHKLGEFAPTRTYR
G
;
S
20 'polypeptide(L)'
;RNLSALKRHRQSLKRRLRNKAKKSAIKTLSKKAIQLAQEGKAEEALKIMRKAESLIDKAAKGSTLHKNAAARRKSRLMRK
VRQLLEAAGAPLIGGGLSA
;
T
21 'polypeptide(L)' GKGDRRTRRGKIWRGTYGKYRPRKK U
22 'polyribonucleotide' GGGAUUGAAAAUCCC W
23 'polyribonucleotide' UUUUUU Y
#
# COMPACT_ATOMS: atom_id res chain seq x y z
N THR B 1 35.20 48.54 -9.05
CA THR B 1 36.11 47.63 -9.73
C THR B 1 37.48 47.56 -9.06
N VAL B 2 37.58 47.98 -7.79
CA VAL B 2 38.74 47.59 -7.00
C VAL B 2 38.33 47.03 -5.64
N LYS B 3 37.85 47.92 -4.77
CA LYS B 3 37.36 47.73 -3.41
C LYS B 3 38.41 47.25 -2.42
N GLU B 4 39.36 46.42 -2.87
CA GLU B 4 40.75 46.27 -2.44
C GLU B 4 41.00 46.28 -0.92
N LEU B 5 40.23 47.07 -0.18
CA LEU B 5 40.35 47.12 1.27
C LEU B 5 39.01 47.52 1.86
N LEU B 6 38.16 48.10 1.02
CA LEU B 6 36.84 48.59 1.45
C LEU B 6 35.99 47.46 1.98
N GLU B 7 36.46 46.21 1.89
CA GLU B 7 35.81 45.10 2.55
C GLU B 7 36.03 45.26 4.05
N ALA B 8 35.08 45.95 4.68
CA ALA B 8 35.05 46.14 6.13
C ALA B 8 33.73 45.56 6.62
N GLY B 9 33.84 44.50 7.43
CA GLY B 9 32.69 43.76 7.89
C GLY B 9 32.47 42.43 7.19
N VAL B 10 33.13 42.20 6.06
CA VAL B 10 32.88 40.98 5.30
C VAL B 10 33.66 39.81 5.85
N HIS B 11 34.88 40.07 6.35
CA HIS B 11 35.71 39.01 6.92
C HIS B 11 35.00 38.28 8.06
N PHE B 12 34.02 38.93 8.70
CA PHE B 12 33.24 38.28 9.73
C PHE B 12 32.50 37.08 9.15
N GLY B 13 32.60 35.94 9.83
CA GLY B 13 31.86 34.77 9.44
C GLY B 13 30.90 34.31 10.51
N HIS B 14 30.55 33.02 10.48
CA HIS B 14 29.69 32.43 11.50
C HIS B 14 30.54 31.82 12.61
N GLU B 15 29.88 31.25 13.61
CA GLU B 15 30.56 30.80 14.83
C GLU B 15 31.32 29.51 14.56
N ARG B 16 31.84 28.89 15.62
CA ARG B 16 32.54 27.61 15.49
C ARG B 16 31.62 26.54 14.92
N LYS B 17 30.44 26.39 15.49
CA LYS B 17 29.44 25.46 14.98
C LYS B 17 28.81 26.06 13.72
N ARG B 18 27.83 25.37 13.17
CA ARG B 18 27.03 25.84 12.03
C ARG B 18 27.87 26.04 10.77
N TRP B 19 29.14 25.69 10.79
CA TRP B 19 30.03 25.87 9.65
C TRP B 19 29.98 24.65 8.74
N ASN B 20 30.59 24.78 7.57
CA ASN B 20 30.79 23.66 6.67
C ASN B 20 32.28 23.41 6.54
N PRO B 21 32.80 22.28 7.00
CA PRO B 21 34.25 22.04 6.88
C PRO B 21 34.74 22.17 5.47
N LYS B 22 33.89 21.99 4.46
CA LYS B 22 34.27 22.29 3.08
C LYS B 22 34.64 23.75 2.89
N PHE B 23 34.20 24.62 3.80
CA PHE B 23 34.61 26.02 3.77
C PHE B 23 35.97 26.23 4.43
N ALA B 24 36.76 25.17 4.62
CA ALA B 24 38.02 25.31 5.35
C ALA B 24 39.07 26.08 4.54
N ARG B 25 39.01 26.00 3.20
CA ARG B 25 40.03 26.67 2.41
C ARG B 25 39.89 28.18 2.49
N TYR B 26 38.66 28.67 2.60
CA TYR B 26 38.38 30.10 2.59
C TYR B 26 38.33 30.71 3.98
N ILE B 27 39.00 30.10 4.96
CA ILE B 27 38.97 30.57 6.34
C ILE B 27 40.39 30.88 6.79
N TYR B 28 40.57 32.04 7.43
CA TYR B 28 41.87 32.50 7.90
C TYR B 28 42.20 31.96 9.28
N ALA B 29 41.33 32.22 10.26
CA ALA B 29 41.51 31.73 11.62
C ALA B 29 40.18 31.90 12.36
N GLU B 30 40.20 31.63 13.67
CA GLU B 30 39.00 31.62 14.52
C GLU B 30 39.20 32.61 15.67
N ARG B 31 38.76 33.86 15.47
CA ARG B 31 38.81 34.89 16.50
C ARG B 31 37.53 34.90 17.32
N ASN B 32 37.68 34.90 18.65
CA ASN B 32 36.55 35.07 19.58
C ASN B 32 35.39 34.12 19.26
N GLY B 33 35.70 32.86 19.00
CA GLY B 33 34.68 31.88 18.69
C GLY B 33 33.97 32.11 17.37
N ILE B 34 34.61 32.79 16.42
CA ILE B 34 34.01 33.09 15.12
C ILE B 34 35.08 32.85 14.04
N HIS B 35 34.72 32.11 12.99
CA HIS B 35 35.59 32.00 11.84
C HIS B 35 35.67 33.34 11.12
N ILE B 36 36.87 33.75 10.73
CA ILE B 36 37.07 34.97 9.96
C ILE B 36 37.56 34.57 8.57
N ILE B 37 36.85 35.06 7.55
CA ILE B 37 37.13 34.68 6.18
C ILE B 37 38.52 35.20 5.78
N ASP B 38 39.27 34.36 5.07
CA ASP B 38 40.60 34.76 4.60
C ASP B 38 40.48 35.94 3.64
N LEU B 39 41.18 37.02 3.96
CA LEU B 39 41.01 38.27 3.22
C LEU B 39 41.56 38.14 1.79
N GLN B 40 42.67 37.42 1.63
CA GLN B 40 43.29 37.30 0.30
C GLN B 40 42.44 36.43 -0.63
N LYS B 41 42.11 35.22 -0.19
CA LYS B 41 41.36 34.30 -1.05
C LYS B 41 40.00 34.86 -1.43
N THR B 42 39.45 35.77 -0.61
CA THR B 42 38.20 36.45 -0.95
C THR B 42 38.31 37.14 -2.31
N MET B 43 39.23 38.12 -2.40
CA MET B 43 39.43 38.84 -3.66
C MET B 43 39.96 37.92 -4.74
N GLU B 44 40.79 36.93 -4.38
CA GLU B 44 41.23 35.93 -5.35
C GLU B 44 40.04 35.35 -6.10
N GLU B 45 39.01 34.91 -5.36
CA GLU B 45 37.79 34.43 -5.99
C GLU B 45 37.04 35.55 -6.70
N LEU B 46 37.09 36.76 -6.13
CA LEU B 46 36.39 37.89 -6.74
C LEU B 46 36.87 38.15 -8.16
N GLU B 47 38.15 37.90 -8.44
CA GLU B 47 38.68 38.19 -9.76
C GLU B 47 38.05 37.28 -10.81
N ARG B 48 38.14 35.97 -10.61
CA ARG B 48 37.57 35.04 -11.57
C ARG B 48 36.05 35.21 -11.66
N THR B 49 35.40 35.37 -10.50
CA THR B 49 33.95 35.53 -10.49
C THR B 49 33.52 36.75 -11.29
N PHE B 50 34.09 37.91 -10.96
CA PHE B 50 33.74 39.15 -11.62
C PHE B 50 34.13 39.14 -13.09
N ARG B 51 35.21 38.43 -13.43
CA ARG B 51 35.61 38.31 -14.83
C ARG B 51 34.55 37.55 -15.62
N PHE B 52 34.03 36.48 -15.03
CA PHE B 52 32.87 35.80 -15.62
C PHE B 52 31.67 36.73 -15.71
N ILE B 53 31.48 37.58 -14.69
CA ILE B 53 30.36 38.52 -14.70
C ILE B 53 30.47 39.47 -15.89
N GLU B 54 31.65 40.05 -16.09
CA GLU B 54 31.85 40.97 -17.21
C GLU B 54 31.64 40.25 -18.54
N ASP B 55 32.18 39.04 -18.67
CA ASP B 55 32.00 38.30 -19.92
C ASP B 55 30.51 38.07 -20.22
N LEU B 56 29.83 37.36 -19.33
CA LEU B 56 28.40 37.13 -19.47
C LEU B 56 27.63 38.43 -19.71
N ALA B 57 28.09 39.52 -19.09
CA ALA B 57 27.38 40.78 -19.18
C ALA B 57 27.51 41.38 -20.57
N MET B 58 28.75 41.64 -21.01
CA MET B 58 28.98 42.23 -22.32
C MET B 58 28.41 41.37 -23.43
N ARG B 59 28.24 40.06 -23.20
CA ARG B 59 27.49 39.27 -24.18
C ARG B 59 26.01 39.65 -24.17
N GLY B 60 25.45 39.91 -22.99
CA GLY B 60 24.08 40.38 -22.89
C GLY B 60 23.15 39.48 -22.12
N GLY B 61 23.70 38.43 -21.52
CA GLY B 61 22.87 37.43 -20.88
C GLY B 61 22.19 37.94 -19.63
N THR B 62 20.97 37.44 -19.41
CA THR B 62 20.19 37.78 -18.22
C THR B 62 20.72 36.99 -17.01
N ILE B 63 20.66 37.63 -15.85
CA ILE B 63 21.09 37.02 -14.59
C ILE B 63 19.94 37.09 -13.60
N LEU B 64 19.55 35.94 -13.06
CA LEU B 64 18.49 35.89 -12.06
C LEU B 64 19.09 36.18 -10.69
N PHE B 65 18.64 37.24 -10.05
CA PHE B 65 19.04 37.56 -8.70
C PHE B 65 18.04 36.97 -7.72
N VAL B 66 18.54 36.30 -6.69
CA VAL B 66 17.72 35.56 -5.74
C VAL B 66 18.20 35.86 -4.34
N GLY B 67 17.28 36.35 -3.49
CA GLY B 67 17.56 36.55 -2.08
C GLY B 67 16.31 36.70 -1.24
N THR B 68 16.22 35.90 -0.18
CA THR B 68 15.07 35.88 0.72
C THR B 68 15.46 36.21 2.15
N LYS B 69 16.75 36.26 2.45
CA LYS B 69 17.28 36.26 3.81
C LYS B 69 16.71 37.36 4.69
N LYS B 70 16.02 38.34 4.10
CA LYS B 70 15.40 39.46 4.80
C LYS B 70 16.48 40.42 5.30
N GLN B 71 17.74 40.03 5.16
CA GLN B 71 18.87 40.93 5.38
C GLN B 71 19.28 41.62 4.09
N ALA B 72 18.96 41.01 2.95
CA ALA B 72 19.21 41.56 1.64
C ALA B 72 17.95 41.70 0.81
N GLN B 73 16.78 41.44 1.41
CA GLN B 73 15.51 41.59 0.71
C GLN B 73 15.43 42.92 -0.03
N ASP B 74 15.76 44.02 0.65
CA ASP B 74 15.61 45.34 0.06
C ASP B 74 16.75 45.67 -0.89
N ILE B 75 17.99 45.25 -0.59
CA ILE B 75 19.10 45.58 -1.48
C ILE B 75 18.94 44.88 -2.82
N VAL B 76 18.41 43.66 -2.80
CA VAL B 76 18.17 42.93 -4.05
C VAL B 76 17.20 43.69 -4.94
N ARG B 77 16.09 44.18 -4.36
CA ARG B 77 15.02 44.72 -5.20
C ARG B 77 15.49 45.92 -6.01
N MET B 78 16.50 46.65 -5.55
CA MET B 78 16.98 47.84 -6.25
C MET B 78 18.27 47.61 -7.03
N GLU B 79 19.21 46.82 -6.51
CA GLU B 79 20.37 46.49 -7.33
C GLU B 79 19.96 45.63 -8.52
N ALA B 80 18.85 44.91 -8.41
CA ALA B 80 18.25 44.23 -9.55
C ALA B 80 17.27 45.10 -10.32
N GLU B 81 16.88 46.25 -9.75
CA GLU B 81 16.11 47.23 -10.50
C GLU B 81 17.01 48.11 -11.36
N ARG B 82 18.18 48.48 -10.83
CA ARG B 82 19.29 48.77 -11.72
C ARG B 82 19.55 47.52 -12.55
N ALA B 83 20.42 47.64 -13.54
CA ALA B 83 20.15 47.09 -14.88
C ALA B 83 19.28 45.85 -14.93
N GLY B 84 18.45 45.76 -15.97
CA GLY B 84 17.13 45.17 -15.92
C GLY B 84 17.04 43.68 -15.61
N MET B 85 18.00 43.18 -14.81
CA MET B 85 18.02 41.81 -14.36
C MET B 85 16.83 41.47 -13.47
N PRO B 86 16.34 40.24 -13.54
CA PRO B 86 15.18 39.85 -12.72
C PRO B 86 15.59 39.41 -11.32
N TYR B 87 14.64 39.52 -10.38
CA TYR B 87 14.91 39.16 -9.01
C TYR B 87 13.75 38.39 -8.41
N VAL B 88 14.09 37.48 -7.50
CA VAL B 88 13.14 36.81 -6.61
C VAL B 88 13.42 37.30 -5.20
N ASN B 89 12.43 37.91 -4.57
CA ASN B 89 12.65 38.59 -3.30
C ASN B 89 11.91 37.98 -2.13
N GLN B 90 10.61 37.71 -2.27
CA GLN B 90 9.81 37.34 -1.11
C GLN B 90 10.09 35.89 -0.69
N ARG B 91 9.87 34.94 -1.59
CA ARG B 91 10.30 33.57 -1.36
C ARG B 91 10.48 32.88 -2.72
N TRP B 92 11.42 31.95 -2.76
CA TRP B 92 11.75 31.26 -3.99
C TRP B 92 10.86 30.02 -4.12
N LEU B 93 9.91 30.08 -5.04
CA LEU B 93 8.97 28.97 -5.21
C LEU B 93 9.65 27.79 -5.88
N GLY B 94 9.27 26.59 -5.46
CA GLY B 94 9.82 25.38 -6.05
C GLY B 94 9.30 25.21 -7.47
N GLY B 95 10.22 25.10 -8.43
CA GLY B 95 9.87 24.94 -9.82
C GLY B 95 10.16 26.14 -10.69
N MET B 96 10.54 27.27 -10.09
CA MET B 96 10.73 28.51 -10.85
C MET B 96 11.67 28.32 -12.03
N LEU B 97 12.52 27.30 -12.01
CA LEU B 97 13.43 27.03 -13.11
C LEU B 97 13.12 25.70 -13.78
N THR B 98 13.03 24.61 -13.01
CA THR B 98 12.71 23.32 -13.61
C THR B 98 11.29 23.30 -14.15
N ASN B 99 10.35 23.87 -13.41
CA ASN B 99 8.96 24.03 -13.84
C ASN B 99 8.71 25.43 -14.38
N PHE B 100 9.71 26.04 -15.01
CA PHE B 100 9.60 27.41 -15.50
C PHE B 100 8.43 27.56 -16.46
N LYS B 101 8.21 26.57 -17.33
CA LYS B 101 7.09 26.62 -18.25
C LYS B 101 5.77 26.84 -17.52
N THR B 102 5.63 26.24 -16.35
CA THR B 102 4.38 26.39 -15.61
C THR B 102 4.34 27.69 -14.82
N ILE B 103 5.45 28.06 -14.18
CA ILE B 103 5.46 29.28 -13.37
C ILE B 103 5.16 30.49 -14.24
N SER B 104 5.70 30.54 -15.45
CA SER B 104 5.49 31.73 -16.28
C SER B 104 4.03 31.92 -16.68
N GLN B 105 3.23 30.85 -16.71
CA GLN B 105 1.78 31.03 -16.87
C GLN B 105 1.23 31.98 -15.83
N ARG B 106 1.68 31.83 -14.58
CA ARG B 106 1.25 32.73 -13.51
C ARG B 106 1.60 34.17 -13.83
N VAL B 107 2.76 34.40 -14.44
CA VAL B 107 3.09 35.76 -14.87
C VAL B 107 2.10 36.23 -15.93
N HIS B 108 1.75 35.36 -16.87
CA HIS B 108 0.76 35.74 -17.88
C HIS B 108 -0.57 36.13 -17.25
N ARG B 109 -0.94 35.47 -16.15
CA ARG B 109 -2.13 35.89 -15.42
C ARG B 109 -1.89 37.20 -14.69
N LEU B 110 -0.66 37.45 -14.24
CA LEU B 110 -0.36 38.73 -13.62
C LEU B 110 -0.59 39.88 -14.59
N GLU B 111 0.16 39.88 -15.70
CA GLU B 111 -0.02 40.90 -16.72
C GLU B 111 -1.40 40.84 -17.37
N GLU B 112 -2.13 39.73 -17.17
CA GLU B 112 -3.55 39.71 -17.55
C GLU B 112 -4.38 40.56 -16.60
N LEU B 113 -4.15 40.41 -15.29
CA LEU B 113 -4.95 41.13 -14.31
C LEU B 113 -4.65 42.62 -14.32
N GLU B 114 -3.38 42.99 -14.53
CA GLU B 114 -3.05 44.40 -14.71
C GLU B 114 -3.90 45.02 -15.81
N ALA B 115 -4.06 44.30 -16.92
CA ALA B 115 -4.87 44.79 -18.03
C ALA B 115 -6.35 44.79 -17.68
N LEU B 116 -6.81 43.82 -16.87
CA LEU B 116 -8.19 43.87 -16.41
C LEU B 116 -8.45 45.10 -15.54
N PHE B 117 -7.45 45.52 -14.77
CA PHE B 117 -7.59 46.70 -13.94
C PHE B 117 -7.23 47.99 -14.66
N ALA B 118 -6.87 47.91 -15.94
CA ALA B 118 -6.65 49.10 -16.76
C ALA B 118 -7.86 49.43 -17.63
N SER B 119 -8.45 48.39 -18.25
CA SER B 119 -9.63 48.55 -19.08
C SER B 119 -10.82 48.96 -18.23
N PRO B 120 -11.93 49.37 -18.86
CA PRO B 120 -13.15 49.64 -18.09
C PRO B 120 -13.78 48.40 -17.47
N GLU B 121 -13.27 47.20 -17.75
CA GLU B 121 -13.87 45.96 -17.25
C GLU B 121 -13.63 45.73 -15.77
N ILE B 122 -13.09 46.69 -15.02
CA ILE B 122 -12.93 46.50 -13.59
C ILE B 122 -14.29 46.43 -12.90
N GLU B 123 -15.28 47.18 -13.41
CA GLU B 123 -16.54 47.35 -12.70
C GLU B 123 -17.59 46.30 -13.04
N GLU B 124 -17.51 45.69 -14.22
CA GLU B 124 -18.40 44.58 -14.55
C GLU B 124 -18.15 43.40 -13.62
N ARG B 125 -19.11 42.45 -13.61
CA ARG B 125 -18.92 41.16 -12.94
C ARG B 125 -18.55 41.32 -11.46
N PRO B 126 -19.57 41.30 -10.57
CA PRO B 126 -19.61 42.11 -9.34
C PRO B 126 -18.40 42.20 -8.42
N LYS B 127 -18.57 43.08 -7.42
CA LYS B 127 -17.52 43.46 -6.47
C LYS B 127 -16.82 42.27 -5.82
N LYS B 128 -17.44 41.07 -5.85
CA LYS B 128 -16.76 39.87 -5.39
C LYS B 128 -15.44 39.69 -6.12
N GLU B 129 -15.51 39.56 -7.46
CA GLU B 129 -14.30 39.47 -8.26
C GLU B 129 -13.41 40.70 -8.08
N GLN B 130 -14.00 41.85 -7.78
CA GLN B 130 -13.19 43.05 -7.53
C GLN B 130 -12.31 42.89 -6.30
N VAL B 131 -12.80 42.20 -5.28
CA VAL B 131 -11.99 41.94 -4.09
C VAL B 131 -10.99 40.81 -4.37
N ARG B 132 -11.50 39.65 -4.80
CA ARG B 132 -10.63 38.49 -5.01
C ARG B 132 -9.49 38.83 -5.95
N LEU B 133 -9.81 39.29 -7.16
CA LEU B 133 -8.78 39.51 -8.16
C LEU B 133 -7.80 40.59 -7.75
N LYS B 134 -8.23 41.57 -6.94
CA LYS B 134 -7.30 42.55 -6.41
C LYS B 134 -6.32 41.89 -5.43
N HIS B 135 -6.80 40.93 -4.64
CA HIS B 135 -5.87 40.20 -3.78
C HIS B 135 -4.97 39.28 -4.58
N GLU B 136 -5.49 38.72 -5.68
CA GLU B 136 -4.68 37.85 -6.52
C GLU B 136 -3.54 38.63 -7.15
N LEU B 137 -3.86 39.70 -7.89
CA LEU B 137 -2.82 40.57 -8.43
C LEU B 137 -1.91 41.09 -7.33
N GLU B 138 -2.45 41.28 -6.12
CA GLU B 138 -1.63 41.66 -4.98
C GLU B 138 -0.53 40.63 -4.73
N ARG B 139 -0.90 39.35 -4.58
CA ARG B 139 0.12 38.34 -4.28
C ARG B 139 1.01 38.04 -5.49
N LEU B 140 0.45 38.10 -6.70
CA LEU B 140 1.28 37.91 -7.90
C LEU B 140 2.36 38.97 -7.97
N GLN B 141 1.99 40.23 -7.68
CA GLN B 141 3.00 41.28 -7.62
C GLN B 141 3.88 41.15 -6.40
N LYS B 142 3.44 40.42 -5.38
CA LYS B 142 4.31 40.15 -4.24
C LYS B 142 5.45 39.22 -4.65
N TYR B 143 5.11 38.05 -5.21
CA TYR B 143 6.13 37.03 -5.46
C TYR B 143 6.85 37.24 -6.79
N LEU B 144 6.08 37.47 -7.85
CA LEU B 144 6.61 37.62 -9.20
C LEU B 144 6.97 39.06 -9.55
N SER B 145 7.27 39.88 -8.54
CA SER B 145 7.58 41.29 -8.79
C SER B 145 8.74 41.44 -9.75
N GLY B 146 9.84 40.75 -9.47
CA GLY B 146 11.02 40.84 -10.31
C GLY B 146 11.19 39.63 -11.20
N PHE B 147 10.52 38.53 -10.87
CA PHE B 147 10.63 37.34 -11.70
C PHE B 147 9.92 37.50 -13.04
N ARG B 148 8.98 38.45 -13.15
CA ARG B 148 8.21 38.61 -14.38
C ARG B 148 9.10 38.99 -15.56
N LEU B 149 10.28 39.55 -15.31
CA LEU B 149 11.13 40.06 -16.36
C LEU B 149 11.79 38.97 -17.19
N LEU B 150 11.57 37.69 -16.84
CA LEU B 150 12.23 36.58 -17.52
C LEU B 150 11.32 36.05 -18.63
N LYS B 151 11.77 36.24 -19.88
CA LYS B 151 11.08 35.61 -21.01
C LYS B 151 11.54 34.17 -21.22
N ARG B 152 12.81 33.88 -20.96
CA ARG B 152 13.36 32.52 -21.06
C ARG B 152 14.11 32.19 -19.79
N LEU B 153 14.70 31.00 -19.76
CA LEU B 153 15.54 30.61 -18.64
C LEU B 153 16.74 31.56 -18.55
N PRO B 154 17.21 31.87 -17.35
CA PRO B 154 18.34 32.79 -17.22
C PRO B 154 19.64 32.13 -17.61
N ASP B 155 20.58 32.96 -18.02
CA ASP B 155 21.89 32.46 -18.41
C ASP B 155 22.78 32.18 -17.21
N ALA B 156 22.43 32.72 -16.05
CA ALA B 156 23.11 32.46 -14.80
C ALA B 156 22.21 32.97 -13.69
N ILE B 157 22.52 32.58 -12.45
CA ILE B 157 21.80 33.08 -11.30
C ILE B 157 22.79 33.65 -10.31
N PHE B 158 22.34 34.67 -9.58
CA PHE B 158 23.11 35.26 -8.49
C PHE B 158 22.37 35.02 -7.18
N VAL B 159 23.07 34.49 -6.20
CA VAL B 159 22.51 34.14 -4.89
C VAL B 159 23.25 34.93 -3.83
N VAL B 160 22.53 35.30 -2.77
CA VAL B 160 23.13 36.04 -1.66
C VAL B 160 23.57 35.09 -0.54
N ASP B 161 22.73 34.15 -0.16
CA ASP B 161 23.13 33.08 0.76
C ASP B 161 22.84 31.75 0.09
N PRO B 162 23.86 30.98 -0.31
CA PRO B 162 23.60 29.72 -1.02
C PRO B 162 22.92 28.67 -0.16
N THR B 163 22.94 28.80 1.16
CA THR B 163 22.33 27.79 2.01
C THR B 163 20.81 27.99 2.13
N LYS B 164 20.37 29.23 2.32
CA LYS B 164 18.93 29.49 2.45
C LYS B 164 18.20 29.20 1.14
N GLU B 165 18.75 29.70 0.03
CA GLU B 165 18.16 29.51 -1.29
C GLU B 165 18.69 28.25 -1.97
N ALA B 166 19.06 27.24 -1.19
CA ALA B 166 19.63 26.01 -1.75
C ALA B 166 18.68 25.33 -2.73
N ILE B 167 17.38 25.61 -2.64
CA ILE B 167 16.45 25.08 -3.64
C ILE B 167 16.70 25.71 -4.99
N ALA B 168 16.87 27.03 -5.01
CA ALA B 168 17.26 27.73 -6.22
C ALA B 168 18.55 27.16 -6.78
N VAL B 169 19.60 27.15 -5.95
CA VAL B 169 20.89 26.57 -6.35
C VAL B 169 20.68 25.20 -6.97
N ARG B 170 19.90 24.35 -6.31
CA ARG B 170 19.65 23.00 -6.82
C ARG B 170 19.04 23.04 -8.21
N GLU B 171 17.97 23.82 -8.38
CA GLU B 171 17.34 23.89 -9.70
C GLU B 171 18.29 24.44 -10.74
N ALA B 172 19.27 25.25 -10.33
CA ALA B 172 20.28 25.71 -11.28
C ALA B 172 21.21 24.58 -11.70
N ARG B 173 21.80 23.88 -10.73
CA ARG B 173 22.60 22.71 -11.07
C ARG B 173 21.84 21.81 -12.02
N LYS B 174 20.63 21.39 -11.63
CA LYS B 174 19.90 20.39 -12.40
C LYS B 174 19.69 20.82 -13.85
N LEU B 175 19.59 22.13 -14.09
CA LEU B 175 19.50 22.65 -15.45
C LEU B 175 20.82 23.21 -15.94
N PHE B 176 21.92 22.91 -15.25
CA PHE B 176 23.27 23.26 -15.72
C PHE B 176 23.47 24.77 -15.80
N ILE B 177 22.70 25.53 -15.01
CA ILE B 177 22.74 26.97 -15.03
C ILE B 177 23.83 27.44 -14.05
N PRO B 178 24.85 28.13 -14.51
CA PRO B 178 25.98 28.49 -13.63
C PRO B 178 25.53 29.26 -12.40
N VAL B 179 25.99 28.82 -11.25
CA VAL B 179 25.64 29.41 -9.97
C VAL B 179 26.75 30.38 -9.58
N ILE B 180 26.40 31.66 -9.53
CA ILE B 180 27.22 32.68 -8.89
C ILE B 180 26.60 32.97 -7.53
N ALA B 181 27.41 32.95 -6.48
CA ALA B 181 26.85 33.15 -5.15
C ALA B 181 27.88 33.77 -4.21
N LEU B 182 27.37 34.51 -3.23
CA LEU B 182 28.13 35.02 -2.10
C LEU B 182 28.03 33.99 -0.97
N ALA B 183 29.13 33.32 -0.67
CA ALA B 183 29.13 32.18 0.25
C ALA B 183 29.72 32.57 1.60
N ASP B 184 29.03 32.20 2.68
CA ASP B 184 29.54 32.39 4.03
C ASP B 184 30.06 31.06 4.58
N THR B 185 30.48 31.08 5.84
CA THR B 185 31.08 29.90 6.47
C THR B 185 30.12 28.72 6.49
N ASP B 186 28.82 28.98 6.55
CA ASP B 186 27.82 27.93 6.66
C ASP B 186 27.41 27.34 5.31
N SER B 187 28.25 27.47 4.29
CA SER B 187 27.87 27.13 2.92
C SER B 187 28.83 26.13 2.30
N ASP B 188 28.32 25.37 1.33
CA ASP B 188 29.12 24.37 0.64
C ASP B 188 29.71 24.97 -0.62
N PRO B 189 31.02 25.17 -0.71
CA PRO B 189 31.57 25.84 -1.90
C PRO B 189 31.49 25.01 -3.15
N ASP B 190 31.42 23.68 -3.05
CA ASP B 190 31.48 22.85 -4.24
C ASP B 190 30.28 23.06 -5.16
N LEU B 191 29.13 23.40 -4.60
CA LEU B 191 27.94 23.62 -5.43
C LEU B 191 27.98 24.97 -6.13
N VAL B 192 28.65 25.95 -5.53
CA VAL B 192 28.78 27.28 -6.13
C VAL B 192 29.83 27.21 -7.23
N ASP B 193 29.40 27.40 -8.47
CA ASP B 193 30.35 27.47 -9.58
C ASP B 193 31.33 28.61 -9.36
N TYR B 194 30.80 29.83 -9.23
CA TYR B 194 31.60 31.04 -9.06
C TYR B 194 31.35 31.59 -7.66
N ILE B 195 32.36 31.49 -6.80
CA ILE B 195 32.21 31.72 -5.37
C ILE B 195 32.66 33.14 -5.04
N ILE B 196 31.94 33.77 -4.12
CA ILE B 196 32.35 35.04 -3.52
C ILE B 196 32.39 34.82 -2.01
N PRO B 197 33.52 34.38 -1.47
CA PRO B 197 33.54 33.92 -0.06
C PRO B 197 33.55 35.06 0.95
N GLY B 198 32.38 35.54 1.34
CA GLY B 198 32.28 36.60 2.33
C GLY B 198 31.10 36.48 3.26
N ASN B 199 30.86 37.53 4.04
CA ASN B 199 29.79 37.52 5.04
C ASN B 199 28.43 37.61 4.34
N ASP B 200 27.55 36.64 4.62
CA ASP B 200 26.20 36.63 4.05
C ASP B 200 25.19 37.36 4.93
N ASP B 201 25.57 37.80 6.12
CA ASP B 201 24.66 38.27 7.16
C ASP B 201 24.48 39.78 7.19
N ALA B 202 25.57 40.54 7.19
CA ALA B 202 25.51 41.98 7.41
C ALA B 202 25.08 42.71 6.14
N ILE B 203 24.48 43.88 6.34
CA ILE B 203 24.00 44.70 5.24
C ILE B 203 25.15 45.41 4.53
N ARG B 204 26.27 45.62 5.20
CA ARG B 204 27.40 46.30 4.58
C ARG B 204 28.05 45.44 3.52
N SER B 205 28.35 44.17 3.87
CA SER B 205 28.95 43.25 2.91
C SER B 205 28.05 43.04 1.70
N ILE B 206 26.75 42.86 1.95
CA ILE B 206 25.79 42.67 0.87
C ILE B 206 25.73 43.90 -0.02
N GLN B 207 25.55 45.09 0.57
CA GLN B 207 25.45 46.32 -0.21
C GLN B 207 26.70 46.55 -1.05
N LEU B 208 27.88 46.33 -0.47
CA LEU B 208 29.12 46.52 -1.20
C LEU B 208 29.22 45.53 -2.38
N ILE B 209 29.03 44.24 -2.10
CA ILE B 209 29.22 43.23 -3.14
C ILE B 209 28.23 43.41 -4.28
N LEU B 210 26.93 43.46 -3.97
CA LEU B 210 25.92 43.59 -5.01
C LEU B 210 26.03 44.92 -5.75
N SER B 211 26.33 45.99 -5.00
CA SER B 211 26.48 47.30 -5.63
C SER B 211 27.61 47.28 -6.66
N ARG B 212 28.79 46.79 -6.26
CA ARG B 212 29.90 46.73 -7.21
C ARG B 212 29.61 45.76 -8.35
N ALA B 213 28.82 44.72 -8.10
CA ALA B 213 28.46 43.78 -9.17
C ALA B 213 27.63 44.47 -10.24
N VAL B 214 26.53 45.12 -9.84
CA VAL B 214 25.70 45.81 -10.83
C VAL B 214 26.48 46.94 -11.46
N ASP B 215 27.33 47.62 -10.69
CA ASP B 215 28.23 48.62 -11.25
C ASP B 215 29.15 48.00 -12.30
N LEU B 216 29.47 46.71 -12.17
CA LEU B 216 30.29 46.03 -13.15
C LEU B 216 29.49 45.63 -14.38
N ILE B 217 28.20 45.32 -14.23
CA ILE B 217 27.37 45.04 -15.39
C ILE B 217 27.17 46.30 -16.22
N ILE B 218 26.74 47.39 -15.56
CA ILE B 218 26.60 48.66 -16.27
C ILE B 218 27.94 49.18 -16.74
N GLN B 219 29.03 48.75 -16.12
CA GLN B 219 30.37 49.11 -16.59
C GLN B 219 30.74 48.33 -17.85
N ALA B 220 30.25 47.10 -17.99
CA ALA B 220 30.59 46.28 -19.14
C ALA B 220 29.65 46.50 -20.32
N ARG B 221 28.43 46.98 -20.09
CA ARG B 221 27.55 47.31 -21.20
C ARG B 221 27.62 48.76 -21.62
N GLY B 222 28.31 49.61 -20.86
CA GLY B 222 28.55 50.99 -21.25
C GLY B 222 27.60 51.98 -20.59
N GLY B 223 27.98 53.24 -20.68
CA GLY B 223 27.16 54.31 -20.13
C GLY B 223 27.14 54.26 -18.61
N VAL B 224 28.29 54.54 -17.99
CA VAL B 224 28.50 54.33 -16.55
C VAL B 224 27.38 54.96 -15.74
N VAL B 225 26.69 54.15 -14.97
CA VAL B 225 25.54 54.57 -14.20
C VAL B 225 26.01 55.06 -12.84
N GLU B 226 25.31 56.07 -12.32
CA GLU B 226 25.61 56.65 -11.03
C GLU B 226 25.58 55.58 -9.93
N PRO B 227 26.27 55.81 -8.82
CA PRO B 227 26.23 54.84 -7.72
C PRO B 227 24.79 54.55 -7.32
N SER B 228 24.52 53.26 -7.07
CA SER B 228 23.15 52.84 -6.79
C SER B 228 22.68 53.45 -5.47
N PRO B 229 21.41 53.83 -5.38
CA PRO B 229 20.86 54.37 -4.12
C PRO B 229 20.54 53.27 -3.12
N SER B 230 21.56 52.49 -2.74
CA SER B 230 21.42 51.41 -1.78
C SER B 230 22.10 51.71 -0.44
N TYR B 231 22.80 52.84 -0.33
CA TYR B 231 23.48 53.16 0.93
C TYR B 231 22.47 53.54 2.01
N ALA B 232 21.39 54.22 1.62
CA ALA B 232 20.41 54.69 2.60
C ALA B 232 19.76 53.55 3.37
N LEU B 233 19.83 52.32 2.85
CA LEU B 233 19.32 51.16 3.57
C LEU B 233 20.21 50.73 4.72
N VAL B 234 21.27 51.50 5.01
CA VAL B 234 22.04 51.27 6.23
C VAL B 234 21.15 51.49 7.46
N GLN B 235 20.28 52.49 7.40
CA GLN B 235 19.22 52.68 8.40
C GLN B 235 19.75 52.84 9.83
N GLU B 236 20.21 51.74 10.42
N GLY C 1 -27.49 6.31 -8.58
CA GLY C 1 -28.76 7.02 -8.64
C GLY C 1 -28.65 8.49 -8.29
N ASN C 2 -28.01 9.25 -9.18
CA ASN C 2 -27.83 10.69 -8.99
C ASN C 2 -27.86 11.33 -10.37
N LYS C 3 -27.52 12.62 -10.43
CA LYS C 3 -27.27 13.32 -11.71
C LYS C 3 -28.51 13.33 -12.61
N ILE C 4 -29.50 14.15 -12.22
CA ILE C 4 -30.67 14.31 -13.10
C ILE C 4 -30.23 14.82 -14.47
N HIS C 5 -31.12 14.65 -15.42
CA HIS C 5 -30.93 15.04 -16.81
C HIS C 5 -30.54 16.51 -16.91
N PRO C 6 -29.38 16.84 -17.48
CA PRO C 6 -28.98 18.26 -17.55
C PRO C 6 -29.90 19.09 -18.42
N ILE C 7 -30.42 18.52 -19.51
CA ILE C 7 -31.34 19.26 -20.36
C ILE C 7 -32.66 19.51 -19.63
N GLY C 8 -33.22 18.47 -19.01
CA GLY C 8 -34.37 18.68 -18.16
C GLY C 8 -34.09 19.61 -17.00
N PHE C 9 -32.82 19.75 -16.62
CA PHE C 9 -32.45 20.61 -15.50
C PHE C 9 -32.37 22.07 -15.93
N ARG C 10 -32.02 22.34 -17.19
CA ARG C 10 -31.83 23.70 -17.66
C ARG C 10 -32.98 24.20 -18.53
N LEU C 11 -34.10 23.47 -18.55
CA LEU C 11 -35.24 23.88 -19.38
C LEU C 11 -35.66 25.31 -19.09
N GLY C 12 -35.45 25.78 -17.87
CA GLY C 12 -35.76 27.16 -17.54
C GLY C 12 -34.95 28.16 -18.33
N ILE C 13 -33.65 28.19 -18.10
CA ILE C 13 -32.76 29.13 -18.76
C ILE C 13 -31.63 28.35 -19.41
N THR C 14 -31.20 28.81 -20.60
CA THR C 14 -30.14 28.19 -21.40
C THR C 14 -30.55 26.80 -21.90
N ARG C 15 -31.85 26.60 -22.09
CA ARG C 15 -32.35 25.46 -22.86
C ARG C 15 -33.84 25.67 -23.11
N ASP C 16 -34.25 25.44 -24.35
CA ASP C 16 -35.63 25.64 -24.77
C ASP C 16 -36.25 24.31 -25.17
N TRP C 17 -37.58 24.30 -25.24
CA TRP C 17 -38.31 23.08 -25.55
C TRP C 17 -38.18 22.74 -27.03
N GLU C 18 -38.24 21.44 -27.33
CA GLU C 18 -38.26 20.99 -28.72
C GLU C 18 -39.65 21.17 -29.33
N SER C 19 -40.69 20.99 -28.53
CA SER C 19 -42.07 21.30 -28.90
C SER C 19 -42.50 22.53 -28.12
N ARG C 20 -42.89 23.58 -28.82
CA ARG C 20 -43.36 24.82 -28.18
C ARG C 20 -44.67 25.25 -28.84
N TRP C 21 -45.77 24.90 -28.20
CA TRP C 21 -47.10 25.31 -28.64
C TRP C 21 -48.02 25.20 -27.43
N TYR C 22 -49.09 25.97 -27.45
CA TYR C 22 -50.05 25.94 -26.37
C TYR C 22 -51.26 25.09 -26.77
N ALA C 23 -51.88 24.46 -25.77
CA ALA C 23 -53.05 23.65 -25.99
C ALA C 23 -53.83 23.53 -24.70
N GLY C 24 -55.14 23.29 -24.83
CA GLY C 24 -55.97 23.00 -23.69
C GLY C 24 -55.79 21.57 -23.22
N LYS C 25 -56.48 21.26 -22.12
CA LYS C 25 -56.38 19.91 -21.56
C LYS C 25 -57.00 18.87 -22.48
N LYS C 26 -58.00 19.28 -23.27
CA LYS C 26 -58.63 18.40 -24.24
C LYS C 26 -57.80 18.21 -25.50
N GLN C 27 -56.91 19.15 -25.80
CA GLN C 27 -56.05 19.05 -26.99
C GLN C 27 -54.67 18.49 -26.69
N TYR C 28 -54.15 18.75 -25.48
CA TYR C 28 -52.72 18.59 -25.22
C TYR C 28 -52.24 17.19 -25.53
N ARG C 29 -52.88 16.17 -24.96
CA ARG C 29 -52.37 14.81 -25.15
C ARG C 29 -52.43 14.37 -26.61
N HIS C 30 -53.33 14.95 -27.41
CA HIS C 30 -53.42 14.61 -28.82
C HIS C 30 -52.33 15.30 -29.63
N LEU C 31 -52.14 16.61 -29.43
CA LEU C 31 -51.06 17.30 -30.11
C LEU C 31 -49.70 16.75 -29.70
N LEU C 32 -49.57 16.35 -28.43
CA LEU C 32 -48.31 15.80 -27.96
C LEU C 32 -48.08 14.40 -28.53
N LEU C 33 -49.12 13.56 -28.54
CA LEU C 33 -49.04 12.28 -29.22
C LEU C 33 -48.56 12.47 -30.66
N GLU C 34 -49.22 13.38 -31.38
CA GLU C 34 -48.82 13.69 -32.75
C GLU C 34 -47.34 14.06 -32.82
N ASP C 35 -46.89 14.96 -31.94
CA ASP C 35 -45.47 15.29 -31.87
C ASP C 35 -44.60 14.05 -31.76
N GLN C 36 -45.02 13.10 -30.91
CA GLN C 36 -44.21 11.92 -30.68
C GLN C 36 -44.14 11.04 -31.92
N ARG C 37 -45.26 10.88 -32.63
CA ARG C 37 -45.22 10.09 -33.86
C ARG C 37 -44.37 10.78 -34.92
N ILE C 38 -44.43 12.11 -34.97
CA ILE C 38 -43.60 12.89 -35.89
C ILE C 38 -42.12 12.60 -35.65
N ARG C 39 -41.67 12.83 -34.41
CA ARG C 39 -40.26 12.59 -34.10
C ARG C 39 -39.89 11.13 -34.30
N GLY C 40 -40.83 10.22 -34.10
CA GLY C 40 -40.58 8.82 -34.37
C GLY C 40 -40.20 8.59 -35.82
N LEU C 41 -41.13 8.85 -36.72
CA LEU C 41 -40.85 8.62 -38.14
C LEU C 41 -39.63 9.41 -38.61
N LEU C 42 -39.44 10.61 -38.06
CA LEU C 42 -38.30 11.44 -38.45
C LEU C 42 -36.97 10.80 -38.04
N GLU C 43 -36.86 10.39 -36.77
CA GLU C 43 -35.64 9.77 -36.29
C GLU C 43 -35.35 8.47 -37.04
N LYS C 44 -36.41 7.72 -37.39
CA LYS C 44 -36.20 6.47 -38.10
C LYS C 44 -35.70 6.72 -39.52
N GLU C 45 -36.35 7.64 -40.24
CA GLU C 45 -36.01 7.83 -41.66
C GLU C 45 -34.71 8.59 -41.83
N LEU C 46 -34.56 9.71 -41.12
CA LEU C 46 -33.48 10.66 -41.36
C LEU C 46 -32.19 10.33 -40.62
N TYR C 47 -32.08 9.14 -40.03
CA TYR C 47 -30.94 8.86 -39.16
C TYR C 47 -29.62 8.94 -39.91
N SER C 48 -29.61 8.53 -41.18
CA SER C 48 -28.38 8.62 -41.98
C SER C 48 -27.98 10.07 -42.19
N ALA C 49 -28.93 11.00 -42.19
CA ALA C 49 -28.59 12.40 -42.28
C ALA C 49 -27.96 12.91 -40.99
N GLY C 50 -28.26 12.25 -39.86
CA GLY C 50 -27.73 12.64 -38.57
C GLY C 50 -28.45 13.83 -37.96
N LEU C 51 -29.73 13.65 -37.63
CA LEU C 51 -30.52 14.74 -37.06
C LEU C 51 -30.24 14.85 -35.56
N ALA C 52 -29.76 16.02 -35.13
CA ALA C 52 -29.53 16.25 -33.71
C ALA C 52 -30.79 16.67 -32.99
N ARG C 53 -31.77 17.22 -33.70
CA ARG C 53 -32.93 17.81 -33.04
C ARG C 53 -34.07 17.99 -34.03
N VAL C 54 -35.29 17.79 -33.54
CA VAL C 54 -36.52 17.96 -34.31
C VAL C 54 -37.41 18.92 -33.52
N ASP C 55 -37.54 20.15 -34.01
CA ASP C 55 -38.37 21.14 -33.35
C ASP C 55 -39.78 21.11 -33.93
N ILE C 56 -40.76 21.40 -33.07
CA ILE C 56 -42.16 21.38 -33.47
C ILE C 56 -42.86 22.58 -32.84
N GLU C 57 -43.31 23.51 -33.68
CA GLU C 57 -44.19 24.59 -33.27
C GLU C 57 -45.54 24.43 -33.95
N ARG C 58 -46.60 24.87 -33.29
CA ARG C 58 -47.95 24.80 -33.85
C ARG C 58 -48.68 26.11 -33.55
N ALA C 59 -49.46 26.55 -34.53
CA ALA C 59 -50.37 27.68 -34.35
C ALA C 59 -51.82 27.25 -34.47
N ALA C 60 -52.26 26.81 -35.65
CA ALA C 60 -53.56 26.18 -35.85
C ALA C 60 -53.53 25.34 -37.11
N ASP C 61 -53.61 24.02 -36.98
CA ASP C 61 -53.48 23.09 -38.09
C ASP C 61 -52.19 23.28 -38.86
N ASN C 62 -51.24 24.03 -38.31
CA ASN C 62 -49.99 24.33 -38.98
C ASN C 62 -48.88 23.96 -38.01
N VAL C 63 -47.88 23.26 -38.51
CA VAL C 63 -46.80 22.73 -37.69
C VAL C 63 -45.47 23.10 -38.34
N ALA C 64 -44.54 23.58 -37.52
CA ALA C 64 -43.35 24.28 -38.00
C ALA C 64 -42.14 23.39 -38.23
N VAL C 65 -42.32 22.07 -38.27
CA VAL C 65 -41.26 21.11 -37.94
C VAL C 65 -39.94 21.54 -38.54
N THR C 66 -38.95 21.74 -37.68
CA THR C 66 -37.64 22.29 -38.07
C THR C 66 -36.60 21.22 -37.73
N VAL C 67 -36.00 20.65 -38.75
CA VAL C 67 -35.10 19.51 -38.59
C VAL C 67 -33.66 20.01 -38.65
N HIS C 68 -32.93 19.86 -37.54
CA HIS C 68 -31.55 20.33 -37.45
C HIS C 68 -30.62 19.17 -37.81
N VAL C 69 -29.98 19.27 -38.98
CA VAL C 69 -29.21 18.17 -39.54
C VAL C 69 -27.79 18.64 -39.82
N ALA C 70 -26.83 17.75 -39.56
CA ALA C 70 -25.44 18.03 -39.91
C ALA C 70 -25.24 17.99 -41.42
N LYS C 71 -25.86 17.03 -42.10
CA LYS C 71 -25.72 16.85 -43.53
C LYS C 71 -27.01 17.20 -44.27
N PRO C 72 -27.31 18.48 -44.49
CA PRO C 72 -28.59 18.85 -45.12
C PRO C 72 -28.75 18.35 -46.54
N GLY C 73 -27.69 17.84 -47.17
CA GLY C 73 -27.86 17.26 -48.49
C GLY C 73 -28.72 16.02 -48.46
N VAL C 74 -28.62 15.22 -47.40
CA VAL C 74 -29.30 13.93 -47.37
C VAL C 74 -30.81 14.11 -47.32
N VAL C 75 -31.28 15.10 -46.55
CA VAL C 75 -32.72 15.26 -46.35
C VAL C 75 -33.40 15.80 -47.60
N ILE C 76 -32.66 16.39 -48.52
CA ILE C 76 -33.27 16.97 -49.71
C ILE C 76 -33.39 15.95 -50.83
N GLY C 77 -32.35 15.14 -51.03
CA GLY C 77 -32.31 14.21 -52.15
C GLY C 77 -31.70 14.82 -53.38
N ARG C 78 -32.10 14.35 -54.55
CA ARG C 78 -31.63 14.90 -55.82
C ARG C 78 -32.62 15.97 -56.28
N GLY C 79 -32.23 17.23 -56.13
CA GLY C 79 -33.07 18.34 -56.54
C GLY C 79 -34.27 18.61 -55.66
N GLY C 80 -34.63 17.71 -54.76
CA GLY C 80 -35.71 17.99 -53.83
C GLY C 80 -36.86 17.00 -53.85
N GLU C 81 -36.63 15.82 -54.43
CA GLU C 81 -37.66 14.79 -54.49
C GLU C 81 -37.80 14.01 -53.19
N ARG C 82 -36.85 14.13 -52.27
CA ARG C 82 -36.93 13.40 -51.01
C ARG C 82 -37.83 14.11 -50.00
N ILE C 83 -37.57 15.40 -49.76
CA ILE C 83 -38.38 16.19 -48.84
C ILE C 83 -39.85 16.17 -49.26
N ARG C 84 -40.13 15.98 -50.55
CA ARG C 84 -41.50 15.81 -51.01
C ARG C 84 -42.13 14.55 -50.41
N VAL C 85 -41.40 13.43 -50.45
CA VAL C 85 -41.90 12.18 -49.89
C VAL C 85 -42.05 12.30 -48.37
N LEU C 86 -41.16 13.06 -47.72
CA LEU C 86 -41.30 13.26 -46.29
C LEU C 86 -42.56 14.06 -45.96
N ARG C 87 -42.77 15.18 -46.67
CA ARG C 87 -44.00 15.95 -46.48
C ARG C 87 -45.23 15.11 -46.78
N GLU C 88 -45.12 14.14 -47.68
CA GLU C 88 -46.26 13.32 -48.05
C GLU C 88 -46.59 12.30 -46.95
N GLU C 89 -45.57 11.59 -46.45
CA GLU C 89 -45.81 10.72 -45.29
C GLU C 89 -46.33 11.51 -44.10
N LEU C 90 -45.83 12.74 -43.94
CA LEU C 90 -46.31 13.64 -42.90
C LEU C 90 -47.81 13.89 -43.03
N ALA C 91 -48.24 14.38 -44.19
CA ALA C 91 -49.66 14.70 -44.35
C ALA C 91 -50.53 13.46 -44.32
N LYS C 92 -49.99 12.29 -44.70
CA LYS C 92 -50.76 11.06 -44.57
C LYS C 92 -50.95 10.69 -43.11
N LEU C 93 -49.94 10.89 -42.27
CA LEU C 93 -50.10 10.63 -40.85
C LEU C 93 -50.98 11.69 -40.19
N THR C 94 -50.51 12.93 -40.19
CA THR C 94 -51.23 14.04 -39.59
C THR C 94 -51.98 14.78 -40.67
N GLY C 95 -53.31 14.84 -40.56
CA GLY C 95 -54.11 15.53 -41.54
C GLY C 95 -53.92 17.03 -41.50
N LYS C 96 -52.90 17.50 -40.78
CA LYS C 96 -52.73 18.92 -40.53
C LYS C 96 -52.21 19.69 -41.75
N ASN C 97 -51.59 19.01 -42.72
CA ASN C 97 -51.12 19.64 -43.96
C ASN C 97 -50.12 20.75 -43.64
N VAL C 98 -48.98 20.34 -43.09
CA VAL C 98 -48.05 21.27 -42.45
C VAL C 98 -46.69 21.22 -43.11
N ALA C 99 -45.92 22.28 -42.87
CA ALA C 99 -44.69 22.56 -43.60
C ALA C 99 -43.48 21.92 -42.94
N LEU C 100 -42.31 22.14 -43.53
CA LEU C 100 -41.07 21.49 -43.14
C LEU C 100 -39.91 22.41 -43.52
N ASN C 101 -38.94 22.53 -42.61
CA ASN C 101 -37.77 23.36 -42.85
C ASN C 101 -36.53 22.64 -42.34
N VAL C 102 -35.42 22.79 -43.06
CA VAL C 102 -34.16 22.16 -42.72
C VAL C 102 -33.20 23.24 -42.23
N GLN C 103 -32.56 23.00 -41.10
CA GLN C 103 -31.53 23.87 -40.56
C GLN C 103 -30.22 23.10 -40.45
N GLU C 104 -29.23 23.52 -41.22
CA GLU C 104 -27.91 22.89 -41.15
C GLU C 104 -27.30 23.14 -39.78
N VAL C 105 -26.53 22.16 -39.33
CA VAL C 105 -25.77 22.27 -38.09
C VAL C 105 -24.31 22.56 -38.47
N GLN C 106 -23.78 23.67 -37.98
CA GLN C 106 -22.36 23.96 -38.16
C GLN C 106 -21.56 23.20 -37.12
N ASN C 107 -20.50 22.53 -37.57
CA ASN C 107 -19.66 21.70 -36.72
C ASN C 107 -20.47 20.64 -35.97
N PRO C 108 -20.89 19.56 -36.66
CA PRO C 108 -21.58 18.46 -35.96
C PRO C 108 -20.77 17.85 -34.83
N ASN C 109 -19.49 18.18 -34.69
CA ASN C 109 -18.75 17.75 -33.52
C ASN C 109 -19.22 18.44 -32.25
N LEU C 110 -20.05 19.48 -32.34
CA LEU C 110 -20.43 20.28 -31.18
C LEU C 110 -21.88 20.08 -30.74
N SER C 111 -22.66 19.22 -31.38
CA SER C 111 -23.98 18.84 -30.90
C SER C 111 -23.89 17.45 -30.30
N ALA C 112 -24.15 17.36 -29.00
CA ALA C 112 -23.95 16.12 -28.26
C ALA C 112 -24.72 14.93 -28.83
N PRO C 113 -26.00 15.03 -29.20
CA PRO C 113 -26.67 13.85 -29.77
C PRO C 113 -25.92 13.25 -30.95
N LEU C 114 -25.30 14.10 -31.77
CA LEU C 114 -24.54 13.61 -32.90
C LEU C 114 -23.26 12.91 -32.44
N VAL C 115 -22.51 13.54 -31.53
CA VAL C 115 -21.28 12.91 -31.04
C VAL C 115 -21.58 11.53 -30.46
N ALA C 116 -22.62 11.45 -29.63
CA ALA C 116 -23.07 10.16 -29.11
C ALA C 116 -23.42 9.20 -30.23
N GLN C 117 -24.07 9.69 -31.29
CA GLN C 117 -24.38 8.83 -32.43
C GLN C 117 -23.11 8.28 -33.07
N ARG C 118 -22.06 9.09 -33.14
CA ARG C 118 -20.83 8.68 -33.82
C ARG C 118 -20.08 7.64 -33.01
N VAL C 119 -19.91 7.88 -31.71
CA VAL C 119 -19.27 6.89 -30.85
C VAL C 119 -20.09 5.60 -30.83
N ALA C 120 -21.42 5.72 -30.82
CA ALA C 120 -22.29 4.55 -30.89
C ALA C 120 -22.02 3.74 -32.14
N GLU C 121 -22.02 4.40 -33.31
CA GLU C 121 -21.69 3.72 -34.56
C GLU C 121 -20.36 3.01 -34.46
N GLN C 122 -19.34 3.72 -34.00
CA GLN C 122 -18.01 3.13 -33.90
C GLN C 122 -18.03 1.86 -33.05
N ILE C 123 -18.69 1.93 -31.89
CA ILE C 123 -18.73 0.75 -31.02
C ILE C 123 -19.49 -0.38 -31.70
N GLU C 124 -20.60 -0.05 -32.35
CA GLU C 124 -21.32 -1.03 -33.16
C GLU C 124 -20.42 -1.58 -34.27
N ARG C 125 -19.49 -0.77 -34.77
CA ARG C 125 -18.48 -1.20 -35.73
C ARG C 125 -17.28 -1.86 -35.06
N ARG C 126 -17.42 -2.32 -33.82
CA ARG C 126 -16.37 -3.06 -33.11
C ARG C 126 -15.12 -2.21 -32.90
N PHE C 127 -15.30 -0.97 -32.47
CA PHE C 127 -14.17 -0.08 -32.27
C PHE C 127 -13.59 -0.25 -30.87
N ALA C 128 -12.36 0.25 -30.70
CA ALA C 128 -11.73 0.31 -29.38
C ALA C 128 -12.40 1.42 -28.59
N VAL C 129 -13.27 1.04 -27.66
CA VAL C 129 -14.13 2.00 -26.99
C VAL C 129 -13.31 3.04 -26.24
N ARG C 130 -12.22 2.60 -25.59
CA ARG C 130 -11.34 3.57 -24.95
C ARG C 130 -10.82 4.58 -25.97
N ARG C 131 -10.37 4.09 -27.13
CA ARG C 131 -9.89 4.99 -28.17
C ARG C 131 -11.02 5.74 -28.84
N ALA C 132 -12.21 5.13 -28.96
CA ALA C 132 -13.33 5.85 -29.55
C ALA C 132 -13.72 7.05 -28.68
N ILE C 133 -13.71 6.87 -27.36
CA ILE C 133 -14.07 7.95 -26.44
C ILE C 133 -12.98 9.00 -26.38
N LYS C 134 -11.73 8.56 -26.26
CA LYS C 134 -10.62 9.51 -26.25
C LYS C 134 -10.61 10.35 -27.53
N GLN C 135 -10.75 9.69 -28.69
CA GLN C 135 -10.74 10.39 -29.97
C GLN C 135 -11.95 11.28 -30.14
N ALA C 136 -13.11 10.86 -29.64
CA ALA C 136 -14.30 11.69 -29.74
C ALA C 136 -14.16 12.96 -28.91
N VAL C 137 -13.76 12.83 -27.65
CA VAL C 137 -13.56 14.03 -26.83
C VAL C 137 -12.51 14.92 -27.43
N GLN C 138 -11.47 14.33 -28.03
CA GLN C 138 -10.46 15.15 -28.69
C GLN C 138 -11.05 15.92 -29.87
N ARG C 139 -11.87 15.25 -30.69
CA ARG C 139 -12.47 15.92 -31.85
C ARG C 139 -13.44 17.00 -31.43
N VAL C 140 -14.09 16.84 -30.27
CA VAL C 140 -14.99 17.88 -29.76
C VAL C 140 -14.17 19.07 -29.25
N MET C 141 -13.36 18.83 -28.21
CA MET C 141 -12.56 19.90 -27.61
C MET C 141 -11.69 20.62 -28.62
N GLU C 142 -11.35 19.95 -29.74
CA GLU C 142 -10.48 20.58 -30.73
C GLU C 142 -11.14 21.78 -31.38
N SER C 143 -12.47 21.75 -31.52
CA SER C 143 -13.21 22.82 -32.21
C SER C 143 -14.15 23.48 -31.22
N GLY C 144 -13.68 24.56 -30.58
CA GLY C 144 -14.49 25.26 -29.59
C GLY C 144 -14.51 24.47 -28.29
N ALA C 145 -15.73 24.23 -27.79
CA ALA C 145 -15.97 23.20 -26.78
C ALA C 145 -15.13 23.44 -25.52
N LYS C 146 -15.49 24.48 -24.78
CA LYS C 146 -14.79 24.79 -23.53
C LYS C 146 -14.93 23.67 -22.49
N GLY C 147 -15.68 22.61 -22.82
CA GLY C 147 -15.66 21.38 -22.03
C GLY C 147 -16.31 20.24 -22.77
N ALA C 148 -16.01 19.01 -22.32
CA ALA C 148 -16.52 17.83 -23.01
C ALA C 148 -16.37 16.59 -22.15
N LYS C 149 -17.33 15.67 -22.25
CA LYS C 149 -17.27 14.40 -21.55
C LYS C 149 -18.05 13.37 -22.34
N VAL C 150 -17.59 12.11 -22.31
CA VAL C 150 -18.28 11.03 -23.01
C VAL C 150 -18.22 9.77 -22.15
N ILE C 151 -19.37 9.15 -21.91
CA ILE C 151 -19.49 8.06 -20.95
C ILE C 151 -20.14 6.87 -21.62
N VAL C 152 -19.43 5.75 -21.65
CA VAL C 152 -19.92 4.52 -22.25
C VAL C 152 -20.23 3.51 -21.15
N SER C 153 -21.33 2.79 -21.32
CA SER C 153 -21.91 1.94 -20.30
C SER C 153 -21.35 0.52 -20.41
N GLY C 154 -22.01 -0.45 -19.80
CA GLY C 154 -21.44 -1.77 -19.56
C GLY C 154 -21.24 -2.64 -20.78
N ARG C 155 -20.44 -3.69 -20.56
CA ARG C 155 -20.01 -4.67 -21.57
C ARG C 155 -18.99 -4.09 -22.55
N ILE C 156 -18.10 -3.23 -22.05
CA ILE C 156 -17.16 -2.55 -22.93
C ILE C 156 -16.25 -3.59 -23.58
N GLY C 157 -16.17 -3.54 -24.91
CA GLY C 157 -15.42 -4.54 -25.64
C GLY C 157 -16.03 -5.92 -25.60
N GLY C 158 -17.31 -6.04 -25.28
CA GLY C 158 -17.95 -7.34 -25.20
C GLY C 158 -17.53 -8.18 -24.02
N ALA C 159 -16.91 -7.59 -23.00
CA ALA C 159 -16.46 -8.37 -21.86
C ALA C 159 -17.65 -8.95 -21.10
N GLU C 160 -17.42 -10.09 -20.43
CA GLU C 160 -18.47 -10.70 -19.64
C GLU C 160 -18.90 -9.78 -18.50
N GLN C 161 -17.97 -8.98 -17.96
CA GLN C 161 -18.23 -8.11 -16.82
C GLN C 161 -18.43 -6.68 -17.34
N ALA C 162 -19.65 -6.17 -17.19
CA ALA C 162 -19.96 -4.83 -17.64
C ALA C 162 -19.14 -3.79 -16.87
N ARG C 163 -18.80 -2.69 -17.56
CA ARG C 163 -17.93 -1.67 -16.99
C ARG C 163 -18.41 -0.29 -17.44
N THR C 164 -17.65 0.74 -17.09
CA THR C 164 -17.90 2.08 -17.59
C THR C 164 -16.56 2.77 -17.84
N GLU C 165 -16.46 3.45 -18.99
CA GLU C 165 -15.25 4.17 -19.37
C GLU C 165 -15.54 5.66 -19.45
N TRP C 166 -14.64 6.44 -18.86
CA TRP C 166 -14.96 7.80 -18.39
C TRP C 166 -14.46 8.89 -19.33
N ALA C 167 -13.15 9.05 -19.47
CA ALA C 167 -12.51 9.78 -20.58
C ALA C 167 -13.17 11.12 -20.88
N ALA C 168 -12.91 12.10 -20.01
CA ALA C 168 -13.34 13.47 -20.23
C ALA C 168 -12.17 14.43 -20.06
N GLN C 169 -12.33 15.65 -20.61
CA GLN C 169 -11.37 16.74 -20.42
C GLN C 169 -12.11 18.06 -20.58
N GLY C 170 -11.44 19.17 -20.27
CA GLY C 170 -12.09 20.47 -20.31
C GLY C 170 -12.83 20.77 -19.01
N ARG C 171 -14.05 21.31 -19.11
CA ARG C 171 -14.88 21.58 -17.96
C ARG C 171 -16.30 21.11 -18.21
N VAL C 172 -16.87 20.38 -17.26
CA VAL C 172 -18.27 19.98 -17.37
C VAL C 172 -18.97 20.28 -16.04
N PRO C 173 -19.18 21.57 -15.68
CA PRO C 173 -19.80 21.91 -14.37
C PRO C 173 -21.31 21.74 -14.35
N LEU C 174 -21.74 20.50 -14.11
CA LEU C 174 -23.17 20.18 -14.21
C LEU C 174 -24.00 20.98 -13.22
N HIS C 175 -23.50 21.17 -12.01
CA HIS C 175 -24.30 21.82 -10.97
C HIS C 175 -24.50 23.31 -11.21
N THR C 176 -23.87 23.88 -12.23
CA THR C 176 -24.03 25.29 -12.57
C THR C 176 -25.23 25.44 -13.49
N LEU C 177 -26.19 26.29 -13.09
CA LEU C 177 -27.43 26.40 -13.84
C LEU C 177 -27.20 27.02 -15.21
N ARG C 178 -26.34 28.02 -15.29
CA ARG C 178 -26.01 28.69 -16.54
C ARG C 178 -25.03 27.90 -17.39
N ALA C 179 -24.82 26.62 -17.10
CA ALA C 179 -23.77 25.87 -17.78
C ALA C 179 -23.96 25.84 -19.29
N ASN C 180 -25.21 25.72 -19.75
CA ASN C 180 -25.50 25.58 -21.18
C ASN C 180 -24.71 24.41 -21.75
N ILE C 181 -25.05 23.22 -21.28
CA ILE C 181 -24.37 21.99 -21.66
C ILE C 181 -25.30 21.21 -22.59
N ASP C 182 -24.83 20.94 -23.81
CA ASP C 182 -25.53 20.03 -24.69
C ASP C 182 -25.33 18.61 -24.20
N TYR C 183 -26.44 17.89 -24.02
CA TYR C 183 -26.44 16.50 -23.61
C TYR C 183 -27.05 15.67 -24.73
N GLY C 184 -26.47 14.51 -24.97
CA GLY C 184 -26.98 13.61 -26.00
C GLY C 184 -26.74 12.18 -25.60
N PHE C 185 -27.60 11.29 -26.07
CA PHE C 185 -27.50 9.90 -25.70
C PHE C 185 -27.78 9.04 -26.91
N ALA C 186 -26.99 7.98 -27.07
CA ALA C 186 -27.14 7.05 -28.17
C ALA C 186 -26.90 5.63 -27.67
N LEU C 187 -27.50 4.67 -28.37
CA LEU C 187 -27.34 3.27 -28.08
C LEU C 187 -26.39 2.62 -29.07
N ALA C 188 -25.81 1.51 -28.65
CA ALA C 188 -25.11 0.60 -29.54
C ALA C 188 -25.77 -0.76 -29.38
N ARG C 189 -26.47 -1.20 -30.41
CA ARG C 189 -27.05 -2.54 -30.46
C ARG C 189 -25.97 -3.47 -31.03
N THR C 190 -25.48 -4.40 -30.21
CA THR C 190 -24.46 -5.34 -30.63
C THR C 190 -24.85 -6.74 -30.22
N THR C 191 -24.14 -7.72 -30.79
CA THR C 191 -24.46 -9.13 -30.56
C THR C 191 -24.41 -9.51 -29.09
N TYR C 192 -23.73 -8.73 -28.27
CA TYR C 192 -23.59 -9.01 -26.84
C TYR C 192 -24.55 -8.20 -25.99
N GLY C 193 -25.24 -7.24 -26.55
CA GLY C 193 -26.23 -6.51 -25.78
C GLY C 193 -26.27 -5.04 -26.20
N VAL C 194 -26.61 -4.19 -25.23
CA VAL C 194 -26.88 -2.78 -25.46
C VAL C 194 -25.85 -1.93 -24.73
N LEU C 195 -25.35 -0.91 -25.43
CA LEU C 195 -24.34 0.00 -24.89
C LEU C 195 -24.92 1.40 -24.79
N GLY C 196 -24.78 2.01 -23.62
CA GLY C 196 -25.22 3.39 -23.43
C GLY C 196 -24.07 4.36 -23.66
N VAL C 197 -24.34 5.39 -24.46
CA VAL C 197 -23.33 6.36 -24.86
C VAL C 197 -23.86 7.75 -24.54
N LYS C 198 -23.31 8.39 -23.52
CA LYS C 198 -23.70 9.74 -23.13
C LYS C 198 -22.64 10.73 -23.57
N ALA C 199 -23.08 11.92 -23.98
CA ALA C 199 -22.23 12.94 -24.56
C ALA C 199 -22.56 14.30 -23.96
N TYR C 200 -21.56 14.92 -23.33
CA TYR C 200 -21.67 16.22 -22.68
C TYR C 200 -20.77 17.20 -23.42
N ILE C 201 -21.31 18.38 -23.75
CA ILE C 201 -20.53 19.43 -24.40
C ILE C 201 -20.81 20.74 -23.69
N PHE C 202 -19.76 21.39 -23.19
CA PHE C 202 -19.87 22.66 -22.47
C PHE C 202 -19.37 23.78 -23.35
N LEU C 203 -20.22 24.80 -23.53
CA LEU C 203 -19.93 25.95 -24.37
C LEU C 203 -20.60 27.17 -23.76
N GLY C 204 -19.81 28.15 -23.37
CA GLY C 204 -20.33 29.40 -22.85
C GLY C 204 -20.96 29.31 -21.48
N GLU C 205 -21.02 30.43 -20.75
CA GLU C 205 -21.62 30.44 -19.42
C GLU C 205 -22.86 31.33 -19.34
N VAL C 206 -22.75 32.64 -19.57
CA VAL C 206 -23.94 33.47 -19.41
C VAL C 206 -24.73 33.42 -20.70
N ILE C 207 -25.45 32.31 -20.90
N GLY D 1 11.21 -35.53 -45.82
CA GLY D 1 10.01 -34.74 -45.62
C GLY D 1 9.83 -33.66 -46.67
N ARG D 2 10.71 -32.66 -46.65
CA ARG D 2 10.74 -31.50 -47.53
C ARG D 2 9.35 -30.91 -47.78
N TYR D 3 8.51 -30.91 -46.75
CA TYR D 3 7.33 -30.09 -46.52
C TYR D 3 6.09 -30.46 -47.36
N ILE D 4 6.19 -31.33 -48.37
CA ILE D 4 5.34 -31.28 -49.57
C ILE D 4 3.91 -30.88 -49.26
N GLY D 5 3.44 -29.81 -49.90
CA GLY D 5 2.17 -29.17 -49.60
C GLY D 5 2.04 -27.80 -50.24
N PRO D 6 1.13 -26.97 -49.72
CA PRO D 6 0.89 -25.66 -50.35
C PRO D 6 2.01 -24.67 -50.05
N VAL D 7 2.56 -24.07 -51.10
CA VAL D 7 3.67 -23.14 -50.95
C VAL D 7 3.20 -21.69 -50.86
N CYS D 8 2.26 -21.28 -51.73
CA CYS D 8 1.78 -19.90 -51.69
C CYS D 8 0.87 -19.62 -50.50
N ARG D 9 0.80 -20.55 -49.53
CA ARG D 9 0.32 -20.23 -48.19
C ARG D 9 1.42 -19.67 -47.30
N LEU D 10 2.68 -19.92 -47.65
CA LEU D 10 3.82 -19.41 -46.90
C LEU D 10 4.36 -18.09 -47.47
N CYS D 11 4.15 -17.82 -48.76
CA CYS D 11 4.19 -16.44 -49.22
C CYS D 11 3.35 -15.55 -48.31
N ARG D 12 2.21 -16.08 -47.84
CA ARG D 12 1.23 -15.33 -47.06
C ARG D 12 1.61 -15.26 -45.58
N ARG D 13 1.97 -16.41 -44.98
CA ARG D 13 2.22 -16.44 -43.54
C ARG D 13 3.42 -15.58 -43.16
N GLU D 14 4.49 -15.63 -43.94
CA GLU D 14 5.67 -14.85 -43.60
C GLU D 14 5.49 -13.37 -43.89
N GLY D 15 4.42 -12.97 -44.59
CA GLY D 15 4.17 -11.58 -44.90
C GLY D 15 5.06 -11.00 -45.97
N VAL D 16 5.97 -11.78 -46.54
CA VAL D 16 6.84 -11.35 -47.62
C VAL D 16 6.63 -12.30 -48.79
N LYS D 17 6.42 -11.73 -49.97
CA LYS D 17 6.26 -12.53 -51.18
C LYS D 17 7.49 -13.41 -51.38
N LEU D 18 7.29 -14.71 -51.31
CA LEU D 18 8.35 -15.66 -51.59
C LEU D 18 8.20 -16.19 -53.00
N TYR D 19 9.30 -16.75 -53.51
CA TYR D 19 9.29 -17.41 -54.82
C TYR D 19 9.62 -18.87 -54.57
N LEU D 20 8.59 -19.64 -54.24
CA LEU D 20 8.70 -21.08 -54.13
C LEU D 20 8.06 -21.79 -55.31
N LYS D 21 7.23 -21.07 -56.08
CA LYS D 21 6.55 -21.63 -57.24
C LYS D 21 7.27 -21.32 -58.56
N GLY D 22 8.29 -20.47 -58.54
CA GLY D 22 8.92 -20.05 -59.77
C GLY D 22 8.13 -18.98 -60.47
N GLU D 23 7.59 -19.29 -61.66
CA GLU D 23 6.62 -18.39 -62.27
C GLU D 23 5.33 -18.38 -61.42
N ARG D 24 4.42 -17.48 -61.78
CA ARG D 24 3.11 -17.38 -61.14
C ARG D 24 3.23 -16.88 -59.70
N CYS D 25 4.46 -16.86 -59.17
CA CYS D 25 4.80 -15.93 -58.10
C CYS D 25 5.19 -14.58 -58.70
N TYR D 26 5.50 -14.55 -59.99
CA TYR D 26 5.65 -13.33 -60.76
C TYR D 26 4.37 -12.94 -61.49
N SER D 27 3.44 -13.87 -61.68
CA SER D 27 2.15 -13.55 -62.27
C SER D 27 1.21 -13.05 -61.17
N PRO D 28 0.23 -12.21 -61.52
CA PRO D 28 -0.73 -11.78 -60.49
C PRO D 28 -1.72 -12.88 -60.14
N LYS D 29 -1.21 -14.08 -59.89
CA LYS D 29 -1.98 -15.19 -59.35
C LYS D 29 -1.35 -15.77 -58.10
N CYS D 30 -0.26 -15.17 -57.61
CA CYS D 30 0.53 -15.74 -56.53
C CYS D 30 -0.28 -15.94 -55.25
N ALA D 31 -1.42 -15.26 -55.13
CA ALA D 31 -2.29 -15.27 -53.96
C ALA D 31 -1.62 -14.53 -52.82
N MET D 32 -0.35 -14.17 -53.00
CA MET D 32 0.31 -13.18 -52.15
C MET D 32 0.18 -11.79 -52.74
N GLU D 33 -0.12 -11.69 -54.03
CA GLU D 33 -0.44 -10.40 -54.65
C GLU D 33 -1.89 -10.01 -54.40
N ARG D 34 -2.79 -10.99 -54.35
CA ARG D 34 -4.21 -10.72 -54.20
C ARG D 34 -4.76 -11.02 -52.81
N ARG D 35 -3.95 -11.58 -51.91
CA ARG D 35 -4.38 -11.87 -50.53
C ARG D 35 -3.16 -11.82 -49.62
N PRO D 36 -2.76 -10.62 -49.18
CA PRO D 36 -1.49 -10.50 -48.45
C PRO D 36 -1.53 -11.00 -47.01
N TYR D 37 -2.67 -11.49 -46.52
CA TYR D 37 -2.82 -11.82 -45.11
C TYR D 37 -2.54 -13.29 -44.87
N PRO D 38 -2.22 -13.66 -43.62
CA PRO D 38 -1.94 -15.07 -43.30
C PRO D 38 -3.13 -15.97 -43.59
N PRO D 39 -2.92 -17.29 -43.58
CA PRO D 39 -4.03 -18.22 -43.85
C PRO D 39 -4.87 -18.49 -42.61
N GLY D 40 -5.99 -19.17 -42.83
CA GLY D 40 -6.84 -19.63 -41.75
C GLY D 40 -8.07 -18.77 -41.57
N GLN D 41 -8.87 -19.15 -40.56
CA GLN D 41 -10.08 -18.40 -40.24
C GLN D 41 -9.74 -17.00 -39.76
N HIS D 42 -8.72 -16.86 -38.91
CA HIS D 42 -8.30 -15.57 -38.36
C HIS D 42 -7.25 -14.89 -39.24
N GLY D 43 -7.24 -15.19 -40.53
CA GLY D 43 -6.23 -14.61 -41.41
C GLY D 43 -6.34 -13.11 -41.54
N GLN D 44 -7.54 -12.57 -41.40
CA GLN D 44 -7.77 -11.14 -41.57
C GLN D 44 -7.88 -10.38 -40.26
N LYS D 45 -7.94 -11.07 -39.12
CA LYS D 45 -8.08 -10.37 -37.85
C LYS D 45 -6.80 -9.62 -37.51
N ARG D 46 -6.93 -8.61 -36.66
CA ARG D 46 -5.81 -7.76 -36.30
C ARG D 46 -4.75 -8.57 -35.55
N ALA D 47 -3.57 -8.68 -36.16
CA ALA D 47 -2.48 -9.41 -35.53
C ALA D 47 -1.94 -8.62 -34.34
N ARG D 48 -1.69 -9.32 -33.24
CA ARG D 48 -1.21 -8.68 -32.01
C ARG D 48 0.30 -8.50 -32.06
N ARG D 49 0.79 -7.57 -31.24
CA ARG D 49 2.20 -7.24 -31.19
C ARG D 49 3.01 -8.49 -30.91
N PRO D 50 3.82 -8.95 -31.86
CA PRO D 50 4.50 -10.24 -31.68
C PRO D 50 5.65 -10.15 -30.69
N SER D 51 5.77 -11.18 -29.86
CA SER D 51 6.88 -11.29 -28.93
C SER D 51 8.20 -11.27 -29.68
N ASP D 52 9.28 -10.97 -28.94
CA ASP D 52 10.60 -11.05 -29.54
C ASP D 52 10.85 -12.44 -30.13
N TYR D 53 10.53 -13.48 -29.34
CA TYR D 53 10.66 -14.85 -29.82
C TYR D 53 9.86 -15.05 -31.10
N ALA D 54 8.66 -14.47 -31.17
CA ALA D 54 7.89 -14.59 -32.40
C ALA D 54 8.66 -14.08 -33.60
N VAL D 55 9.31 -12.92 -33.45
CA VAL D 55 9.96 -12.31 -34.61
C VAL D 55 11.21 -13.09 -35.01
N ARG D 56 11.97 -13.55 -34.01
CA ARG D 56 13.16 -14.33 -34.37
C ARG D 56 12.79 -15.68 -34.96
N LEU D 57 11.77 -16.33 -34.39
CA LEU D 57 11.24 -17.56 -34.95
C LEU D 57 10.82 -17.36 -36.40
N ARG D 58 9.94 -16.39 -36.65
CA ARG D 58 9.40 -16.21 -37.99
C ARG D 58 10.47 -15.76 -38.98
N GLU D 59 11.50 -15.05 -38.51
CA GLU D 59 12.60 -14.72 -39.41
C GLU D 59 13.36 -15.98 -39.81
N LYS D 60 13.59 -16.86 -38.85
CA LYS D 60 14.26 -18.12 -39.18
C LYS D 60 13.40 -18.97 -40.11
N GLN D 61 12.09 -18.99 -39.87
CA GLN D 61 11.19 -19.76 -40.73
C GLN D 61 11.18 -19.19 -42.14
N LYS D 62 11.23 -17.87 -42.27
CA LYS D 62 11.39 -17.22 -43.56
C LYS D 62 12.63 -17.73 -44.29
N LEU D 63 13.78 -17.64 -43.62
CA LEU D 63 15.04 -18.06 -44.25
C LEU D 63 14.99 -19.53 -44.63
N ARG D 64 14.60 -20.38 -43.69
CA ARG D 64 14.59 -21.82 -43.92
C ARG D 64 13.63 -22.19 -45.04
N ARG D 65 12.42 -21.64 -45.00
CA ARG D 65 11.44 -21.95 -46.03
C ARG D 65 11.83 -21.42 -47.39
N ILE D 66 12.71 -20.42 -47.45
CA ILE D 66 13.16 -19.91 -48.75
C ILE D 66 13.91 -20.99 -49.53
N TYR D 67 14.77 -21.74 -48.85
CA TYR D 67 15.57 -22.76 -49.51
C TYR D 67 14.91 -24.13 -49.52
N GLY D 68 13.77 -24.28 -48.84
CA GLY D 68 13.02 -25.52 -48.87
C GLY D 68 13.61 -26.67 -48.08
N ILE D 69 14.50 -26.38 -47.15
CA ILE D 69 15.25 -27.41 -46.44
C ILE D 69 14.58 -27.72 -45.10
N SER D 70 14.64 -28.98 -44.70
CA SER D 70 14.07 -29.38 -43.43
C SER D 70 14.91 -28.82 -42.28
N GLU D 71 14.26 -28.67 -41.13
CA GLU D 71 14.92 -28.07 -39.97
C GLU D 71 16.16 -28.85 -39.56
N ARG D 72 16.11 -30.17 -39.68
CA ARG D 72 17.26 -30.99 -39.32
C ARG D 72 18.49 -30.59 -40.16
N GLN D 73 18.32 -30.52 -41.48
CA GLN D 73 19.44 -30.13 -42.34
C GLN D 73 19.82 -28.67 -42.15
N PHE D 74 18.87 -27.83 -41.76
CA PHE D 74 19.14 -26.41 -41.55
C PHE D 74 20.04 -26.20 -40.34
N ARG D 75 19.66 -26.76 -39.19
CA ARG D 75 20.38 -26.52 -37.95
C ARG D 75 21.83 -26.96 -38.05
N ASN D 76 22.08 -28.06 -38.77
CA ASN D 76 23.46 -28.55 -38.88
C ASN D 76 24.32 -27.60 -39.70
N LEU D 77 23.78 -27.06 -40.79
CA LEU D 77 24.51 -26.03 -41.55
C LEU D 77 24.78 -24.81 -40.69
N PHE D 78 23.83 -24.42 -39.84
CA PHE D 78 24.09 -23.31 -38.95
C PHE D 78 25.25 -23.64 -38.01
N GLU D 79 25.06 -24.66 -37.16
CA GLU D 79 26.09 -25.06 -36.21
C GLU D 79 27.46 -25.12 -36.87
N GLU D 80 27.51 -25.73 -38.06
CA GLU D 80 28.76 -25.79 -38.82
C GLU D 80 29.29 -24.41 -39.15
N ALA D 81 28.39 -23.48 -39.50
CA ALA D 81 28.83 -22.12 -39.77
C ALA D 81 29.38 -21.47 -38.50
N SER D 82 28.77 -21.78 -37.35
CA SER D 82 29.21 -21.21 -36.09
C SER D 82 30.60 -21.71 -35.73
N LYS D 83 30.79 -23.03 -35.79
CA LYS D 83 32.10 -23.62 -35.56
C LYS D 83 33.13 -23.13 -36.56
N LYS D 84 32.69 -22.67 -37.73
CA LYS D 84 33.64 -22.17 -38.72
C LYS D 84 34.12 -20.76 -38.34
N LYS D 85 35.37 -20.50 -38.67
CA LYS D 85 35.90 -19.15 -38.51
C LYS D 85 35.22 -18.22 -39.51
N GLY D 86 35.04 -16.97 -39.10
CA GLY D 86 34.35 -15.99 -39.91
C GLY D 86 33.01 -15.63 -39.30
N VAL D 87 32.30 -14.74 -39.99
CA VAL D 87 31.02 -14.25 -39.49
C VAL D 87 29.98 -15.34 -39.67
N THR D 88 29.33 -15.73 -38.56
CA THR D 88 28.35 -16.80 -38.60
C THR D 88 27.27 -16.55 -39.65
N GLY D 89 26.78 -15.31 -39.74
CA GLY D 89 25.69 -15.02 -40.65
C GLY D 89 26.03 -15.25 -42.10
N SER D 90 26.99 -14.49 -42.61
CA SER D 90 27.35 -14.58 -44.02
C SER D 90 27.86 -15.96 -44.39
N VAL D 91 28.53 -16.65 -43.46
CA VAL D 91 28.98 -18.02 -43.71
C VAL D 91 27.78 -18.95 -43.85
N PHE D 92 26.79 -18.81 -42.97
CA PHE D 92 25.55 -19.58 -43.09
C PHE D 92 24.93 -19.38 -44.47
N LEU D 93 24.68 -18.12 -44.83
CA LEU D 93 24.07 -17.83 -46.13
C LEU D 93 24.85 -18.45 -47.27
N GLY D 94 26.17 -18.25 -47.27
CA GLY D 94 26.98 -18.82 -48.34
C GLY D 94 26.89 -20.34 -48.39
N LEU D 95 26.79 -20.97 -47.22
CA LEU D 95 26.68 -22.43 -47.19
C LEU D 95 25.34 -22.89 -47.75
N LEU D 96 24.26 -22.18 -47.43
CA LEU D 96 22.95 -22.52 -47.99
C LEU D 96 22.94 -22.31 -49.50
N GLU D 97 23.63 -21.27 -49.97
CA GLU D 97 23.69 -20.98 -51.40
C GLU D 97 24.56 -21.98 -52.15
N SER D 98 25.45 -22.68 -51.46
CA SER D 98 26.30 -23.69 -52.08
C SER D 98 25.57 -25.00 -52.33
N ARG D 99 24.37 -25.18 -51.78
CA ARG D 99 23.59 -26.39 -52.04
C ARG D 99 23.33 -26.57 -53.53
N LEU D 100 23.45 -27.82 -53.98
CA LEU D 100 23.36 -28.10 -55.41
C LEU D 100 22.00 -27.70 -55.97
N ASP D 101 20.92 -27.98 -55.24
CA ASP D 101 19.59 -27.63 -55.74
C ASP D 101 19.45 -26.12 -55.87
N ASN D 102 19.89 -25.36 -54.85
CA ASN D 102 19.85 -23.91 -54.95
C ASN D 102 20.70 -23.40 -56.10
N VAL D 103 21.78 -24.11 -56.43
CA VAL D 103 22.65 -23.67 -57.51
C VAL D 103 22.00 -23.94 -58.86
N VAL D 104 21.31 -25.08 -58.99
CA VAL D 104 20.56 -25.39 -60.20
C VAL D 104 19.47 -24.35 -60.41
N TYR D 105 18.74 -24.00 -59.35
CA TYR D 105 17.73 -22.94 -59.46
C TYR D 105 18.37 -21.60 -59.78
N ARG D 106 19.53 -21.33 -59.17
CA ARG D 106 20.24 -20.08 -59.44
C ARG D 106 20.60 -19.97 -60.91
N LEU D 107 21.20 -21.02 -61.47
CA LEU D 107 21.65 -21.00 -62.85
C LEU D 107 20.50 -20.98 -63.86
N GLY D 108 19.24 -21.03 -63.41
CA GLY D 108 18.12 -20.99 -64.31
C GLY D 108 17.78 -22.32 -64.97
N PHE D 109 18.30 -23.43 -64.46
CA PHE D 109 17.90 -24.73 -65.00
C PHE D 109 16.48 -25.09 -64.59
N ALA D 110 16.07 -24.69 -63.40
CA ALA D 110 14.70 -24.88 -62.95
C ALA D 110 14.08 -23.53 -62.60
N VAL D 111 12.76 -23.43 -62.81
CA VAL D 111 12.06 -22.19 -62.47
C VAL D 111 11.94 -22.02 -60.97
N SER D 112 11.97 -23.11 -60.20
CA SER D 112 11.84 -23.07 -58.76
C SER D 112 12.91 -23.94 -58.12
N ARG D 113 13.10 -23.75 -56.82
CA ARG D 113 13.98 -24.64 -56.08
C ARG D 113 13.40 -26.03 -55.96
N ARG D 114 12.06 -26.14 -55.95
CA ARG D 114 11.45 -27.46 -55.90
C ARG D 114 11.66 -28.21 -57.21
N GLN D 115 11.40 -27.53 -58.33
CA GLN D 115 11.76 -28.07 -59.64
C GLN D 115 13.24 -28.42 -59.71
N ALA D 116 14.08 -27.61 -59.05
CA ALA D 116 15.51 -27.90 -59.03
C ALA D 116 15.83 -29.16 -58.24
N ARG D 117 15.19 -29.32 -57.08
CA ARG D 117 15.41 -30.52 -56.28
C ARG D 117 14.98 -31.75 -57.06
N GLN D 118 13.83 -31.69 -57.73
CA GLN D 118 13.42 -32.81 -58.56
C GLN D 118 14.43 -33.06 -59.68
N LEU D 119 15.02 -31.99 -60.22
CA LEU D 119 15.99 -32.17 -61.29
C LEU D 119 17.25 -32.86 -60.78
N VAL D 120 17.79 -32.41 -59.65
CA VAL D 120 18.94 -33.08 -59.04
C VAL D 120 18.59 -34.54 -58.78
N ARG D 121 17.52 -34.76 -58.03
CA ARG D 121 17.15 -36.09 -57.55
C ARG D 121 17.01 -37.12 -58.66
N HIS D 122 16.78 -36.68 -59.89
CA HIS D 122 16.59 -37.60 -61.00
C HIS D 122 17.80 -37.68 -61.91
N GLY D 123 18.94 -37.14 -61.49
CA GLY D 123 20.17 -37.30 -62.24
C GLY D 123 20.27 -36.51 -63.52
N HIS D 124 19.43 -35.49 -63.69
CA HIS D 124 19.57 -34.63 -64.85
C HIS D 124 20.71 -33.63 -64.71
N ILE D 125 21.47 -33.72 -63.63
CA ILE D 125 22.55 -32.77 -63.34
C ILE D 125 23.87 -33.52 -63.30
N THR D 126 24.87 -32.99 -63.98
CA THR D 126 26.24 -33.45 -63.86
C THR D 126 27.05 -32.36 -63.18
N VAL D 127 28.09 -32.76 -62.47
CA VAL D 127 28.99 -31.82 -61.82
C VAL D 127 30.41 -32.25 -62.16
N ASN D 128 31.10 -31.46 -62.99
CA ASN D 128 32.41 -31.79 -63.51
C ASN D 128 32.42 -33.11 -64.27
N GLY D 129 31.26 -33.49 -64.83
CA GLY D 129 31.15 -34.68 -65.66
C GLY D 129 30.39 -35.82 -65.03
N ARG D 130 30.37 -35.92 -63.71
CA ARG D 130 29.73 -37.04 -63.03
C ARG D 130 28.34 -36.63 -62.57
N ARG D 131 27.36 -37.50 -62.80
CA ARG D 131 25.99 -37.22 -62.46
C ARG D 131 25.79 -37.28 -60.94
N VAL D 132 25.17 -36.24 -60.38
CA VAL D 132 24.95 -36.13 -58.94
C VAL D 132 23.46 -35.95 -58.71
N ASP D 133 22.89 -36.81 -57.85
CA ASP D 133 21.46 -36.76 -57.53
C ASP D 133 21.23 -36.58 -56.03
N LEU D 134 22.11 -35.84 -55.37
CA LEU D 134 21.93 -35.43 -53.99
C LEU D 134 21.80 -33.91 -53.94
N PRO D 135 20.61 -33.36 -53.70
CA PRO D 135 20.50 -31.90 -53.61
C PRO D 135 21.36 -31.32 -52.52
N SER D 136 21.57 -32.08 -51.43
CA SER D 136 22.40 -31.62 -50.33
C SER D 136 23.87 -31.51 -50.70
N TYR D 137 24.29 -32.00 -51.86
CA TYR D 137 25.67 -31.86 -52.29
C TYR D 137 26.06 -30.38 -52.29
N ARG D 138 27.26 -30.11 -51.78
CA ARG D 138 27.78 -28.75 -51.70
C ARG D 138 28.72 -28.48 -52.87
N VAL D 139 28.38 -27.50 -53.69
CA VAL D 139 29.22 -27.10 -54.81
C VAL D 139 30.42 -26.32 -54.29
N ARG D 140 31.59 -26.63 -54.83
CA ARG D 140 32.80 -25.92 -54.43
C ARG D 140 33.16 -24.86 -55.47
N PRO D 141 33.82 -23.79 -55.05
CA PRO D 141 34.30 -22.81 -56.03
C PRO D 141 35.28 -23.44 -57.00
N GLY D 142 34.93 -23.40 -58.29
CA GLY D 142 35.66 -24.08 -59.34
C GLY D 142 34.85 -25.13 -60.06
N ASP D 143 33.84 -25.69 -59.41
CA ASP D 143 33.06 -26.77 -60.00
C ASP D 143 32.24 -26.25 -61.18
N GLU D 144 31.92 -27.16 -62.09
CA GLU D 144 31.15 -26.86 -63.29
C GLU D 144 29.88 -27.70 -63.28
N ILE D 145 28.73 -27.03 -63.12
CA ILE D 145 27.43 -27.67 -63.03
C ILE D 145 26.80 -27.68 -64.41
N ALA D 146 26.50 -28.89 -64.90
CA ALA D 146 26.05 -29.14 -66.26
C ALA D 146 24.74 -29.90 -66.25
N VAL D 147 24.12 -29.98 -67.43
CA VAL D 147 22.87 -30.69 -67.65
C VAL D 147 23.18 -32.04 -68.29
N ALA D 148 22.36 -33.04 -68.00
CA ALA D 148 22.59 -34.38 -68.51
C ALA D 148 22.40 -34.42 -70.02
N GLU D 149 23.35 -35.06 -70.71
CA GLU D 149 23.32 -35.12 -72.17
C GLU D 149 22.10 -35.89 -72.66
N LYS D 150 21.73 -36.93 -71.92
CA LYS D 150 20.49 -37.64 -72.23
C LYS D 150 19.26 -36.80 -71.90
N SER D 151 19.42 -35.74 -71.11
CA SER D 151 18.31 -34.89 -70.72
C SER D 151 18.26 -33.57 -71.47
N ARG D 152 19.31 -33.24 -72.23
CA ARG D 152 19.33 -31.94 -72.90
C ARG D 152 18.19 -31.79 -73.89
N ASN D 153 17.56 -32.88 -74.30
CA ASN D 153 16.45 -32.85 -75.24
C ASN D 153 15.11 -32.67 -74.55
N LEU D 154 15.05 -32.87 -73.23
CA LEU D 154 13.78 -32.84 -72.51
C LEU D 154 13.13 -31.46 -72.61
N GLU D 155 11.81 -31.46 -72.81
CA GLU D 155 11.08 -30.23 -73.12
C GLU D 155 11.32 -29.16 -72.06
N LEU D 156 11.32 -29.54 -70.79
CA LEU D 156 11.40 -28.56 -69.72
C LEU D 156 12.74 -27.82 -69.74
N ILE D 157 13.83 -28.54 -70.00
CA ILE D 157 15.13 -27.89 -70.08
C ILE D 157 15.18 -26.96 -71.29
N ARG D 158 14.55 -27.36 -72.38
CA ARG D 158 14.41 -26.48 -73.54
C ARG D 158 13.76 -25.17 -73.14
N GLN D 159 12.59 -25.22 -72.51
CA GLN D 159 11.91 -23.99 -72.13
C GLN D 159 12.75 -23.16 -71.17
N ASN D 160 13.29 -23.80 -70.13
CA ASN D 160 13.97 -23.07 -69.07
C ASN D 160 15.21 -22.38 -69.60
N LEU D 161 16.08 -23.10 -70.30
CA LEU D 161 17.27 -22.46 -70.84
C LEU D 161 16.93 -21.53 -72.00
N GLU D 162 15.77 -21.71 -72.62
CA GLU D 162 15.31 -20.75 -73.61
C GLU D 162 15.04 -19.40 -72.98
N ALA D 163 14.28 -19.38 -71.88
CA ALA D 163 14.00 -18.12 -71.19
C ALA D 163 15.28 -17.44 -70.73
N MET D 164 16.32 -18.21 -70.43
CA MET D 164 17.59 -17.66 -69.95
C MET D 164 18.35 -16.91 -71.02
N LYS D 165 17.92 -16.97 -72.27
CA LYS D 165 18.52 -16.16 -73.31
C LYS D 165 18.23 -14.69 -73.04
N GLY D 166 19.27 -13.93 -72.73
CA GLY D 166 19.13 -12.52 -72.42
C GLY D 166 18.97 -12.19 -70.95
N ARG D 167 18.94 -13.19 -70.08
CA ARG D 167 18.89 -12.97 -68.64
C ARG D 167 20.28 -13.14 -68.03
N LYS D 168 20.59 -12.31 -67.05
CA LYS D 168 21.89 -12.30 -66.41
C LYS D 168 21.89 -13.19 -65.18
N VAL D 169 23.06 -13.74 -64.87
CA VAL D 169 23.24 -14.62 -63.72
C VAL D 169 24.05 -13.89 -62.66
N GLY D 170 23.85 -14.30 -61.41
CA GLY D 170 24.49 -13.68 -60.27
C GLY D 170 25.98 -13.47 -60.47
N PRO D 171 26.52 -12.45 -59.79
CA PRO D 171 27.95 -12.14 -59.96
C PRO D 171 28.86 -13.31 -59.63
N TRP D 172 28.52 -14.14 -58.65
CA TRP D 172 29.34 -15.29 -58.27
C TRP D 172 29.10 -16.51 -59.16
N LEU D 173 28.44 -16.32 -60.30
CA LEU D 173 28.13 -17.40 -61.22
C LEU D 173 28.39 -16.94 -62.65
N SER D 174 28.69 -17.91 -63.51
CA SER D 174 28.67 -17.71 -64.95
C SER D 174 27.77 -18.77 -65.56
N LEU D 175 27.36 -18.55 -66.81
CA LEU D 175 26.43 -19.47 -67.44
C LEU D 175 26.69 -19.55 -68.94
N ASP D 176 26.84 -20.78 -69.43
CA ASP D 176 26.91 -21.06 -70.86
C ASP D 176 25.55 -21.64 -71.25
N VAL D 177 24.72 -20.81 -71.87
CA VAL D 177 23.33 -21.21 -72.12
C VAL D 177 23.26 -22.23 -73.25
N GLU D 178 24.11 -22.09 -74.27
CA GLU D 178 24.07 -23.01 -75.41
C GLU D 178 24.48 -24.41 -75.00
N GLY D 179 25.61 -24.54 -74.31
CA GLY D 179 26.08 -25.84 -73.87
C GLY D 179 25.39 -26.40 -72.66
N MET D 180 24.55 -25.58 -72.01
CA MET D 180 23.82 -25.98 -70.80
C MET D 180 24.77 -26.36 -69.66
N LYS D 181 25.65 -25.42 -69.31
CA LYS D 181 26.60 -25.60 -68.22
C LYS D 181 26.90 -24.23 -67.63
N GLY D 182 27.51 -24.24 -66.45
CA GLY D 182 27.92 -23.00 -65.83
C GLY D 182 28.75 -23.27 -64.59
N LYS D 183 29.59 -22.31 -64.24
CA LYS D 183 30.55 -22.53 -63.17
C LYS D 183 30.20 -21.72 -61.92
N PHE D 184 30.42 -22.35 -60.77
CA PHE D 184 30.28 -21.70 -59.47
C PHE D 184 31.62 -21.06 -59.16
N LEU D 185 31.72 -19.74 -59.41
CA LEU D 185 33.02 -19.08 -59.40
C LEU D 185 33.53 -18.89 -57.97
N ARG D 186 32.70 -18.34 -57.11
CA ARG D 186 33.12 -17.98 -55.77
C ARG D 186 31.93 -18.02 -54.82
N LEU D 187 32.22 -17.99 -53.52
CA LEU D 187 31.17 -17.85 -52.55
C LEU D 187 30.57 -16.46 -52.63
N PRO D 188 29.25 -16.33 -52.53
CA PRO D 188 28.60 -15.03 -52.66
C PRO D 188 28.74 -14.19 -51.41
N ASP D 189 28.79 -12.88 -51.60
CA ASP D 189 28.84 -11.93 -50.50
C ASP D 189 27.43 -11.66 -49.98
N ARG D 190 27.36 -11.13 -48.76
CA ARG D 190 26.08 -10.70 -48.22
C ARG D 190 25.40 -9.72 -49.17
N GLU D 191 26.17 -8.81 -49.76
CA GLU D 191 25.62 -7.87 -50.73
C GLU D 191 25.18 -8.55 -52.02
N ASP D 192 25.69 -9.75 -52.31
CA ASP D 192 25.27 -10.45 -53.52
C ASP D 192 23.84 -10.97 -53.39
N LEU D 193 23.46 -11.42 -52.21
CA LEU D 193 22.15 -12.03 -52.00
C LEU D 193 21.10 -10.96 -51.78
N ALA D 194 19.92 -11.18 -52.35
CA ALA D 194 18.80 -10.25 -52.25
C ALA D 194 17.79 -10.67 -51.20
N LEU D 195 18.18 -11.54 -50.27
CA LEU D 195 17.23 -12.18 -49.36
C LEU D 195 16.53 -11.16 -48.48
N PRO D 196 15.21 -11.15 -48.43
CA PRO D 196 14.45 -10.27 -47.53
C PRO D 196 14.50 -10.76 -46.09
N VAL D 197 15.71 -11.04 -45.62
CA VAL D 197 15.96 -11.76 -44.37
C VAL D 197 16.99 -11.01 -43.57
N ASN D 198 16.71 -10.80 -42.28
CA ASN D 198 17.70 -10.32 -41.32
C ASN D 198 18.35 -11.54 -40.69
N GLU D 199 19.58 -11.86 -41.09
CA GLU D 199 20.25 -13.06 -40.59
C GLU D 199 20.49 -12.98 -39.09
N GLN D 200 20.78 -11.78 -38.58
CA GLN D 200 21.02 -11.62 -37.15
C GLN D 200 19.87 -12.14 -36.33
N LEU D 201 18.65 -12.05 -36.86
CA LEU D 201 17.51 -12.61 -36.14
C LEU D 201 17.63 -14.12 -36.02
N VAL D 202 18.16 -14.78 -37.05
CA VAL D 202 18.28 -16.23 -36.99
C VAL D 202 19.39 -16.62 -36.03
N ILE D 203 20.55 -15.98 -36.16
CA ILE D 203 21.62 -16.16 -35.18
C ILE D 203 21.07 -16.01 -33.77
N GLU D 204 20.27 -14.95 -33.56
CA GLU D 204 19.66 -14.69 -32.27
C GLU D 204 18.57 -15.70 -31.91
N PHE D 205 18.03 -16.41 -32.90
CA PHE D 205 17.01 -17.40 -32.60
C PHE D 205 17.65 -18.66 -32.05
N TYR D 206 18.77 -19.08 -32.62
CA TYR D 206 19.48 -20.20 -32.00
C TYR D 206 20.29 -19.76 -30.80
N SER D 207 20.47 -18.44 -30.61
CA SER D 207 21.08 -17.91 -29.40
C SER D 207 20.28 -18.21 -28.16
N ARG D 208 19.06 -18.72 -28.30
CA ARG D 208 18.19 -19.01 -27.17
C ARG D 208 18.79 -20.11 -26.30
N ASP E 1 13.90 10.48 -36.55
CA ASP E 1 14.96 11.06 -35.74
C ASP E 1 15.49 10.05 -34.71
N PHE E 2 14.56 9.45 -33.97
CA PHE E 2 14.89 8.62 -32.81
C PHE E 2 14.04 7.36 -32.84
N GLU E 3 14.69 6.22 -32.63
CA GLU E 3 13.96 4.96 -32.51
C GLU E 3 13.49 4.79 -31.08
N GLU E 4 12.27 4.28 -30.93
CA GLU E 4 11.58 4.23 -29.65
C GLU E 4 11.08 2.81 -29.44
N LYS E 5 11.54 2.16 -28.37
CA LYS E 5 11.12 0.81 -28.03
C LYS E 5 10.90 0.74 -26.53
N MET E 6 9.77 0.19 -26.13
CA MET E 6 9.45 0.08 -24.72
C MET E 6 9.89 -1.27 -24.18
N ILE E 7 10.24 -1.29 -22.89
CA ILE E 7 10.79 -2.48 -22.26
C ILE E 7 9.68 -3.29 -21.61
N LEU E 8 8.94 -2.66 -20.69
CA LEU E 8 7.81 -3.32 -20.06
C LEU E 8 6.74 -2.29 -19.75
N ILE E 9 5.53 -2.79 -19.53
CA ILE E 9 4.42 -2.00 -19.02
C ILE E 9 3.78 -2.80 -17.90
N ARG E 10 3.34 -2.10 -16.85
CA ARG E 10 2.69 -2.79 -15.75
C ARG E 10 1.57 -1.93 -15.16
N ARG E 11 0.64 -2.60 -14.49
CA ARG E 11 -0.48 -1.95 -13.82
C ARG E 11 -0.36 -2.18 -12.31
N THR E 12 0.04 -1.12 -11.60
CA THR E 12 0.10 -1.09 -10.15
C THR E 12 -1.27 -0.71 -9.59
N ALA E 13 -1.43 -0.91 -8.28
CA ALA E 13 -2.71 -0.68 -7.65
C ALA E 13 -2.51 -0.06 -6.28
N ARG E 14 -3.27 0.99 -5.98
CA ARG E 14 -3.36 1.55 -4.65
C ARG E 14 -4.74 1.25 -4.08
N MET E 15 -4.91 1.58 -2.81
CA MET E 15 -6.11 1.24 -2.07
C MET E 15 -6.80 2.52 -1.63
N GLN E 16 -8.04 2.69 -2.07
CA GLN E 16 -8.90 3.73 -1.54
C GLN E 16 -10.16 3.05 -1.03
N ALA E 17 -10.82 3.67 -0.05
CA ALA E 17 -12.03 3.07 0.48
C ALA E 17 -12.98 2.74 -0.65
N GLY E 18 -13.53 1.53 -0.62
CA GLY E 18 -14.46 1.10 -1.64
C GLY E 18 -13.82 0.48 -2.87
N GLY E 19 -12.54 0.67 -3.12
CA GLY E 19 -11.96 0.04 -4.30
C GLY E 19 -10.46 0.24 -4.40
N ARG E 20 -9.86 -0.61 -5.22
CA ARG E 20 -8.48 -0.40 -5.64
C ARG E 20 -8.47 0.48 -6.88
N ARG E 21 -7.37 1.22 -7.04
CA ARG E 21 -7.26 2.20 -8.11
C ARG E 21 -5.96 1.94 -8.86
N PHE E 22 -6.08 1.72 -10.15
CA PHE E 22 -4.96 1.26 -10.97
C PHE E 22 -4.22 2.43 -11.59
N ARG E 23 -2.90 2.26 -11.69
CA ARG E 23 -2.01 3.23 -12.31
C ARG E 23 -1.05 2.48 -13.20
N PHE E 24 -0.75 3.02 -14.38
CA PHE E 24 0.04 2.31 -15.37
C PHE E 24 1.42 2.94 -15.50
N GLY E 25 2.46 2.09 -15.52
CA GLY E 25 3.82 2.55 -15.68
C GLY E 25 4.51 1.85 -16.84
N ALA E 26 5.38 2.58 -17.54
CA ALA E 26 5.99 2.10 -18.77
C ALA E 26 7.48 2.42 -18.78
N LEU E 27 8.27 1.50 -19.33
CA LEU E 27 9.70 1.64 -19.48
C LEU E 27 10.02 1.73 -20.97
N VAL E 28 10.61 2.85 -21.38
CA VAL E 28 10.81 3.14 -22.80
C VAL E 28 12.27 3.52 -23.03
N VAL E 29 12.87 2.92 -24.06
CA VAL E 29 14.23 3.23 -24.49
C VAL E 29 14.15 3.96 -25.81
N VAL E 30 14.92 5.04 -25.93
CA VAL E 30 15.04 5.80 -27.16
C VAL E 30 16.52 5.83 -27.53
N GLY E 31 16.81 5.69 -28.82
CA GLY E 31 18.20 5.72 -29.24
C GLY E 31 18.31 5.95 -30.73
N ASP E 32 19.46 6.48 -31.14
CA ASP E 32 19.69 6.78 -32.55
C ASP E 32 20.58 5.74 -33.22
N ARG E 33 20.94 4.66 -32.53
CA ARG E 33 21.85 3.64 -33.05
C ARG E 33 23.19 4.23 -33.49
N GLN E 34 23.47 5.46 -33.08
CA GLN E 34 24.75 6.13 -33.37
C GLN E 34 25.57 6.34 -32.12
N GLY E 35 25.19 5.73 -31.00
CA GLY E 35 25.89 5.91 -29.75
C GLY E 35 25.16 6.77 -28.73
N ARG E 36 23.94 7.19 -29.02
CA ARG E 36 23.15 8.00 -28.11
C ARG E 36 21.94 7.19 -27.67
N VAL E 37 21.75 7.07 -26.35
CA VAL E 37 20.61 6.34 -25.80
C VAL E 37 19.98 7.12 -24.66
N GLY E 38 18.74 6.75 -24.35
CA GLY E 38 17.97 7.39 -23.29
C GLY E 38 16.92 6.48 -22.73
N LEU E 39 16.75 6.49 -21.41
CA LEU E 39 15.83 5.61 -20.72
C LEU E 39 14.82 6.43 -19.95
N GLY E 40 13.54 6.09 -20.09
CA GLY E 40 12.48 6.81 -19.41
C GLY E 40 11.35 5.95 -18.86
N PHE E 41 10.98 6.18 -17.60
CA PHE E 41 9.97 5.40 -16.90
C PHE E 41 8.80 6.32 -16.58
N GLY E 42 7.75 6.26 -17.40
CA GLY E 42 6.62 7.17 -17.27
C GLY E 42 5.44 6.51 -16.57
N LYS E 43 4.90 7.24 -15.59
CA LYS E 43 3.74 6.79 -14.85
C LYS E 43 2.57 7.69 -15.19
N ALA E 44 1.40 7.10 -15.41
CA ALA E 44 0.21 7.85 -15.78
C ALA E 44 -1.00 6.96 -15.60
N PRO E 45 -2.21 7.53 -15.51
CA PRO E 45 -3.41 6.72 -15.27
C PRO E 45 -3.87 5.89 -16.45
N GLU E 46 -3.25 6.04 -17.63
CA GLU E 46 -3.64 5.24 -18.77
C GLU E 46 -2.38 4.77 -19.50
N VAL E 47 -2.49 3.60 -20.13
CA VAL E 47 -1.36 2.98 -20.83
C VAL E 47 -0.70 3.97 -21.79
N PRO E 48 -1.44 4.55 -22.74
CA PRO E 48 -0.77 5.41 -23.73
C PRO E 48 -0.03 6.59 -23.11
N LEU E 49 -0.71 7.39 -22.27
CA LEU E 49 -0.08 8.59 -21.72
C LEU E 49 1.11 8.25 -20.84
N ALA E 50 1.13 7.04 -20.27
CA ALA E 50 2.32 6.59 -19.54
C ALA E 50 3.44 6.27 -20.50
N VAL E 51 3.12 5.70 -21.66
CA VAL E 51 4.14 5.45 -22.68
C VAL E 51 4.73 6.77 -23.19
N GLN E 52 3.86 7.66 -23.65
CA GLN E 52 4.29 8.96 -24.18
C GLN E 52 5.09 9.73 -23.14
N LYS E 53 4.62 9.75 -21.89
CA LYS E 53 5.39 10.36 -20.81
C LYS E 53 6.77 9.73 -20.67
N ALA E 54 6.82 8.39 -20.74
CA ALA E 54 8.10 7.69 -20.64
C ALA E 54 9.04 8.10 -21.78
N GLY E 55 8.50 8.30 -22.97
CA GLY E 55 9.32 8.79 -24.07
C GLY E 55 9.91 10.16 -23.76
N TYR E 56 9.05 11.10 -23.36
CA TYR E 56 9.51 12.44 -23.00
C TYR E 56 10.69 12.38 -22.02
N TYR E 57 10.53 11.63 -20.92
CA TYR E 57 11.64 11.56 -19.95
C TYR E 57 12.85 10.83 -20.53
N ALA E 58 12.61 9.79 -21.33
CA ALA E 58 13.71 9.04 -21.93
C ALA E 58 14.58 9.94 -22.78
N ARG E 59 13.99 10.93 -23.44
CA ARG E 59 14.79 11.88 -24.20
C ARG E 59 15.42 12.92 -23.29
N ARG E 60 14.74 13.32 -22.21
CA ARG E 60 15.37 14.27 -21.30
C ARG E 60 16.61 13.69 -20.63
N ASN E 61 16.72 12.38 -20.55
CA ASN E 61 17.88 11.70 -19.97
C ASN E 61 18.57 10.89 -21.06
N MET E 62 19.66 11.41 -21.61
CA MET E 62 20.44 10.72 -22.62
C MET E 62 21.81 10.33 -22.06
N VAL E 63 22.55 9.58 -22.87
CA VAL E 63 23.85 9.02 -22.55
C VAL E 63 24.58 8.81 -23.87
N GLU E 64 25.84 9.26 -23.92
CA GLU E 64 26.69 9.08 -25.09
C GLU E 64 27.50 7.80 -24.92
N VAL E 65 27.35 6.86 -25.84
CA VAL E 65 27.96 5.53 -25.72
C VAL E 65 29.16 5.46 -26.65
N PRO E 66 30.36 5.17 -26.14
CA PRO E 66 31.55 5.14 -27.01
C PRO E 66 31.72 3.82 -27.73
N LEU E 67 31.08 3.67 -28.90
CA LEU E 67 31.18 2.44 -29.66
C LEU E 67 32.53 2.34 -30.36
N GLN E 68 33.01 1.11 -30.50
CA GLN E 68 34.30 0.82 -31.14
C GLN E 68 34.09 -0.42 -31.99
N ASN E 69 33.94 -0.22 -33.30
CA ASN E 69 33.69 -1.29 -34.26
C ASN E 69 32.37 -2.01 -33.99
N GLY E 70 31.49 -1.39 -33.23
CA GLY E 70 30.21 -1.98 -32.89
C GLY E 70 30.15 -2.67 -31.54
N THR E 71 31.14 -2.48 -30.68
CA THR E 71 31.15 -3.10 -29.37
C THR E 71 31.67 -2.09 -28.35
N ILE E 72 31.94 -2.59 -27.15
CA ILE E 72 32.25 -1.78 -25.98
C ILE E 72 33.78 -1.66 -25.85
N PRO E 73 34.30 -0.56 -25.32
CA PRO E 73 35.76 -0.50 -25.11
C PRO E 73 36.26 -1.47 -24.03
N HIS E 74 35.54 -1.63 -22.92
CA HIS E 74 36.05 -2.48 -21.85
C HIS E 74 34.91 -3.01 -21.01
N GLU E 75 35.15 -4.18 -20.39
CA GLU E 75 34.12 -4.88 -19.62
C GLU E 75 33.78 -4.13 -18.34
N ILE E 76 32.49 -3.86 -18.12
CA ILE E 76 32.03 -3.23 -16.88
C ILE E 76 31.10 -4.19 -16.16
N GLU E 77 31.23 -4.23 -14.84
CA GLU E 77 30.22 -4.76 -13.94
C GLU E 77 29.65 -3.60 -13.15
N VAL E 78 28.33 -3.60 -12.95
CA VAL E 78 27.67 -2.49 -12.24
C VAL E 78 26.60 -3.06 -11.35
N GLU E 79 26.61 -2.69 -10.08
CA GLU E 79 25.54 -3.02 -9.15
C GLU E 79 24.64 -1.80 -8.99
N PHE E 80 23.39 -1.92 -9.43
CA PHE E 80 22.34 -0.99 -9.08
C PHE E 80 21.57 -1.62 -7.92
N GLY E 81 21.87 -1.15 -6.71
CA GLY E 81 21.33 -1.79 -5.53
C GLY E 81 21.71 -3.26 -5.49
N ALA E 82 20.73 -4.13 -5.74
CA ALA E 82 20.94 -5.57 -5.70
C ALA E 82 20.83 -6.22 -7.07
N SER E 83 20.73 -5.43 -8.14
CA SER E 83 20.77 -5.96 -9.51
C SER E 83 22.13 -5.65 -10.11
N LYS E 84 22.83 -6.69 -10.56
CA LYS E 84 24.14 -6.52 -11.19
C LYS E 84 24.01 -6.76 -12.68
N ILE E 85 24.71 -5.95 -13.47
CA ILE E 85 24.77 -6.15 -14.91
C ILE E 85 26.23 -6.27 -15.32
N VAL E 86 26.48 -7.15 -16.28
CA VAL E 86 27.84 -7.44 -16.74
C VAL E 86 27.90 -7.29 -18.25
N LEU E 87 28.75 -6.38 -18.71
CA LEU E 87 28.98 -6.19 -20.12
C LEU E 87 30.46 -6.42 -20.43
N LYS E 88 30.71 -6.99 -21.62
CA LYS E 88 31.98 -7.45 -22.07
C LYS E 88 32.03 -7.21 -23.56
N PRO E 89 33.14 -6.71 -24.10
CA PRO E 89 33.23 -6.48 -25.54
C PRO E 89 33.38 -7.78 -26.32
N ALA E 90 32.69 -7.86 -27.45
CA ALA E 90 32.64 -9.07 -28.25
C ALA E 90 33.03 -8.79 -29.69
N ALA E 91 33.76 -9.73 -30.30
CA ALA E 91 34.19 -9.56 -31.67
C ALA E 91 32.98 -9.55 -32.60
N PRO E 92 33.13 -8.97 -33.79
CA PRO E 92 32.04 -8.97 -34.77
C PRO E 92 31.61 -10.38 -35.14
N GLY E 93 30.41 -10.47 -35.70
CA GLY E 93 29.80 -11.76 -35.98
C GLY E 93 29.18 -12.44 -34.77
N THR E 94 29.30 -11.84 -33.60
CA THR E 94 28.71 -12.40 -32.39
C THR E 94 27.24 -12.07 -32.29
N GLY E 95 26.91 -10.78 -32.40
CA GLY E 95 25.56 -10.31 -32.17
C GLY E 95 25.36 -9.84 -30.75
N VAL E 96 24.19 -9.26 -30.50
CA VAL E 96 23.81 -8.86 -29.16
C VAL E 96 23.36 -10.10 -28.41
N ILE E 97 24.07 -10.42 -27.33
CA ILE E 97 23.73 -11.57 -26.49
C ILE E 97 23.36 -10.98 -25.13
N ALA E 98 22.08 -10.73 -24.92
CA ALA E 98 21.63 -10.07 -23.70
C ALA E 98 20.22 -10.53 -23.38
N GLY E 99 19.79 -10.23 -22.17
CA GLY E 99 18.43 -10.49 -21.78
C GLY E 99 17.48 -9.58 -22.54
N ALA E 100 16.22 -9.62 -22.09
CA ALA E 100 15.18 -8.83 -22.73
C ALA E 100 15.52 -7.35 -22.71
N VAL E 101 15.85 -6.85 -21.52
CA VAL E 101 16.03 -5.41 -21.29
C VAL E 101 17.35 -4.93 -21.89
N PRO E 102 18.50 -5.45 -21.47
CA PRO E 102 19.77 -4.91 -21.99
C PRO E 102 19.94 -5.10 -23.47
N ARG E 103 19.32 -6.11 -24.09
CA ARG E 103 19.36 -6.17 -25.55
C ARG E 103 18.72 -4.94 -26.16
N ALA E 104 17.60 -4.49 -25.59
CA ALA E 104 16.92 -3.35 -26.18
C ALA E 104 17.68 -2.05 -25.94
N ILE E 105 18.14 -1.82 -24.70
CA ILE E 105 18.94 -0.63 -24.44
C ILE E 105 20.18 -0.61 -25.31
N LEU E 106 20.90 -1.73 -25.37
CA LEU E 106 22.14 -1.80 -26.13
C LEU E 106 21.89 -1.70 -27.63
N GLU E 107 20.83 -2.33 -28.13
CA GLU E 107 20.52 -2.28 -29.55
C GLU E 107 20.21 -0.85 -29.98
N LEU E 108 19.39 -0.13 -29.20
CA LEU E 108 19.13 1.25 -29.56
C LEU E 108 20.37 2.12 -29.37
N ALA E 109 21.27 1.74 -28.47
CA ALA E 109 22.56 2.42 -28.43
C ALA E 109 23.34 2.24 -29.72
N GLY E 110 23.05 1.19 -30.48
CA GLY E 110 23.80 0.89 -31.68
C GLY E 110 24.97 -0.04 -31.43
N VAL E 111 24.74 -1.10 -30.65
CA VAL E 111 25.75 -2.10 -30.34
C VAL E 111 25.48 -3.33 -31.19
N THR E 112 26.47 -3.75 -31.99
CA THR E 112 26.31 -4.88 -32.89
C THR E 112 26.62 -6.21 -32.23
N ASP E 113 27.72 -6.27 -31.48
CA ASP E 113 28.13 -7.48 -30.78
C ASP E 113 28.55 -7.09 -29.37
N ILE E 114 28.05 -7.84 -28.39
CA ILE E 114 28.39 -7.58 -26.99
C ILE E 114 28.02 -8.83 -26.19
N LEU E 115 28.70 -9.03 -25.06
CA LEU E 115 28.43 -10.14 -24.17
C LEU E 115 27.93 -9.60 -22.84
N THR E 116 26.69 -9.93 -22.48
CA THR E 116 26.07 -9.42 -21.27
C THR E 116 25.58 -10.56 -20.40
N LYS E 117 25.38 -10.26 -19.13
CA LYS E 117 24.82 -11.21 -18.19
C LYS E 117 24.17 -10.44 -17.05
N GLU E 118 22.88 -10.69 -16.82
CA GLU E 118 22.19 -10.16 -15.65
C GLU E 118 22.51 -11.03 -14.44
N LEU E 119 22.66 -10.38 -13.29
CA LEU E 119 23.08 -11.06 -12.07
C LEU E 119 22.31 -10.51 -10.87
N GLY E 120 22.24 -11.32 -9.81
CA GLY E 120 21.60 -10.92 -8.57
C GLY E 120 20.08 -10.97 -8.63
N SER E 121 19.45 -9.80 -8.59
CA SER E 121 18.03 -9.68 -8.90
C SER E 121 17.88 -9.34 -10.38
N ARG E 122 16.91 -9.98 -11.03
CA ARG E 122 16.68 -9.77 -12.45
C ARG E 122 15.62 -8.73 -12.73
N ASN E 123 15.17 -7.99 -11.71
CA ASN E 123 14.07 -7.07 -11.85
C ASN E 123 14.31 -6.15 -13.04
N PRO E 124 13.32 -5.95 -13.90
CA PRO E 124 13.56 -5.18 -15.13
C PRO E 124 14.03 -3.76 -14.87
N ILE E 125 13.34 -3.02 -14.00
CA ILE E 125 13.67 -1.61 -13.82
C ILE E 125 15.10 -1.47 -13.33
N ASN E 126 15.46 -2.25 -12.31
CA ASN E 126 16.82 -2.18 -11.78
C ASN E 126 17.84 -2.59 -12.83
N ILE E 127 17.58 -3.67 -13.56
CA ILE E 127 18.51 -4.08 -14.61
C ILE E 127 18.69 -2.96 -15.62
N ALA E 128 17.61 -2.27 -15.97
CA ALA E 128 17.68 -1.19 -16.93
C ALA E 128 18.53 -0.06 -16.39
N TYR E 129 18.17 0.46 -15.22
CA TYR E 129 18.96 1.50 -14.58
C TYR E 129 20.44 1.11 -14.51
N ALA E 130 20.71 -0.16 -14.22
CA ALA E 130 22.09 -0.63 -14.05
C ALA E 130 22.84 -0.66 -15.36
N THR E 131 22.19 -1.15 -16.42
CA THR E 131 22.77 -1.09 -17.75
C THR E 131 23.10 0.35 -18.14
N MET E 132 22.12 1.25 -17.99
CA MET E 132 22.37 2.65 -18.26
C MET E 132 23.61 3.15 -17.53
N GLU E 133 23.70 2.88 -16.22
CA GLU E 133 24.87 3.35 -15.48
C GLU E 133 26.14 2.75 -16.05
N ALA E 134 26.11 1.46 -16.41
CA ALA E 134 27.29 0.82 -16.99
C ALA E 134 27.75 1.59 -18.22
N LEU E 135 26.82 1.94 -19.10
CA LEU E 135 27.19 2.71 -20.28
C LEU E 135 27.73 4.08 -19.89
N ARG E 136 27.04 4.75 -18.97
CA ARG E 136 27.47 6.06 -18.48
C ARG E 136 28.85 6.03 -17.85
N GLN E 137 29.37 4.85 -17.51
CA GLN E 137 30.69 4.76 -16.89
C GLN E 137 31.76 4.29 -17.87
N LEU E 138 31.41 4.15 -19.14
CA LEU E 138 32.39 3.67 -20.10
C LEU E 138 33.41 4.76 -20.42
N ARG E 139 34.62 4.32 -20.76
CA ARG E 139 35.72 5.22 -21.06
C ARG E 139 36.50 4.69 -22.26
N THR E 140 37.05 5.62 -23.02
CA THR E 140 37.92 5.33 -24.14
C THR E 140 39.37 5.50 -23.72
N LYS E 141 40.27 4.92 -24.50
CA LYS E 141 41.69 5.14 -24.27
C LYS E 141 41.99 6.64 -24.31
N ALA E 142 41.29 7.35 -25.19
CA ALA E 142 41.45 8.80 -25.28
C ALA E 142 41.04 9.49 -23.99
N ASP E 143 39.88 9.08 -23.42
CA ASP E 143 39.47 9.65 -22.14
C ASP E 143 40.49 9.33 -21.05
N VAL E 144 41.01 8.09 -21.07
CA VAL E 144 42.01 7.67 -20.10
C VAL E 144 43.22 8.59 -20.13
N GLU E 145 43.89 8.68 -21.28
CA GLU E 145 45.07 9.53 -21.34
C GLU E 145 44.72 11.00 -21.17
N ARG E 146 43.46 11.37 -21.40
CA ARG E 146 43.02 12.72 -21.06
C ARG E 146 43.12 12.94 -19.56
N LEU E 147 42.80 11.92 -18.77
CA LEU E 147 42.82 12.07 -17.32
C LEU E 147 44.21 11.95 -16.71
N ARG E 148 45.13 11.24 -17.37
CA ARG E 148 46.48 11.05 -16.84
C ARG E 148 47.50 11.99 -17.47
N LYS E 149 47.06 13.11 -18.03
CA LYS E 149 47.99 14.04 -18.67
C LYS E 149 48.98 14.60 -17.66
N GLY E 150 48.49 15.39 -16.70
CA GLY E 150 49.32 15.94 -15.64
C GLY E 150 50.68 16.52 -16.01
N GLU E 151 50.69 17.74 -16.54
N MET F 1 50.12 -1.37 57.95
CA MET F 1 50.31 -0.07 58.61
C MET F 1 49.73 1.05 57.78
N ARG F 2 48.55 1.52 58.16
CA ARG F 2 47.90 2.60 57.44
C ARG F 2 47.28 3.56 58.44
N ARG F 3 46.71 4.65 57.93
CA ARG F 3 46.22 5.77 58.72
C ARG F 3 44.69 5.74 58.71
N TYR F 4 44.11 5.60 59.91
CA TYR F 4 42.68 5.45 60.06
C TYR F 4 42.15 6.49 61.04
N GLU F 5 40.84 6.41 61.26
CA GLU F 5 40.09 7.35 62.09
C GLU F 5 39.02 6.52 62.78
N VAL F 6 39.13 6.39 64.10
CA VAL F 6 38.19 5.65 64.92
C VAL F 6 37.18 6.62 65.48
N ASN F 7 35.91 6.36 65.21
CA ASN F 7 34.79 7.10 65.76
C ASN F 7 34.10 6.24 66.79
N ILE F 8 33.89 6.80 67.98
CA ILE F 8 33.28 6.09 69.10
C ILE F 8 32.18 6.96 69.70
N VAL F 9 30.97 6.41 69.78
CA VAL F 9 29.84 7.09 70.40
C VAL F 9 29.41 6.23 71.58
N LEU F 10 29.58 6.76 72.79
CA LEU F 10 29.27 6.02 74.00
C LEU F 10 28.24 6.76 74.84
N ASN F 11 27.84 6.11 75.93
CA ASN F 11 26.69 6.53 76.72
C ASN F 11 26.87 7.96 77.22
N PRO F 12 25.90 8.84 77.00
CA PRO F 12 25.99 10.20 77.55
C PRO F 12 25.64 10.31 79.04
N ASN F 13 25.25 9.23 79.70
CA ASN F 13 24.82 9.30 81.09
C ASN F 13 25.91 8.99 82.10
N LEU F 14 27.16 8.79 81.67
CA LEU F 14 28.20 8.31 82.57
C LEU F 14 28.81 9.46 83.38
N ASP F 15 28.91 9.26 84.69
CA ASP F 15 29.67 10.20 85.49
C ASP F 15 31.16 10.04 85.18
N GLN F 16 31.98 10.94 85.76
CA GLN F 16 33.36 11.05 85.32
C GLN F 16 34.14 9.75 85.53
N SER F 17 33.80 8.98 86.56
CA SER F 17 34.57 7.78 86.86
C SER F 17 34.37 6.69 85.80
N GLN F 18 33.11 6.38 85.49
CA GLN F 18 32.82 5.33 84.52
C GLN F 18 33.33 5.70 83.12
N LEU F 19 33.11 6.95 82.71
CA LEU F 19 33.64 7.41 81.43
C LEU F 19 35.15 7.35 81.40
N ALA F 20 35.80 7.76 82.48
CA ALA F 20 37.25 7.66 82.55
C ALA F 20 37.70 6.21 82.43
N LEU F 21 36.93 5.28 83.01
CA LEU F 21 37.21 3.87 82.82
C LEU F 21 37.10 3.48 81.36
N GLU F 22 36.07 3.97 80.67
CA GLU F 22 35.88 3.61 79.27
C GLU F 22 37.02 4.16 78.41
N LYS F 23 37.44 5.40 78.65
CA LYS F 23 38.57 5.96 77.91
C LYS F 23 39.84 5.18 78.19
N GLU F 24 40.07 4.82 79.45
CA GLU F 24 41.15 3.91 79.80
C GLU F 24 41.11 2.66 78.93
N ILE F 25 39.95 2.02 78.84
CA ILE F 25 39.79 0.79 78.06
C ILE F 25 40.06 1.05 76.59
N ILE F 26 39.77 2.26 76.12
CA ILE F 26 40.05 2.59 74.72
C ILE F 26 41.54 2.64 74.48
N GLN F 27 42.26 3.40 75.33
CA GLN F 27 43.72 3.45 75.24
C GLN F 27 44.33 2.05 75.29
N ARG F 28 43.87 1.24 76.26
CA ARG F 28 44.40 -0.10 76.45
C ARG F 28 44.17 -0.98 75.23
N ALA F 29 42.93 -1.03 74.75
CA ALA F 29 42.62 -1.81 73.56
C ALA F 29 43.47 -1.37 72.37
N LEU F 30 43.71 -0.06 72.25
CA LEU F 30 44.61 0.42 71.20
C LEU F 30 46.01 -0.15 71.37
N GLU F 31 46.58 -0.04 72.57
CA GLU F 31 47.91 -0.60 72.79
C GLU F 31 47.95 -2.09 72.50
N ASN F 32 46.83 -2.80 72.71
CA ASN F 32 46.81 -4.22 72.40
C ASN F 32 46.74 -4.49 70.91
N TYR F 33 46.08 -3.62 70.14
CA TYR F 33 45.98 -3.82 68.71
C TYR F 33 46.94 -2.95 67.92
N GLY F 34 47.95 -2.38 68.57
CA GLY F 34 48.98 -1.64 67.88
C GLY F 34 48.50 -0.40 67.16
N ALA F 35 47.87 0.52 67.89
CA ALA F 35 47.38 1.77 67.33
C ALA F 35 48.24 2.92 67.85
N ARG F 36 49.11 3.43 67.00
CA ARG F 36 49.88 4.63 67.32
C ARG F 36 48.97 5.84 67.06
N VAL F 37 48.59 6.55 68.13
CA VAL F 37 47.59 7.60 68.04
C VAL F 37 48.25 8.92 67.68
N GLU F 38 47.85 9.50 66.55
CA GLU F 38 48.45 10.73 66.05
C GLU F 38 47.77 11.98 66.61
N LYS F 39 46.44 11.97 66.72
CA LYS F 39 45.73 13.02 67.45
C LYS F 39 44.32 12.53 67.75
N VAL F 40 43.62 13.28 68.59
CA VAL F 40 42.32 12.87 69.14
C VAL F 40 41.46 14.11 69.38
N GLU F 41 40.19 14.02 68.98
CA GLU F 41 39.21 15.07 69.22
C GLU F 41 38.10 14.49 70.10
N GLU F 42 37.89 15.13 71.25
CA GLU F 42 36.85 14.72 72.19
C GLU F 42 35.69 15.73 72.07
N LEU F 43 34.65 15.33 71.33
CA LEU F 43 33.49 16.18 71.12
C LEU F 43 32.40 15.98 72.17
N GLY F 44 32.48 14.92 72.96
CA GLY F 44 31.62 14.79 74.12
C GLY F 44 30.14 14.65 73.80
N LEU F 45 29.33 15.00 74.80
CA LEU F 45 27.89 14.87 74.66
C LEU F 45 27.38 15.77 73.54
N ARG F 46 26.50 15.22 72.73
CA ARG F 46 26.06 15.86 71.50
C ARG F 46 24.71 15.28 71.11
N ARG F 47 23.86 16.14 70.55
CA ARG F 47 22.51 15.75 70.20
C ARG F 47 22.52 14.82 69.00
N LEU F 48 21.68 13.78 69.06
CA LEU F 48 21.60 12.79 67.99
C LEU F 48 20.38 13.07 67.12
N ALA F 49 20.57 12.92 65.80
CA ALA F 49 19.48 13.14 64.85
C ALA F 49 18.46 12.01 64.86
N TYR F 50 18.67 10.98 65.69
CA TYR F 50 17.67 9.99 66.03
C TYR F 50 18.15 9.27 67.27
N PRO F 51 17.24 8.80 68.14
CA PRO F 51 17.68 8.14 69.37
C PRO F 51 18.41 6.84 69.08
N ILE F 52 19.61 6.71 69.65
CA ILE F 52 20.40 5.49 69.61
C ILE F 52 20.40 4.89 71.00
N ALA F 53 19.98 3.64 71.12
CA ALA F 53 19.79 2.98 72.41
C ALA F 53 18.78 3.75 73.26
N LYS F 54 17.77 4.30 72.59
CA LYS F 54 16.66 5.07 73.17
C LYS F 54 17.10 6.39 73.79
N ASP F 55 18.37 6.78 73.64
CA ASP F 55 18.89 7.98 74.29
C ASP F 55 19.09 9.08 73.25
N PRO F 56 18.47 10.26 73.43
CA PRO F 56 18.49 11.28 72.37
C PRO F 56 19.81 12.02 72.23
N GLN F 57 20.83 11.56 72.96
CA GLN F 57 22.16 12.15 72.93
C GLN F 57 23.20 11.04 72.87
N GLY F 58 24.43 11.43 72.58
CA GLY F 58 25.54 10.51 72.56
C GLY F 58 26.84 11.24 72.74
N TYR F 59 27.83 10.56 73.33
CA TYR F 59 29.11 11.15 73.64
C TYR F 59 30.13 10.71 72.59
N PHE F 60 30.77 11.68 71.95
CA PHE F 60 31.56 11.44 70.75
C PHE F 60 33.06 11.55 70.98
N LEU F 61 33.80 10.64 70.36
CA LEU F 61 35.24 10.60 70.37
C LEU F 61 35.74 10.25 68.97
N TRP F 62 36.92 10.78 68.64
CA TRP F 62 37.51 10.61 67.32
C TRP F 62 39.03 10.51 67.46
N TYR F 63 39.63 9.50 66.82
CA TYR F 63 41.05 9.20 66.96
C TYR F 63 41.66 9.00 65.59
N GLN F 64 42.60 9.88 65.20
CA GLN F 64 43.35 9.67 63.96
C GLN F 64 44.58 8.83 64.28
N VAL F 65 44.50 7.53 63.98
CA VAL F 65 45.54 6.60 64.39
C VAL F 65 46.29 6.04 63.19
N GLU F 66 47.30 5.23 63.46
CA GLU F 66 48.03 4.49 62.45
C GLU F 66 48.29 3.11 63.02
N MET F 67 47.94 2.07 62.27
CA MET F 67 47.94 0.74 62.86
C MET F 67 48.04 -0.29 61.74
N PRO F 68 48.37 -1.54 62.07
CA PRO F 68 48.38 -2.59 61.05
C PRO F 68 47.00 -2.81 60.47
N GLU F 69 46.92 -2.76 59.14
CA GLU F 69 45.65 -2.97 58.45
C GLU F 69 45.07 -4.34 58.81
N ASP F 70 45.92 -5.37 58.85
CA ASP F 70 45.45 -6.74 59.06
C ASP F 70 44.72 -6.94 60.37
N ARG F 71 44.89 -6.03 61.33
CA ARG F 71 44.21 -6.14 62.62
C ARG F 71 43.16 -5.05 62.82
N VAL F 72 42.70 -4.41 61.75
CA VAL F 72 41.72 -3.33 61.90
C VAL F 72 40.39 -3.92 62.36
N ASN F 73 39.82 -4.83 61.57
CA ASN F 73 38.50 -5.36 61.89
C ASN F 73 38.50 -6.13 63.21
N ASP F 74 39.65 -6.68 63.60
CA ASP F 74 39.74 -7.24 64.95
C ASP F 74 39.53 -6.15 65.99
N LEU F 75 40.27 -5.03 65.86
CA LEU F 75 40.19 -3.95 66.83
C LEU F 75 38.76 -3.48 67.03
N ALA F 76 38.11 -3.09 65.93
CA ALA F 76 36.71 -2.67 66.01
C ALA F 76 35.89 -3.68 66.76
N ARG F 77 36.09 -4.97 66.45
CA ARG F 77 35.41 -6.04 67.16
C ARG F 77 35.50 -5.82 68.67
N GLU F 78 36.73 -5.73 69.19
CA GLU F 78 36.93 -5.52 70.62
C GLU F 78 36.18 -4.29 71.12
N LEU F 79 36.28 -3.17 70.40
CA LEU F 79 35.66 -1.95 70.87
C LEU F 79 34.15 -2.09 71.03
N ARG F 80 33.53 -3.00 70.30
CA ARG F 80 32.08 -3.12 70.38
C ARG F 80 31.60 -3.86 71.62
N ILE F 81 32.52 -4.40 72.44
CA ILE F 81 32.07 -5.28 73.52
C ILE F 81 31.42 -4.49 74.65
N ARG F 82 31.99 -3.34 75.02
CA ARG F 82 31.49 -2.59 76.15
C ARG F 82 30.05 -2.14 75.91
N ASP F 83 29.19 -2.44 76.88
CA ASP F 83 27.81 -1.95 76.78
C ASP F 83 27.77 -0.44 76.74
N ASN F 84 28.73 0.23 77.39
CA ASN F 84 28.75 1.69 77.41
C ASN F 84 28.94 2.26 76.01
N VAL F 85 29.65 1.54 75.15
CA VAL F 85 29.95 2.00 73.80
C VAL F 85 28.84 1.54 72.87
N ARG F 86 28.18 2.49 72.19
CA ARG F 86 27.03 2.19 71.36
C ARG F 86 27.27 2.41 69.86
N ARG F 87 28.39 3.02 69.47
CA ARG F 87 28.74 3.10 68.05
C ARG F 87 30.25 3.02 67.89
N VAL F 88 30.69 2.13 67.00
CA VAL F 88 32.08 2.03 66.57
C VAL F 88 32.08 2.14 65.05
N MET F 89 32.88 3.06 64.51
CA MET F 89 33.08 3.13 63.06
C MET F 89 34.52 3.54 62.77
N VAL F 90 35.27 2.65 62.11
CA VAL F 90 36.64 2.90 61.71
C VAL F 90 36.66 3.27 60.24
N VAL F 91 37.49 4.24 59.88
CA VAL F 91 37.48 4.78 58.53
C VAL F 91 38.92 5.06 58.08
N LYS F 92 39.25 4.69 56.85
CA LYS F 92 40.54 5.09 56.31
C LYS F 92 40.58 6.60 56.14
N SER F 93 41.63 7.23 56.65
CA SER F 93 41.79 8.67 56.48
C SER F 93 41.89 8.99 54.99
N GLN F 94 41.52 10.22 54.64
CA GLN F 94 41.57 10.66 53.25
C GLN F 94 41.94 12.13 53.19
N GLU F 95 42.49 12.54 52.04
CA GLU F 95 42.76 13.95 51.82
C GLU F 95 41.43 14.69 51.61
N PRO F 96 41.23 15.83 52.26
CA PRO F 96 39.95 16.52 52.14
C PRO F 96 39.72 17.04 50.73
N PHE F 97 38.57 16.72 50.16
CA PHE F 97 38.20 17.17 48.83
C PHE F 97 37.26 18.37 48.96
N LEU F 98 37.72 19.54 48.53
CA LEU F 98 37.02 20.79 48.79
C LEU F 98 36.13 21.18 47.61
N ALA F 99 35.02 21.85 47.94
CA ALA F 99 34.09 22.34 46.95
C ALA F 99 33.91 23.85 47.12
N ASN F 100 33.63 24.52 46.00
CA ASN F 100 33.41 25.97 46.00
C ASN F 100 34.64 26.70 46.53
N ALA F 101 35.79 26.39 45.95
CA ALA F 101 37.08 26.90 46.43
C ALA F 101 37.63 28.02 45.56
N ALA G 1 -27.60 20.48 21.03
CA ALA G 1 -26.69 21.60 20.80
C ALA G 1 -25.23 21.20 20.99
N ARG G 2 -24.59 20.72 19.92
CA ARG G 2 -23.18 20.34 20.02
C ARG G 2 -22.23 21.49 19.72
N ARG G 3 -22.62 22.42 18.85
CA ARG G 3 -21.71 23.48 18.46
C ARG G 3 -21.88 24.73 19.30
N ARG G 4 -23.06 25.36 19.23
CA ARG G 4 -23.28 26.65 19.87
C ARG G 4 -23.70 26.45 21.32
N ARG G 5 -24.15 27.52 21.96
CA ARG G 5 -24.66 27.44 23.33
C ARG G 5 -26.18 27.32 23.38
N ALA G 6 -26.87 27.44 22.25
CA ALA G 6 -28.33 27.33 22.19
C ALA G 6 -29.00 28.39 23.07
N GLU G 7 -28.85 29.64 22.62
CA GLU G 7 -29.45 30.77 23.31
C GLU G 7 -30.94 30.53 23.56
N VAL G 8 -31.44 31.15 24.63
CA VAL G 8 -32.82 30.94 25.04
C VAL G 8 -33.75 31.87 24.26
N ARG G 9 -35.01 31.46 24.17
CA ARG G 9 -36.02 32.29 23.55
C ARG G 9 -36.53 33.34 24.55
N GLN G 10 -36.70 34.56 24.06
CA GLN G 10 -37.33 35.60 24.85
C GLN G 10 -38.83 35.54 24.61
N LEU G 11 -39.60 35.50 25.70
CA LEU G 11 -41.04 35.36 25.62
C LEU G 11 -41.71 36.73 25.66
N GLN G 12 -42.84 36.85 24.96
CA GLN G 12 -43.61 38.08 24.97
C GLN G 12 -44.21 38.31 26.37
N PRO G 13 -44.38 39.56 26.78
CA PRO G 13 -44.88 39.82 28.13
C PRO G 13 -46.31 39.32 28.29
N ASP G 14 -46.72 39.18 29.54
CA ASP G 14 -48.10 38.83 29.82
C ASP G 14 -49.01 39.93 29.27
N LEU G 15 -50.07 39.51 28.58
CA LEU G 15 -51.02 40.48 28.04
C LEU G 15 -51.87 41.14 29.12
N VAL G 16 -51.73 40.73 30.38
CA VAL G 16 -52.56 41.23 31.47
C VAL G 16 -51.71 41.80 32.60
N TYR G 17 -50.78 40.99 33.12
CA TYR G 17 -49.88 41.46 34.16
C TYR G 17 -48.55 41.95 33.61
N GLY G 18 -48.30 41.80 32.32
CA GLY G 18 -47.04 42.25 31.75
C GLY G 18 -45.83 41.54 32.31
N ASP G 19 -45.96 40.24 32.59
CA ASP G 19 -44.90 39.46 33.21
C ASP G 19 -44.60 38.24 32.35
N VAL G 20 -43.32 38.03 32.05
CA VAL G 20 -42.93 36.91 31.19
C VAL G 20 -43.15 35.59 31.90
N LEU G 21 -43.08 35.58 33.23
CA LEU G 21 -43.31 34.34 33.97
C LEU G 21 -44.74 33.86 33.79
N VAL G 22 -45.69 34.80 33.78
CA VAL G 22 -47.09 34.46 33.53
C VAL G 22 -47.24 33.83 32.16
N THR G 23 -46.66 34.46 31.13
CA THR G 23 -46.79 33.95 29.77
C THR G 23 -46.13 32.58 29.63
N ALA G 24 -44.96 32.40 30.24
CA ALA G 24 -44.34 31.08 30.29
C ALA G 24 -45.28 30.03 30.88
N PHE G 25 -45.96 30.38 31.97
CA PHE G 25 -46.92 29.47 32.55
C PHE G 25 -48.06 29.17 31.58
N ILE G 26 -48.57 30.19 30.89
CA ILE G 26 -49.62 29.95 29.89
C ILE G 26 -49.13 28.94 28.86
N ASN G 27 -47.89 29.10 28.40
CA ASN G 27 -47.36 28.20 27.37
C ASN G 27 -47.21 26.78 27.91
N LYS G 28 -46.86 26.63 29.19
CA LYS G 28 -46.84 25.28 29.75
C LYS G 28 -48.24 24.74 30.00
N ILE G 29 -49.25 25.60 29.99
CA ILE G 29 -50.63 25.14 30.07
C ILE G 29 -51.15 24.74 28.69
N MET G 30 -50.67 25.42 27.65
CA MET G 30 -51.15 25.23 26.28
C MET G 30 -51.12 23.76 25.89
N ARG G 31 -52.00 23.40 24.96
CA ARG G 31 -52.14 22.02 24.56
C ARG G 31 -52.66 22.01 23.14
N ASP G 32 -51.97 21.31 22.24
CA ASP G 32 -52.30 21.28 20.82
C ASP G 32 -52.39 22.70 20.24
N GLY G 33 -51.48 23.57 20.70
CA GLY G 33 -51.43 24.93 20.19
C GLY G 33 -52.62 25.79 20.51
N LYS G 34 -53.34 25.49 21.59
CA LYS G 34 -54.52 26.28 21.98
C LYS G 34 -54.07 27.33 22.98
N LYS G 35 -53.67 28.50 22.46
CA LYS G 35 -53.28 29.61 23.31
C LYS G 35 -54.47 30.18 24.07
N ASN G 36 -55.57 30.41 23.36
CA ASN G 36 -56.73 31.01 24.00
C ASN G 36 -57.27 30.14 25.11
N LEU G 37 -57.24 28.82 24.92
CA LEU G 37 -57.74 27.94 25.97
C LEU G 37 -56.84 27.99 27.20
N ALA G 38 -55.52 28.04 27.00
CA ALA G 38 -54.60 28.07 28.13
C ALA G 38 -54.72 29.38 28.91
N ALA G 39 -54.85 30.50 28.20
CA ALA G 39 -54.96 31.78 28.89
C ALA G 39 -56.33 31.95 29.54
N ARG G 40 -57.39 31.50 28.86
CA ARG G 40 -58.72 31.45 29.48
C ARG G 40 -58.66 30.68 30.78
N ILE G 41 -58.06 29.49 30.74
CA ILE G 41 -57.88 28.70 31.96
C ILE G 41 -57.18 29.54 33.02
N PHE G 42 -55.99 30.04 32.69
CA PHE G 42 -55.15 30.66 33.71
C PHE G 42 -55.84 31.87 34.32
N TYR G 43 -56.44 32.72 33.50
CA TYR G 43 -57.05 33.94 34.02
C TYR G 43 -58.30 33.62 34.82
N ASP G 44 -59.17 32.76 34.29
CA ASP G 44 -60.27 32.27 35.11
C ASP G 44 -59.80 31.72 36.43
N ALA G 45 -58.55 31.26 36.50
CA ALA G 45 -58.01 30.81 37.79
C ALA G 45 -57.52 31.97 38.64
N CYS G 46 -56.98 33.02 38.02
CA CYS G 46 -56.59 34.21 38.79
C CYS G 46 -57.80 34.84 39.46
N LYS G 47 -58.97 34.76 38.84
CA LYS G 47 -60.17 35.22 39.52
C LYS G 47 -60.53 34.31 40.69
N ILE G 48 -60.14 33.03 40.62
CA ILE G 48 -60.38 32.13 41.75
C ILE G 48 -59.43 32.44 42.89
N ILE G 49 -58.24 32.93 42.59
CA ILE G 49 -57.31 33.31 43.66
C ILE G 49 -57.94 34.37 44.55
N GLN G 50 -58.55 35.39 43.94
CA GLN G 50 -59.27 36.38 44.75
C GLN G 50 -60.57 35.80 45.27
N GLU G 51 -61.19 36.52 46.20
CA GLU G 51 -62.42 36.16 46.89
C GLU G 51 -62.26 34.82 47.61
N LYS G 52 -61.04 34.30 47.57
CA LYS G 52 -60.55 33.26 48.44
C LYS G 52 -59.35 33.76 49.23
N THR G 53 -58.40 34.39 48.53
CA THR G 53 -57.33 35.16 49.13
C THR G 53 -57.53 36.62 48.74
N GLY G 54 -57.37 37.52 49.71
CA GLY G 54 -57.48 38.93 49.45
C GLY G 54 -56.28 39.58 48.84
N GLN G 55 -55.30 38.80 48.41
CA GLN G 55 -54.04 39.29 47.86
C GLN G 55 -54.07 39.26 46.34
N GLU G 56 -53.16 40.03 45.75
CA GLU G 56 -53.02 40.06 44.31
C GLU G 56 -52.61 38.69 43.80
N PRO G 57 -53.37 38.08 42.89
CA PRO G 57 -53.01 36.73 42.42
C PRO G 57 -51.59 36.62 41.90
N LEU G 58 -51.00 37.71 41.41
CA LEU G 58 -49.63 37.65 40.91
C LEU G 58 -48.66 37.23 42.01
N LYS G 59 -48.83 37.80 43.22
CA LYS G 59 -47.98 37.45 44.34
C LYS G 59 -48.04 35.97 44.66
N VAL G 60 -49.27 35.42 44.73
CA VAL G 60 -49.43 34.00 45.01
C VAL G 60 -48.76 33.17 43.92
N PHE G 61 -48.90 33.60 42.67
CA PHE G 61 -48.29 32.88 41.55
C PHE G 61 -46.78 32.78 41.72
N LYS G 62 -46.10 33.93 41.78
CA LYS G 62 -44.65 33.89 41.85
C LYS G 62 -44.15 33.27 43.14
N GLN G 63 -44.92 33.39 44.23
CA GLN G 63 -44.52 32.80 45.51
C GLN G 63 -44.56 31.27 45.45
N ALA G 64 -45.65 30.71 44.93
CA ALA G 64 -45.70 29.26 44.74
C ALA G 64 -44.57 28.79 43.82
N VAL G 65 -44.32 29.53 42.74
CA VAL G 65 -43.18 29.22 41.89
C VAL G 65 -41.90 29.15 42.72
N GLU G 66 -41.70 30.12 43.60
CA GLU G 66 -40.47 30.11 44.40
C GLU G 66 -40.42 28.92 45.35
N ASN G 67 -41.56 28.47 45.86
CA ASN G 67 -41.53 27.32 46.76
C ASN G 67 -41.37 25.99 46.03
N VAL G 68 -41.62 25.95 44.71
CA VAL G 68 -41.43 24.71 43.96
C VAL G 68 -40.01 24.56 43.41
N LYS G 69 -39.28 25.66 43.22
CA LYS G 69 -37.95 25.59 42.64
C LYS G 69 -37.03 24.71 43.48
N PRO G 70 -36.36 23.73 42.90
CA PRO G 70 -35.36 22.95 43.64
C PRO G 70 -33.97 23.58 43.57
N ARG G 71 -33.20 23.35 44.64
CA ARG G 71 -31.81 23.77 44.67
C ARG G 71 -30.85 22.66 44.26
N MET G 72 -31.22 21.40 44.48
CA MET G 72 -30.40 20.26 44.13
C MET G 72 -31.20 19.31 43.25
N GLU G 73 -30.49 18.55 42.41
CA GLU G 73 -31.13 17.44 41.72
C GLU G 73 -30.08 16.37 41.47
N VAL G 74 -30.56 15.18 41.09
CA VAL G 74 -29.72 14.02 40.89
C VAL G 74 -29.70 13.66 39.41
N ARG G 75 -28.52 13.68 38.82
CA ARG G 75 -28.30 13.31 37.43
C ARG G 75 -27.41 12.07 37.40
N SER G 76 -27.72 11.15 36.48
CA SER G 76 -26.97 9.90 36.39
C SER G 76 -25.60 10.14 35.79
N ARG G 77 -24.75 9.11 35.89
CA ARG G 77 -23.47 9.12 35.23
C ARG G 77 -22.96 7.69 35.11
N ARG G 78 -22.39 7.35 33.96
CA ARG G 78 -21.81 6.03 33.73
C ARG G 78 -20.38 6.06 34.23
N VAL G 79 -20.10 5.31 35.29
CA VAL G 79 -18.78 5.29 35.92
C VAL G 79 -18.40 3.86 36.27
N GLY G 80 -17.19 3.46 35.89
CA GLY G 80 -16.63 2.19 36.33
C GLY G 80 -17.43 0.97 35.97
N GLY G 81 -18.26 1.04 34.92
CA GLY G 81 -19.11 -0.05 34.54
C GLY G 81 -20.51 0.01 35.11
N ALA G 82 -20.72 0.71 36.22
CA ALA G 82 -22.03 0.89 36.81
C ALA G 82 -22.54 2.30 36.52
N ASN G 83 -23.75 2.60 37.00
CA ASN G 83 -24.37 3.90 36.80
C ASN G 83 -24.73 4.48 38.16
N TYR G 84 -24.42 5.76 38.35
CA TYR G 84 -24.52 6.39 39.65
C TYR G 84 -25.45 7.59 39.63
N GLN G 85 -26.20 7.74 40.71
CA GLN G 85 -27.06 8.88 40.95
C GLN G 85 -26.24 9.98 41.62
N VAL G 86 -25.91 11.02 40.89
CA VAL G 86 -24.95 12.02 41.32
C VAL G 86 -25.67 13.34 41.55
N PRO G 87 -25.61 13.91 42.75
CA PRO G 87 -26.25 15.21 42.97
C PRO G 87 -25.45 16.34 42.35
N MET G 88 -26.13 17.44 42.11
CA MET G 88 -25.48 18.71 41.78
C MET G 88 -26.55 19.80 41.77
N GLU G 89 -26.08 21.03 41.62
CA GLU G 89 -26.95 22.19 41.66
C GLU G 89 -27.87 22.20 40.44
N VAL G 90 -28.87 23.06 40.51
CA VAL G 90 -29.83 23.26 39.44
C VAL G 90 -29.63 24.66 38.90
N SER G 91 -29.23 24.77 37.64
CA SER G 91 -29.06 26.09 37.04
C SER G 91 -30.35 26.88 37.18
N PRO G 92 -30.26 28.20 37.30
CA PRO G 92 -31.47 29.00 37.57
C PRO G 92 -32.60 28.77 36.58
N ARG G 93 -32.30 28.86 35.28
CA ARG G 93 -33.35 28.62 34.28
C ARG G 93 -33.98 27.25 34.47
N ARG G 94 -33.18 26.25 34.82
CA ARG G 94 -33.74 24.92 35.02
C ARG G 94 -34.66 24.87 36.23
N GLN G 95 -34.33 25.62 37.28
CA GLN G 95 -35.26 25.75 38.39
C GLN G 95 -36.58 26.36 37.93
N GLN G 96 -36.49 27.33 37.02
CA GLN G 96 -37.69 27.90 36.41
C GLN G 96 -38.50 26.83 35.69
N SER G 97 -37.89 26.19 34.70
CA SER G 97 -38.61 25.22 33.87
C SER G 97 -39.21 24.11 34.73
N LEU G 98 -38.44 23.60 35.69
CA LEU G 98 -38.90 22.48 36.51
C LEU G 98 -40.02 22.90 37.45
N ALA G 99 -39.94 24.09 38.03
CA ALA G 99 -41.00 24.56 38.92
C ALA G 99 -42.30 24.77 38.15
N LEU G 100 -42.25 25.40 36.98
CA LEU G 100 -43.48 25.62 36.22
C LEU G 100 -44.08 24.30 35.73
N ARG G 101 -43.27 23.49 35.04
CA ARG G 101 -43.71 22.17 34.59
C ARG G 101 -44.34 21.38 35.73
N TRP G 102 -43.64 21.33 36.87
CA TRP G 102 -44.20 20.61 38.01
C TRP G 102 -45.53 21.19 38.44
N LEU G 103 -45.67 22.52 38.39
CA LEU G 103 -46.94 23.12 38.78
C LEU G 103 -48.07 22.60 37.92
N VAL G 104 -47.86 22.55 36.60
CA VAL G 104 -48.91 22.05 35.72
C VAL G 104 -49.15 20.57 35.96
N GLN G 105 -48.07 19.79 36.06
CA GLN G 105 -48.19 18.34 36.22
C GLN G 105 -48.86 17.97 37.53
N ALA G 106 -48.75 18.84 38.53
CA ALA G 106 -49.47 18.63 39.79
C ALA G 106 -50.93 19.00 39.63
N ALA G 107 -51.21 20.18 39.08
CA ALA G 107 -52.59 20.61 38.95
C ALA G 107 -53.44 19.60 38.17
N ASN G 108 -52.87 18.97 37.15
CA ASN G 108 -53.70 18.02 36.42
C ASN G 108 -53.84 16.66 37.11
N GLN G 109 -53.21 16.46 38.26
CA GLN G 109 -53.45 15.27 39.07
C GLN G 109 -54.49 15.50 40.16
N ARG G 110 -55.00 16.71 40.29
CA ARG G 110 -55.91 17.06 41.37
C ARG G 110 -57.31 16.53 41.07
N PRO G 111 -58.16 16.48 42.10
CA PRO G 111 -59.54 15.99 41.93
C PRO G 111 -60.58 17.04 41.59
N GLU G 112 -60.22 18.33 41.54
CA GLU G 112 -61.21 19.32 41.17
C GLU G 112 -61.71 19.05 39.75
N ARG G 113 -62.92 19.53 39.47
CA ARG G 113 -63.63 19.11 38.26
C ARG G 113 -63.07 19.78 37.01
N ARG G 114 -62.96 21.10 37.01
CA ARG G 114 -62.47 21.83 35.85
C ARG G 114 -61.09 22.42 36.12
N ALA G 115 -60.43 22.77 35.01
CA ALA G 115 -58.99 23.03 35.03
C ALA G 115 -58.63 24.20 35.93
N ALA G 116 -59.11 25.40 35.58
CA ALA G 116 -58.72 26.60 36.31
C ALA G 116 -58.88 26.45 37.80
N VAL G 117 -59.85 25.63 38.25
CA VAL G 117 -59.98 25.36 39.68
C VAL G 117 -58.77 24.59 40.19
N ARG G 118 -58.39 23.54 39.47
CA ARG G 118 -57.19 22.80 39.86
C ARG G 118 -55.97 23.72 39.89
N ILE G 119 -55.83 24.59 38.89
CA ILE G 119 -54.67 25.46 38.82
C ILE G 119 -54.66 26.44 39.99
N ALA G 120 -55.81 27.05 40.28
CA ALA G 120 -55.88 27.99 41.40
C ALA G 120 -55.54 27.28 42.71
N HIS G 121 -56.15 26.12 42.93
CA HIS G 121 -55.94 25.41 44.19
C HIS G 121 -54.50 24.94 44.35
N GLU G 122 -53.85 24.55 43.26
CA GLU G 122 -52.46 24.13 43.35
C GLU G 122 -51.55 25.34 43.55
N LEU G 123 -51.81 26.43 42.84
CA LEU G 123 -51.03 27.65 43.05
C LEU G 123 -51.09 28.09 44.50
N MET G 124 -52.30 28.15 45.06
CA MET G 124 -52.44 28.52 46.47
C MET G 124 -51.73 27.52 47.37
N ASP G 125 -52.02 26.23 47.21
CA ASP G 125 -51.40 25.22 48.08
C ASP G 125 -49.88 25.33 48.07
N ALA G 126 -49.29 25.39 46.87
CA ALA G 126 -47.84 25.47 46.76
C ALA G 126 -47.31 26.78 47.29
N ALA G 127 -48.13 27.84 47.26
CA ALA G 127 -47.69 29.11 47.82
C ALA G 127 -47.51 29.00 49.33
N GLU G 128 -48.37 28.24 50.00
CA GLU G 128 -48.25 28.03 51.44
C GLU G 128 -47.42 26.79 51.79
N GLY G 129 -46.77 26.17 50.81
CA GLY G 129 -45.82 25.12 51.07
C GLY G 129 -46.34 23.70 51.02
N LYS G 130 -47.53 23.48 50.46
CA LYS G 130 -48.11 22.14 50.37
C LYS G 130 -48.53 21.87 48.93
N GLY G 131 -49.10 20.70 48.70
CA GLY G 131 -49.56 20.32 47.39
C GLY G 131 -48.52 19.55 46.59
N GLY G 132 -49.00 18.85 45.55
CA GLY G 132 -48.17 17.89 44.84
C GLY G 132 -46.89 18.47 44.28
N ALA G 133 -46.92 19.73 43.84
CA ALA G 133 -45.71 20.35 43.29
C ALA G 133 -44.59 20.38 44.32
N VAL G 134 -44.86 20.98 45.48
CA VAL G 134 -43.85 21.08 46.51
C VAL G 134 -43.38 19.69 46.94
N LYS G 135 -44.26 18.68 46.82
CA LYS G 135 -43.82 17.31 47.08
C LYS G 135 -42.86 16.82 46.00
N LYS G 136 -43.01 17.30 44.77
CA LYS G 136 -42.02 16.97 43.76
C LYS G 136 -40.67 17.59 44.13
N LYS G 137 -40.66 18.87 44.48
CA LYS G 137 -39.40 19.49 44.88
C LYS G 137 -38.78 18.78 46.07
N GLU G 138 -39.60 18.41 47.06
CA GLU G 138 -39.06 17.76 48.25
C GLU G 138 -38.53 16.37 47.93
N ASP G 139 -39.20 15.65 47.03
CA ASP G 139 -38.72 14.33 46.61
C ASP G 139 -37.39 14.44 45.91
N VAL G 140 -37.23 15.44 45.04
CA VAL G 140 -35.99 15.56 44.28
C VAL G 140 -34.85 15.99 45.19
N GLU G 141 -35.06 17.01 46.02
CA GLU G 141 -34.01 17.41 46.95
C GLU G 141 -33.75 16.34 48.00
N ARG G 142 -34.70 15.42 48.21
CA ARG G 142 -34.42 14.25 49.02
C ARG G 142 -33.47 13.32 48.27
N MET G 143 -33.73 13.09 46.98
CA MET G 143 -32.86 12.26 46.16
C MET G 143 -31.43 12.78 46.20
N ALA G 144 -31.22 14.00 45.72
CA ALA G 144 -29.95 14.65 45.93
C ALA G 144 -29.70 14.77 47.43
N GLU G 145 -28.42 14.77 47.80
CA GLU G 145 -27.96 14.87 49.18
C GLU G 145 -28.26 13.58 49.94
N ALA G 146 -29.05 12.68 49.36
CA ALA G 146 -29.03 11.31 49.83
C ALA G 146 -27.88 10.55 49.22
N ASN G 147 -27.37 11.04 48.09
CA ASN G 147 -26.22 10.50 47.40
C ASN G 147 -24.96 11.30 47.68
N ARG G 148 -24.94 12.07 48.79
CA ARG G 148 -23.82 12.97 49.07
C ARG G 148 -22.48 12.29 48.88
N ALA G 149 -22.42 10.97 49.07
CA ALA G 149 -21.19 10.22 48.85
C ALA G 149 -20.65 10.42 47.44
N TYR G 150 -21.52 10.67 46.46
CA TYR G 150 -21.10 10.83 45.08
C TYR G 150 -20.93 12.29 44.69
N ALA G 151 -20.89 13.19 45.66
CA ALA G 151 -20.82 14.62 45.37
C ALA G 151 -19.56 15.00 44.59
N HIS G 152 -18.55 14.13 44.58
CA HIS G 152 -17.32 14.41 43.85
C HIS G 152 -17.40 14.00 42.38
N TYR G 153 -18.49 13.39 41.95
CA TYR G 153 -18.71 13.10 40.54
C TYR G 153 -19.42 14.24 39.81
N ARG G 154 -19.22 15.47 40.27
CA ARG G 154 -20.04 16.59 39.85
C ARG G 154 -20.00 16.79 38.33
N TRP G 155 -18.82 17.11 37.79
CA TRP G 155 -18.63 17.39 36.37
C TRP G 155 -19.40 18.65 35.93
N MET H 1 48.62 -5.60 14.69
CA MET H 1 49.30 -4.85 13.65
C MET H 1 48.56 -4.98 12.34
N LEU H 2 48.96 -4.17 11.35
CA LEU H 2 48.49 -4.39 9.99
C LEU H 2 48.83 -5.80 9.55
N THR H 3 47.85 -6.52 9.02
CA THR H 3 48.17 -7.83 8.49
C THR H 3 48.68 -7.75 7.07
N ASP H 4 48.19 -6.77 6.30
CA ASP H 4 48.66 -6.57 4.93
C ASP H 4 48.91 -5.08 4.76
N PRO H 5 50.16 -4.63 4.83
CA PRO H 5 50.45 -3.20 4.67
C PRO H 5 50.27 -2.69 3.26
N ILE H 6 50.36 -3.56 2.25
CA ILE H 6 50.14 -3.12 0.87
C ILE H 6 48.66 -2.90 0.63
N ALA H 7 47.82 -3.85 1.06
CA ALA H 7 46.40 -3.60 1.02
C ALA H 7 46.05 -2.33 1.77
N ASP H 8 46.72 -2.11 2.90
CA ASP H 8 46.45 -0.93 3.72
C ASP H 8 46.87 0.35 3.02
N MET H 9 47.95 0.30 2.24
CA MET H 9 48.30 1.45 1.43
C MET H 9 47.29 1.67 0.31
N LEU H 10 46.96 0.61 -0.42
CA LEU H 10 45.97 0.70 -1.49
C LEU H 10 44.67 1.30 -0.98
N THR H 11 44.27 0.91 0.22
CA THR H 11 43.03 1.43 0.79
C THR H 11 43.23 2.85 1.31
N ARG H 12 44.34 3.12 1.98
CA ARG H 12 44.62 4.50 2.35
C ARG H 12 44.42 5.42 1.16
N ILE H 13 44.96 5.00 0.00
CA ILE H 13 44.80 5.77 -1.23
C ILE H 13 43.34 5.80 -1.65
N ARG H 14 42.64 4.68 -1.53
CA ARG H 14 41.24 4.59 -1.93
C ARG H 14 40.40 5.60 -1.16
N ASN H 15 40.31 5.41 0.16
CA ASN H 15 39.53 6.31 1.02
C ASN H 15 40.00 7.75 0.90
N ALA H 16 41.29 7.99 0.69
CA ALA H 16 41.78 9.35 0.57
C ALA H 16 41.23 10.03 -0.69
N THR H 17 41.31 9.33 -1.83
CA THR H 17 40.78 9.90 -3.06
C THR H 17 39.28 10.12 -2.98
N ARG H 18 38.56 9.21 -2.31
CA ARG H 18 37.09 9.27 -2.36
C ARG H 18 36.56 10.60 -1.81
N VAL H 19 37.26 11.18 -0.85
CA VAL H 19 36.91 12.50 -0.34
C VAL H 19 37.82 13.58 -0.93
N TYR H 20 38.59 13.23 -1.96
CA TYR H 20 39.40 14.18 -2.73
C TYR H 20 40.41 14.90 -1.86
N LYS H 21 41.15 14.12 -1.06
CA LYS H 21 42.24 14.68 -0.28
C LYS H 21 43.30 15.27 -1.21
N GLU H 22 44.14 16.13 -0.64
CA GLU H 22 45.32 16.61 -1.35
C GLU H 22 46.34 15.48 -1.50
N SER H 23 46.72 14.89 -0.38
CA SER H 23 47.66 13.79 -0.36
C SER H 23 47.26 12.85 0.76
N THR H 24 47.89 11.69 0.81
CA THR H 24 47.77 10.83 1.98
C THR H 24 49.11 10.15 2.22
N ASP H 25 49.57 10.21 3.46
CA ASP H 25 50.84 9.60 3.82
C ASP H 25 50.61 8.14 4.19
N VAL H 26 51.40 7.26 3.61
CA VAL H 26 51.35 5.85 3.98
C VAL H 26 52.63 5.53 4.73
N PRO H 27 52.63 4.60 5.68
CA PRO H 27 53.86 4.26 6.39
C PRO H 27 54.87 3.67 5.43
N ALA H 28 56.11 4.13 5.57
CA ALA H 28 57.12 3.95 4.52
C ALA H 28 57.71 2.54 4.53
N SER H 29 57.90 1.99 3.34
CA SER H 29 58.60 0.72 3.16
C SER H 29 59.06 0.67 1.70
N ARG H 30 60.19 0.00 1.49
CA ARG H 30 60.78 -0.03 0.16
C ARG H 30 59.79 -0.57 -0.87
N PHE H 31 59.09 -1.65 -0.54
CA PHE H 31 58.14 -2.23 -1.47
C PHE H 31 57.07 -1.21 -1.85
N LYS H 32 56.42 -0.63 -0.84
CA LYS H 32 55.43 0.41 -1.08
C LYS H 32 55.99 1.49 -2.00
N GLU H 33 57.16 2.02 -1.66
CA GLU H 33 57.82 2.98 -2.54
C GLU H 33 57.85 2.48 -3.97
N GLU H 34 58.34 1.26 -4.17
CA GLU H 34 58.54 0.73 -5.51
C GLU H 34 57.22 0.60 -6.26
N ILE H 35 56.11 0.47 -5.53
CA ILE H 35 54.81 0.48 -6.21
C ILE H 35 54.41 1.91 -6.59
N LEU H 36 54.49 2.83 -5.62
CA LEU H 36 54.12 4.22 -5.87
C LEU H 36 54.87 4.77 -7.07
N ARG H 37 56.11 4.33 -7.29
CA ARG H 37 56.81 4.73 -8.50
C ARG H 37 56.02 4.32 -9.73
N ILE H 38 55.41 3.13 -9.70
CA ILE H 38 54.64 2.67 -10.85
C ILE H 38 53.34 3.46 -10.96
N LEU H 39 52.71 3.78 -9.83
CA LEU H 39 51.50 4.61 -9.90
C LEU H 39 51.79 5.96 -10.50
N ALA H 40 52.92 6.56 -10.14
CA ALA H 40 53.29 7.86 -10.68
C ALA H 40 53.69 7.77 -12.14
N ARG H 41 54.41 6.71 -12.50
CA ARG H 41 54.79 6.50 -13.89
C ARG H 41 53.58 6.39 -14.79
N GLU H 42 52.64 5.51 -14.44
CA GLU H 42 51.44 5.34 -15.25
C GLU H 42 50.50 6.52 -15.14
N GLY H 43 50.77 7.46 -14.23
CA GLY H 43 49.99 8.67 -14.14
C GLY H 43 48.73 8.59 -13.31
N PHE H 44 48.63 7.61 -12.41
CA PHE H 44 47.47 7.54 -11.52
C PHE H 44 47.57 8.52 -10.36
N ILE H 45 48.77 8.98 -10.03
CA ILE H 45 48.97 9.98 -8.99
C ILE H 45 49.88 11.06 -9.55
N LYS H 46 49.86 12.22 -8.90
CA LYS H 46 50.83 13.25 -9.26
C LYS H 46 52.24 12.78 -8.95
N GLY H 47 52.41 12.04 -7.86
CA GLY H 47 53.71 11.59 -7.40
C GLY H 47 53.70 11.48 -5.89
N TYR H 48 54.84 11.07 -5.36
CA TYR H 48 54.99 10.82 -3.94
C TYR H 48 56.30 11.42 -3.47
N GLU H 49 56.47 11.52 -2.15
CA GLU H 49 57.79 11.84 -1.62
C GLU H 49 57.88 11.36 -0.18
N ARG H 50 59.08 10.92 0.21
CA ARG H 50 59.27 10.49 1.58
C ARG H 50 59.23 11.70 2.49
N VAL H 51 58.78 11.47 3.72
CA VAL H 51 58.74 12.46 4.76
C VAL H 51 59.04 11.78 6.09
N ASP H 52 59.08 12.59 7.14
CA ASP H 52 59.27 12.10 8.51
C ASP H 52 58.15 12.70 9.36
N VAL H 53 57.04 11.98 9.47
CA VAL H 53 56.00 12.36 10.42
C VAL H 53 56.57 11.95 11.76
N ASP H 54 55.91 12.28 12.86
CA ASP H 54 56.58 12.71 14.09
C ASP H 54 58.01 12.20 14.25
N GLY H 55 58.26 10.90 14.10
CA GLY H 55 59.63 10.43 14.24
C GLY H 55 60.01 9.33 13.26
N LYS H 56 59.05 8.97 12.42
CA LYS H 56 59.09 7.80 11.56
C LYS H 56 58.84 8.20 10.11
N PRO H 57 59.34 7.40 9.18
CA PRO H 57 59.25 7.76 7.76
C PRO H 57 57.89 7.43 7.19
N TYR H 58 57.48 8.23 6.21
CA TYR H 58 56.26 7.98 5.49
C TYR H 58 56.48 8.34 4.03
N LEU H 59 55.47 8.05 3.22
CA LEU H 59 55.45 8.39 1.80
C LEU H 59 54.17 9.17 1.53
N ARG H 60 54.30 10.47 1.29
CA ARG H 60 53.15 11.29 0.93
C ARG H 60 52.77 11.00 -0.51
N VAL H 61 51.55 10.54 -0.72
CA VAL H 61 51.02 10.28 -2.05
C VAL H 61 50.15 11.47 -2.41
N TYR H 62 50.69 12.32 -3.28
CA TYR H 62 49.91 13.41 -3.84
C TYR H 62 48.97 12.84 -4.91
N LEU H 63 47.67 12.97 -4.67
CA LEU H 63 46.67 12.32 -5.49
C LEU H 63 46.43 13.10 -6.79
N LYS H 64 45.62 12.50 -7.65
CA LYS H 64 45.31 13.04 -8.96
C LYS H 64 43.82 12.88 -9.20
N TYR H 65 43.18 13.92 -9.71
CA TYR H 65 41.75 13.89 -9.94
C TYR H 65 41.43 14.57 -11.26
N GLY H 66 40.23 14.31 -11.76
CA GLY H 66 39.78 14.87 -13.01
C GLY H 66 39.29 16.29 -12.86
N PRO H 67 38.64 16.82 -13.88
CA PRO H 67 38.13 18.19 -13.83
C PRO H 67 36.70 18.27 -13.32
N ARG H 68 36.37 19.45 -12.78
CA ARG H 68 35.03 19.69 -12.25
C ARG H 68 33.99 19.51 -13.34
N ARG H 69 32.84 18.94 -12.96
CA ARG H 69 31.81 18.54 -13.91
C ARG H 69 30.62 19.51 -13.86
N GLN H 70 29.61 19.20 -14.68
CA GLN H 70 28.43 20.02 -14.86
C GLN H 70 27.24 19.35 -14.17
N GLY H 71 26.09 20.02 -14.25
CA GLY H 71 24.88 19.54 -13.62
C GLY H 71 25.03 19.48 -12.12
N PRO H 72 24.15 18.73 -11.46
CA PRO H 72 24.34 18.47 -10.03
C PRO H 72 25.54 17.55 -9.83
N ASP H 73 26.02 17.51 -8.59
CA ASP H 73 27.20 16.70 -8.25
C ASP H 73 28.38 17.13 -9.12
N PRO H 74 28.94 18.32 -8.87
CA PRO H 74 30.07 18.76 -9.68
C PRO H 74 31.30 17.91 -9.50
N ARG H 75 31.41 17.22 -8.37
CA ARG H 75 32.64 16.56 -7.97
C ARG H 75 33.24 15.80 -9.14
N PRO H 76 34.53 15.91 -9.38
CA PRO H 76 35.10 15.48 -10.66
C PRO H 76 35.12 13.98 -10.81
N GLU H 77 35.53 13.55 -11.98
CA GLU H 77 35.79 12.13 -12.22
C GLU H 77 37.07 11.72 -11.53
N GLN H 78 37.08 10.53 -10.94
CA GLN H 78 38.26 10.04 -10.25
C GLN H 78 39.29 9.52 -11.24
N VAL H 79 40.57 9.81 -10.99
CA VAL H 79 41.63 9.27 -11.85
C VAL H 79 41.84 7.79 -11.56
N ILE H 80 41.85 7.42 -10.29
CA ILE H 80 41.96 6.02 -9.88
C ILE H 80 40.53 5.56 -9.64
N HIS H 81 39.93 4.94 -10.65
CA HIS H 81 38.53 4.55 -10.50
C HIS H 81 38.41 3.34 -9.60
N HIS H 82 39.41 2.49 -9.58
CA HIS H 82 39.31 1.18 -8.95
C HIS H 82 40.72 0.70 -8.66
N ILE H 83 40.95 0.27 -7.43
CA ILE H 83 42.26 -0.22 -7.01
C ILE H 83 42.03 -1.36 -6.03
N ARG H 84 42.43 -2.57 -6.42
CA ARG H 84 42.06 -3.78 -5.67
C ARG H 84 43.26 -4.66 -5.42
N ARG H 85 43.44 -5.06 -4.17
CA ARG H 85 44.47 -6.03 -3.81
C ARG H 85 44.06 -7.39 -4.31
N ILE H 86 44.97 -8.11 -4.98
CA ILE H 86 44.62 -9.39 -5.56
C ILE H 86 45.24 -10.52 -4.75
N SER H 87 46.56 -10.57 -4.73
CA SER H 87 47.23 -11.53 -3.87
C SER H 87 47.13 -11.05 -2.43
N LYS H 88 46.59 -11.87 -1.54
CA LYS H 88 46.52 -11.51 -0.15
C LYS H 88 47.17 -12.58 0.71
N PRO H 89 47.61 -12.25 1.93
CA PRO H 89 48.09 -13.30 2.83
C PRO H 89 47.02 -14.36 3.00
N GLY H 90 47.45 -15.58 3.26
CA GLY H 90 46.48 -16.66 3.37
C GLY H 90 45.79 -17.05 2.08
N ARG H 91 45.93 -16.26 1.00
CA ARG H 91 45.64 -16.76 -0.35
C ARG H 91 46.47 -15.96 -1.35
N ARG H 92 47.64 -16.51 -1.70
CA ARG H 92 48.62 -15.81 -2.52
C ARG H 92 48.42 -16.18 -4.00
N VAL H 93 48.58 -15.17 -4.86
CA VAL H 93 48.31 -15.31 -6.28
C VAL H 93 49.60 -15.11 -7.06
N TYR H 94 49.98 -16.13 -7.83
CA TYR H 94 51.16 -16.04 -8.69
C TYR H 94 50.74 -16.40 -10.10
N VAL H 95 51.01 -15.52 -11.05
CA VAL H 95 50.67 -15.76 -12.45
C VAL H 95 51.93 -16.11 -13.23
N GLY H 96 51.80 -17.09 -14.11
CA GLY H 96 52.81 -17.27 -15.14
C GLY H 96 52.68 -16.21 -16.22
N VAL H 97 53.77 -16.02 -16.97
CA VAL H 97 53.82 -14.93 -17.93
C VAL H 97 52.77 -15.09 -19.02
N LYS H 98 52.30 -16.31 -19.25
CA LYS H 98 51.17 -16.50 -20.14
C LYS H 98 49.84 -16.32 -19.42
N GLU H 99 49.85 -16.29 -18.09
CA GLU H 99 48.64 -16.13 -17.30
C GLU H 99 48.47 -14.71 -16.76
N ILE H 100 49.34 -13.78 -17.17
CA ILE H 100 49.22 -12.39 -16.73
C ILE H 100 47.98 -11.77 -17.34
N PRO H 101 47.07 -11.26 -16.52
CA PRO H 101 45.79 -10.78 -17.04
C PRO H 101 45.93 -9.44 -17.74
N ARG H 102 44.81 -8.97 -18.31
CA ARG H 102 44.75 -7.72 -19.05
C ARG H 102 43.64 -6.88 -18.43
N VAL H 103 44.03 -5.74 -17.87
CA VAL H 103 43.14 -4.95 -17.02
C VAL H 103 42.32 -4.03 -17.91
N ARG H 104 41.01 -4.25 -17.93
CA ARG H 104 40.07 -3.43 -18.71
C ARG H 104 40.52 -3.34 -20.17
N ARG H 105 40.87 -4.49 -20.73
CA ARG H 105 41.32 -4.59 -22.12
C ARG H 105 42.43 -3.58 -22.42
N GLY H 106 43.27 -3.29 -21.41
CA GLY H 106 44.42 -2.44 -21.56
C GLY H 106 44.33 -1.14 -20.76
N LEU H 107 43.13 -0.61 -20.57
CA LEU H 107 42.99 0.72 -20.00
C LEU H 107 43.50 0.81 -18.57
N GLY H 108 43.63 -0.31 -17.86
CA GLY H 108 44.23 -0.35 -16.56
C GLY H 108 45.48 -1.22 -16.51
N ILE H 109 46.12 -1.21 -15.34
CA ILE H 109 47.35 -1.97 -15.13
C ILE H 109 47.14 -2.95 -14.00
N ALA H 110 47.77 -4.13 -14.12
CA ALA H 110 47.97 -5.03 -13.00
C ALA H 110 49.43 -4.96 -12.62
N ILE H 111 49.70 -4.75 -11.34
CA ILE H 111 51.07 -4.57 -10.86
C ILE H 111 51.58 -5.90 -10.36
N LEU H 112 52.64 -6.39 -10.98
CA LEU H 112 53.25 -7.66 -10.66
C LEU H 112 54.55 -7.44 -9.91
N SER H 113 54.86 -8.38 -9.02
CA SER H 113 56.19 -8.51 -8.45
C SER H 113 56.86 -9.69 -9.13
N THR H 114 57.91 -9.40 -9.87
CA THR H 114 58.75 -10.42 -10.49
C THR H 114 60.14 -10.35 -9.88
N SER H 115 60.90 -11.43 -10.04
CA SER H 115 62.29 -11.39 -9.59
C SER H 115 63.11 -10.39 -10.39
N LYS H 116 62.61 -9.95 -11.54
CA LYS H 116 63.21 -8.86 -12.29
C LYS H 116 62.64 -7.51 -11.91
N GLY H 117 61.96 -7.42 -10.79
CA GLY H 117 61.43 -6.17 -10.27
C GLY H 117 59.92 -6.10 -10.37
N VAL H 118 59.40 -4.96 -9.93
CA VAL H 118 57.96 -4.70 -9.94
C VAL H 118 57.59 -4.12 -11.30
N LEU H 119 56.74 -4.82 -12.04
CA LEU H 119 56.43 -4.44 -13.41
C LEU H 119 54.93 -4.44 -13.65
N THR H 120 54.47 -3.52 -14.50
CA THR H 120 53.08 -3.56 -14.92
C THR H 120 52.85 -4.73 -15.86
N ASP H 121 51.57 -5.00 -16.15
CA ASP H 121 51.22 -6.16 -16.97
C ASP H 121 51.91 -6.09 -18.33
N ARG H 122 51.92 -4.91 -18.95
CA ARG H 122 52.62 -4.74 -20.23
C ARG H 122 54.13 -4.86 -20.06
N GLU H 123 54.66 -4.40 -18.93
CA GLU H 123 56.10 -4.44 -18.74
C GLU H 123 56.59 -5.87 -18.46
N ALA H 124 55.83 -6.64 -17.68
CA ALA H 124 56.21 -8.03 -17.44
C ALA H 124 56.02 -8.88 -18.69
N ARG H 125 54.90 -8.69 -19.40
CA ARG H 125 54.75 -9.30 -20.71
C ARG H 125 55.95 -8.97 -21.59
N LYS H 126 56.39 -7.72 -21.56
CA LYS H 126 57.58 -7.31 -22.31
C LYS H 126 58.79 -8.16 -21.92
N LEU H 127 59.10 -8.22 -20.63
CA LEU H 127 60.29 -8.96 -20.23
C LEU H 127 60.07 -10.47 -20.17
N GLY H 128 58.84 -10.92 -20.37
CA GLY H 128 58.56 -12.36 -20.39
C GLY H 128 58.74 -13.07 -19.08
N VAL H 129 58.22 -12.51 -17.98
CA VAL H 129 58.28 -13.12 -16.66
C VAL H 129 56.93 -12.95 -15.96
N GLY H 130 56.73 -13.75 -14.91
CA GLY H 130 55.57 -13.63 -14.06
C GLY H 130 55.94 -13.40 -12.60
N GLY H 131 54.98 -13.55 -11.69
CA GLY H 131 55.27 -13.38 -10.28
C GLY H 131 54.00 -13.21 -9.49
N GLU H 132 54.12 -12.57 -8.33
CA GLU H 132 52.98 -12.32 -7.48
C GLU H 132 52.15 -11.17 -8.06
N LEU H 133 50.88 -11.45 -8.37
CA LEU H 133 49.95 -10.46 -8.89
C LEU H 133 49.43 -9.65 -7.71
N ILE H 134 49.95 -8.44 -7.54
CA ILE H 134 49.71 -7.71 -6.29
C ILE H 134 48.39 -6.96 -6.30
N CYS H 135 48.06 -6.27 -7.40
CA CYS H 135 46.85 -5.46 -7.42
C CYS H 135 46.49 -5.13 -8.86
N GLU H 136 45.28 -4.60 -9.03
CA GLU H 136 44.85 -4.06 -10.31
C GLU H 136 44.33 -2.65 -10.07
N VAL H 137 44.62 -1.75 -11.02
CA VAL H 137 44.26 -0.34 -10.93
C VAL H 137 43.69 0.08 -12.28
N TRP H 138 42.63 0.89 -12.24
CA TRP H 138 42.16 1.57 -13.45
C TRP H 138 41.22 2.72 -13.18
N GLU I 1 -55.26 64.91 9.50
CA GLU I 1 -56.38 64.53 8.64
C GLU I 1 -56.54 63.01 8.62
N GLN I 2 -55.55 62.33 8.05
CA GLN I 2 -55.57 60.87 7.93
C GLN I 2 -54.16 60.37 7.69
N TYR I 3 -53.86 59.20 8.26
CA TYR I 3 -52.53 58.60 8.12
C TYR I 3 -52.65 57.10 7.97
N TYR I 4 -51.85 56.51 7.06
CA TYR I 4 -52.09 55.13 6.65
C TYR I 4 -50.85 54.27 6.79
N GLY I 5 -51.07 53.01 7.16
CA GLY I 5 -50.02 52.00 7.11
C GLY I 5 -50.62 50.64 6.80
N THR I 6 -49.80 49.79 6.20
CA THR I 6 -50.33 48.48 5.79
C THR I 6 -50.06 47.37 6.80
N GLY I 7 -48.80 46.94 6.91
CA GLY I 7 -48.54 45.79 7.76
C GLY I 7 -49.05 44.47 7.22
N ARG I 8 -48.33 43.39 7.49
CA ARG I 8 -48.67 42.07 6.99
C ARG I 8 -48.13 41.01 7.95
N ARG I 9 -48.79 39.86 7.98
CA ARG I 9 -48.34 38.76 8.82
C ARG I 9 -49.01 37.48 8.36
N LYS I 10 -48.21 36.51 7.91
CA LYS I 10 -48.64 35.11 7.77
C LYS I 10 -49.86 35.00 6.85
N GLU I 11 -49.67 35.39 5.60
CA GLU I 11 -50.70 35.34 4.57
C GLU I 11 -51.90 36.24 4.90
N ALA I 12 -51.67 37.34 5.60
CA ALA I 12 -52.75 38.23 6.03
C ALA I 12 -52.34 39.69 5.86
N VAL I 13 -53.25 40.50 5.33
CA VAL I 13 -53.02 41.93 5.14
C VAL I 13 -54.10 42.72 5.86
N ALA I 14 -53.74 43.94 6.27
CA ALA I 14 -54.65 44.87 6.93
C ALA I 14 -54.35 46.28 6.46
N ARG I 15 -55.39 47.05 6.20
CA ARG I 15 -55.26 48.46 5.86
C ARG I 15 -55.64 49.25 7.10
N VAL I 16 -54.66 49.95 7.67
CA VAL I 16 -54.84 50.70 8.90
C VAL I 16 -54.89 52.18 8.54
N PHE I 17 -56.10 52.75 8.59
CA PHE I 17 -56.32 54.18 8.46
C PHE I 17 -56.51 54.75 9.86
N LEU I 18 -55.66 55.68 10.24
CA LEU I 18 -55.73 56.36 11.51
C LEU I 18 -56.17 57.80 11.24
N ARG I 19 -57.38 58.14 11.66
CA ARG I 19 -57.76 59.53 11.55
C ARG I 19 -57.98 60.10 12.95
N PRO I 20 -57.52 61.33 13.22
CA PRO I 20 -57.69 61.89 14.57
C PRO I 20 -59.14 61.84 15.02
N GLY I 21 -59.36 61.36 16.23
CA GLY I 21 -60.72 61.21 16.71
C GLY I 21 -60.79 60.75 18.14
N ASN I 22 -61.98 60.27 18.53
CA ASN I 22 -62.24 59.86 19.89
C ASN I 22 -61.36 58.69 20.33
N GLY I 23 -60.87 57.89 19.39
CA GLY I 23 -60.15 56.68 19.72
C GLY I 23 -60.92 55.40 19.57
N LYS I 24 -61.97 55.39 18.73
CA LYS I 24 -62.75 54.20 18.46
C LYS I 24 -62.25 53.53 17.20
N VAL I 25 -62.29 52.20 17.17
CA VAL I 25 -61.67 51.40 16.13
C VAL I 25 -62.72 50.51 15.50
N THR I 26 -62.90 50.66 14.19
CA THR I 26 -63.87 49.86 13.44
C THR I 26 -63.11 48.95 12.47
N VAL I 27 -63.35 47.64 12.61
CA VAL I 27 -62.71 46.62 11.78
C VAL I 27 -63.78 45.90 11.00
N ASN I 28 -63.74 46.03 9.67
CA ASN I 28 -64.65 45.34 8.76
C ASN I 28 -66.11 45.64 9.10
N GLY I 29 -66.36 46.83 9.64
CA GLY I 29 -67.69 47.25 9.99
C GLY I 29 -68.11 46.90 11.40
N GLN I 30 -67.53 45.86 11.99
CA GLN I 30 -67.83 45.51 13.36
C GLN I 30 -66.98 46.35 14.32
N ASP I 31 -67.50 46.55 15.51
CA ASP I 31 -66.67 47.10 16.59
C ASP I 31 -65.41 46.24 16.72
N PHE I 32 -64.29 46.90 17.03
CA PHE I 32 -63.03 46.17 17.20
C PHE I 32 -63.22 44.94 18.06
N ASN I 33 -63.98 45.07 19.14
CA ASN I 33 -64.22 43.95 20.03
C ASN I 33 -65.22 42.96 19.44
N GLU I 34 -66.11 43.39 18.55
CA GLU I 34 -67.06 42.44 17.96
C GLU I 34 -66.35 41.45 17.03
N TYR I 35 -65.23 41.86 16.43
CA TYR I 35 -64.43 40.96 15.61
C TYR I 35 -63.62 40.01 16.48
N PHE I 36 -62.94 40.57 17.48
CA PHE I 36 -62.10 39.91 18.47
C PHE I 36 -62.92 39.57 19.71
N GLN I 37 -62.28 39.55 20.87
CA GLN I 37 -62.97 39.36 22.14
C GLN I 37 -63.57 37.97 22.23
N GLY I 38 -62.69 37.05 22.52
CA GLY I 38 -62.86 35.62 22.46
C GLY I 38 -61.43 35.27 22.16
N LEU I 39 -60.64 36.33 22.08
CA LEU I 39 -59.22 36.28 21.79
C LEU I 39 -58.50 37.13 22.81
N VAL I 40 -57.62 36.50 23.58
CA VAL I 40 -56.90 37.22 24.63
C VAL I 40 -55.85 38.15 24.03
N ARG I 41 -55.14 37.68 23.00
CA ARG I 41 -54.09 38.46 22.39
C ARG I 41 -54.60 39.68 21.63
N ALA I 42 -55.91 39.86 21.52
CA ALA I 42 -56.46 40.90 20.64
C ALA I 42 -55.86 42.26 20.93
N VAL I 43 -55.81 42.64 22.21
CA VAL I 43 -55.37 43.97 22.60
C VAL I 43 -53.98 44.28 22.07
N ALA I 44 -53.17 43.25 21.82
CA ALA I 44 -51.80 43.48 21.34
C ALA I 44 -51.79 44.29 20.05
N ALA I 45 -52.82 44.15 19.22
CA ALA I 45 -52.90 44.95 18.00
C ALA I 45 -52.69 46.44 18.27
N LEU I 46 -53.28 46.95 19.35
CA LEU I 46 -53.25 48.38 19.64
C LEU I 46 -51.97 48.81 20.35
N GLU I 47 -51.00 47.91 20.51
CA GLU I 47 -49.78 48.23 21.24
C GLU I 47 -49.05 49.48 20.75
N PRO I 48 -48.94 49.78 19.44
CA PRO I 48 -48.28 51.04 19.06
C PRO I 48 -48.88 52.27 19.71
N LEU I 49 -50.20 52.32 19.81
CA LEU I 49 -50.84 53.50 20.40
C LEU I 49 -50.47 53.65 21.86
N ARG I 50 -50.46 52.55 22.61
CA ARG I 50 -49.97 52.61 23.98
C ARG I 50 -48.48 52.90 24.02
N ALA I 51 -47.74 52.54 22.98
CA ALA I 51 -46.31 52.77 22.98
C ALA I 51 -45.99 54.25 22.84
N VAL I 52 -46.73 54.96 21.97
CA VAL I 52 -46.54 56.40 21.81
C VAL I 52 -47.51 57.21 22.63
N ASP I 53 -48.32 56.56 23.47
CA ASP I 53 -49.32 57.23 24.30
C ASP I 53 -50.26 58.06 23.44
N ALA I 54 -50.82 57.43 22.41
CA ALA I 54 -51.87 58.12 21.68
C ALA I 54 -53.25 57.69 22.18
N LEU I 55 -53.66 56.46 21.84
CA LEU I 55 -54.82 55.74 22.39
C LEU I 55 -56.16 56.46 22.24
N GLY I 56 -56.14 57.78 22.10
CA GLY I 56 -57.36 58.55 22.12
C GLY I 56 -57.28 59.71 21.16
N HIS I 57 -56.09 59.90 20.59
CA HIS I 57 -55.93 60.90 19.55
C HIS I 57 -56.63 60.46 18.27
N PHE I 58 -56.48 59.20 17.90
CA PHE I 58 -56.89 58.69 16.60
C PHE I 58 -57.97 57.62 16.75
N ASP I 59 -59.09 57.83 16.08
CA ASP I 59 -59.95 56.73 15.64
C ASP I 59 -59.22 55.94 14.56
N ALA I 60 -59.69 54.71 14.34
CA ALA I 60 -59.07 53.84 13.34
C ALA I 60 -60.15 53.14 12.53
N TYR I 61 -59.88 52.96 11.25
CA TYR I 61 -60.69 52.16 10.34
C TYR I 61 -59.76 51.18 9.66
N ILE I 62 -60.07 49.89 9.78
CA ILE I 62 -59.14 48.83 9.37
C ILE I 62 -59.85 47.85 8.45
N THR I 63 -59.15 47.40 7.42
CA THR I 63 -59.67 46.43 6.47
C THR I 63 -58.75 45.22 6.44
N VAL I 64 -59.21 44.08 6.97
CA VAL I 64 -58.36 42.91 7.13
C VAL I 64 -58.86 41.79 6.22
N ARG I 65 -57.93 41.14 5.53
CA ARG I 65 -58.25 39.96 4.74
C ARG I 65 -57.01 39.07 4.68
N GLY I 66 -57.22 37.77 4.71
CA GLY I 66 -56.11 36.85 4.76
C GLY I 66 -55.83 36.36 6.16
N GLY I 67 -55.27 35.16 6.26
CA GLY I 67 -54.89 34.48 7.50
C GLY I 67 -56.04 34.29 8.50
N GLY I 68 -55.65 33.82 9.67
CA GLY I 68 -56.55 33.78 10.81
C GLY I 68 -56.42 35.04 11.63
N LYS I 69 -57.29 35.14 12.64
CA LYS I 69 -57.44 36.42 13.33
C LYS I 69 -56.21 36.81 14.13
N SER I 70 -55.32 35.86 14.46
CA SER I 70 -54.08 36.21 15.14
C SER I 70 -53.13 36.96 14.22
N GLY I 71 -52.77 36.34 13.10
CA GLY I 71 -51.96 37.01 12.10
C GLY I 71 -52.59 38.33 11.66
N GLN I 72 -53.91 38.38 11.63
CA GLN I 72 -54.57 39.66 11.39
C GLN I 72 -54.23 40.66 12.50
N ILE I 73 -54.24 40.21 13.76
CA ILE I 73 -53.87 41.12 14.86
C ILE I 73 -52.46 41.64 14.66
N ASP I 74 -51.54 40.79 14.20
CA ASP I 74 -50.17 41.25 14.01
C ASP I 74 -50.06 42.21 12.84
N ALA I 75 -50.77 41.95 11.75
CA ALA I 75 -50.77 42.90 10.65
C ALA I 75 -51.39 44.22 11.06
N ILE I 76 -52.32 44.20 12.01
CA ILE I 76 -52.91 45.44 12.52
C ILE I 76 -51.89 46.18 13.38
N LYS I 77 -51.21 45.46 14.27
CA LYS I 77 -50.13 46.07 15.04
C LYS I 77 -49.15 46.77 14.11
N LEU I 78 -48.74 46.08 13.05
CA LEU I 78 -47.80 46.66 12.11
C LEU I 78 -48.40 47.86 11.39
N GLY I 79 -49.64 47.74 10.92
CA GLY I 79 -50.26 48.84 10.20
C GLY I 79 -50.42 50.09 11.04
N ILE I 80 -50.86 49.92 12.29
CA ILE I 80 -50.90 51.04 13.22
C ILE I 80 -49.51 51.62 13.42
N ALA I 81 -48.49 50.76 13.44
CA ALA I 81 -47.12 51.26 13.62
C ALA I 81 -46.65 52.07 12.41
N ARG I 82 -47.09 51.69 11.20
CA ARG I 82 -46.68 52.40 10.00
C ARG I 82 -47.45 53.69 9.82
N ALA I 83 -48.76 53.68 10.02
CA ALA I 83 -49.53 54.91 10.02
C ALA I 83 -49.02 55.86 11.09
N LEU I 84 -48.64 55.31 12.24
CA LEU I 84 -48.10 56.12 13.33
C LEU I 84 -46.77 56.74 12.93
N VAL I 85 -45.88 55.95 12.31
CA VAL I 85 -44.59 56.47 11.90
C VAL I 85 -44.75 57.53 10.82
N GLN I 86 -45.61 57.27 9.83
CA GLN I 86 -45.86 58.23 8.77
C GLN I 86 -46.56 59.48 9.29
N TYR I 87 -47.28 59.37 10.40
CA TYR I 87 -47.81 60.56 11.06
C TYR I 87 -46.67 61.46 11.54
N ASN I 88 -45.88 60.96 12.49
CA ASN I 88 -44.72 61.68 12.99
C ASN I 88 -43.51 60.78 12.83
N PRO I 89 -42.62 61.06 11.87
CA PRO I 89 -41.42 60.22 11.74
C PRO I 89 -40.55 60.23 12.98
N ASP I 90 -40.66 61.24 13.84
CA ASP I 90 -39.98 61.23 15.13
C ASP I 90 -40.29 59.98 15.94
N TYR I 91 -41.43 59.32 15.67
CA TYR I 91 -41.79 58.13 16.43
C TYR I 91 -40.92 56.93 16.07
N ARG I 92 -40.20 56.97 14.95
CA ARG I 92 -39.35 55.83 14.57
C ARG I 92 -38.40 55.46 15.69
N ALA I 93 -37.56 56.42 16.11
CA ALA I 93 -36.63 56.20 17.21
C ALA I 93 -37.33 55.81 18.51
N LYS I 94 -38.63 56.10 18.63
CA LYS I 94 -39.37 55.67 19.81
C LYS I 94 -39.95 54.26 19.63
N LEU I 95 -40.35 53.92 18.40
CA LEU I 95 -41.03 52.65 18.12
C LEU I 95 -40.07 51.55 17.73
N LYS I 96 -38.93 51.89 17.13
CA LYS I 96 -38.00 50.87 16.63
C LYS I 96 -37.53 49.91 17.70
N PRO I 97 -37.06 50.35 18.89
CA PRO I 97 -36.60 49.37 19.88
C PRO I 97 -37.64 48.33 20.25
N LEU I 98 -38.91 48.72 20.30
CA LEU I 98 -39.96 47.75 20.56
C LEU I 98 -40.23 46.86 19.36
N GLY I 99 -39.71 47.22 18.17
CA GLY I 99 -39.81 46.37 17.02
C GLY I 99 -41.21 46.17 16.48
N PHE I 100 -42.11 47.13 16.69
CA PHE I 100 -43.44 47.02 16.10
C PHE I 100 -43.39 47.18 14.59
N LEU I 101 -42.43 47.96 14.09
CA LEU I 101 -42.25 48.18 12.66
C LEU I 101 -41.48 47.05 11.98
N THR I 102 -41.07 46.03 12.73
CA THR I 102 -40.43 44.86 12.15
C THR I 102 -41.50 43.88 11.65
N ARG I 103 -41.32 43.39 10.44
CA ARG I 103 -42.26 42.46 9.82
C ARG I 103 -41.86 41.02 10.15
N ASP I 104 -42.86 40.18 10.42
CA ASP I 104 -42.61 38.80 10.85
C ASP I 104 -42.66 37.88 9.64
N ALA I 105 -41.47 37.46 9.19
CA ALA I 105 -41.30 36.68 7.97
C ALA I 105 -41.57 35.19 8.18
N ARG I 106 -42.19 34.81 9.30
CA ARG I 106 -42.44 33.41 9.58
C ARG I 106 -43.67 32.93 8.82
N VAL I 107 -43.50 31.86 8.04
CA VAL I 107 -44.56 31.31 7.22
C VAL I 107 -44.61 29.79 7.40
N VAL I 108 -45.75 29.22 7.06
CA VAL I 108 -45.93 27.78 7.13
C VAL I 108 -44.95 27.11 6.18
N GLU I 109 -44.07 26.29 6.73
CA GLU I 109 -43.05 25.64 5.93
C GLU I 109 -43.69 24.70 4.93
N ARG I 110 -43.19 24.74 3.70
CA ARG I 110 -43.72 23.91 2.63
C ARG I 110 -43.60 22.43 2.99
N LYS I 111 -44.68 21.68 2.78
CA LYS I 111 -44.64 20.24 2.97
C LYS I 111 -43.71 19.59 1.95
N LYS I 112 -42.87 18.67 2.42
CA LYS I 112 -41.91 17.98 1.56
C LYS I 112 -42.35 16.55 1.32
N TYR I 113 -42.02 16.05 0.12
CA TYR I 113 -42.26 14.64 -0.17
C TYR I 113 -41.36 13.77 0.71
N GLY I 114 -41.88 12.61 1.09
CA GLY I 114 -41.16 11.70 1.96
C GLY I 114 -41.36 11.98 3.43
N LYS I 115 -41.59 13.23 3.81
CA LYS I 115 -41.96 13.58 5.17
C LYS I 115 -43.48 13.70 5.26
N HIS I 116 -43.98 13.58 6.49
CA HIS I 116 -45.42 13.67 6.69
C HIS I 116 -45.88 15.12 6.60
N LYS I 117 -45.34 16.00 7.45
CA LYS I 117 -45.52 17.43 7.30
C LYS I 117 -44.17 18.11 7.35
N ALA I 118 -43.43 18.04 6.25
CA ALA I 118 -42.30 18.92 5.97
C ALA I 118 -41.15 18.83 6.97
N ARG I 119 -41.40 18.25 8.14
CA ARG I 119 -40.33 17.93 9.06
C ARG I 119 -40.56 16.55 9.64
N ARG I 120 -41.83 16.26 9.92
CA ARG I 120 -42.20 15.03 10.61
C ARG I 120 -41.94 13.84 9.71
N ALA I 121 -40.92 13.05 10.04
CA ALA I 121 -40.59 11.89 9.22
C ALA I 121 -41.40 10.67 9.67
N PRO I 122 -41.72 9.77 8.74
CA PRO I 122 -42.43 8.56 9.13
C PRO I 122 -41.59 7.67 10.04
N GLN I 123 -42.24 7.10 11.05
CA GLN I 123 -41.54 6.27 12.01
C GLN I 123 -41.21 4.91 11.40
N TYR I 124 -40.15 4.28 11.92
CA TYR I 124 -39.67 3.02 11.37
C TYR I 124 -39.34 2.05 12.49
N SER I 125 -39.09 0.80 12.10
CA SER I 125 -38.90 -0.31 13.05
C SER I 125 -37.55 -1.00 12.90
N LYS I 126 -37.15 -1.32 11.67
CA LYS I 126 -35.93 -2.06 11.34
C LYS I 126 -36.07 -3.53 11.71
N ARG I 127 -37.17 -3.89 12.37
CA ARG I 127 -37.47 -5.27 12.73
C ARG I 127 -38.90 -5.39 13.24
N LYS J 1 -64.15 48.22 -26.32
CA LYS J 1 -65.05 47.30 -25.64
C LYS J 1 -64.99 45.92 -26.28
N ILE J 2 -63.77 45.47 -26.57
CA ILE J 2 -63.52 44.20 -27.23
C ILE J 2 -62.65 43.34 -26.32
N ARG J 3 -63.21 42.23 -25.83
CA ARG J 3 -62.54 41.40 -24.86
C ARG J 3 -61.41 40.61 -25.50
N ILE J 4 -60.22 40.69 -24.93
CA ILE J 4 -59.07 39.92 -25.38
C ILE J 4 -58.47 39.16 -24.20
N LYS J 5 -58.35 37.85 -24.34
CA LYS J 5 -57.70 37.00 -23.34
C LYS J 5 -56.48 36.37 -23.99
N LEU J 6 -55.29 36.81 -23.59
CA LEU J 6 -54.04 36.26 -24.11
C LEU J 6 -53.56 35.19 -23.16
N ARG J 7 -53.33 33.97 -23.67
CA ARG J 7 -52.90 32.89 -22.79
C ARG J 7 -51.73 32.13 -23.41
N GLY J 8 -50.83 31.68 -22.54
CA GLY J 8 -49.67 30.94 -23.04
C GLY J 8 -48.84 30.38 -21.91
N PHE J 9 -47.93 29.49 -22.28
CA PHE J 9 -47.03 28.86 -21.32
C PHE J 9 -45.79 29.70 -21.04
N ASP J 10 -45.46 30.63 -21.93
CA ASP J 10 -44.26 31.44 -21.82
C ASP J 10 -44.68 32.88 -21.49
N HIS J 11 -44.34 33.33 -20.28
CA HIS J 11 -44.66 34.70 -19.88
C HIS J 11 -43.98 35.72 -20.78
N LYS J 12 -42.76 35.41 -21.25
CA LYS J 12 -42.06 36.31 -22.15
C LYS J 12 -42.82 36.50 -23.45
N THR J 13 -43.28 35.40 -24.04
CA THR J 13 -44.00 35.47 -25.31
C THR J 13 -45.29 36.27 -25.15
N LEU J 14 -46.06 35.98 -24.11
CA LEU J 14 -47.29 36.72 -23.85
C LEU J 14 -47.01 38.20 -23.71
N ASP J 15 -46.19 38.57 -22.72
CA ASP J 15 -45.93 39.99 -22.45
C ASP J 15 -45.44 40.70 -23.72
N ALA J 16 -44.38 40.15 -24.34
CA ALA J 16 -43.79 40.79 -25.51
C ALA J 16 -44.80 40.93 -26.64
N SER J 17 -45.72 39.98 -26.78
CA SER J 17 -46.72 40.09 -27.84
C SER J 17 -47.78 41.13 -27.49
N ALA J 18 -48.21 41.17 -26.23
CA ALA J 18 -49.20 42.14 -25.81
C ALA J 18 -48.69 43.57 -26.03
N GLN J 19 -47.40 43.80 -25.82
CA GLN J 19 -46.85 45.13 -26.09
C GLN J 19 -46.95 45.48 -27.57
N LYS J 20 -46.76 44.51 -28.46
CA LYS J 20 -46.94 44.78 -29.88
C LYS J 20 -48.40 45.05 -30.22
N ILE J 21 -49.33 44.37 -29.55
CA ILE J 21 -50.74 44.68 -29.74
C ILE J 21 -51.02 46.13 -29.31
N VAL J 22 -50.40 46.57 -28.22
CA VAL J 22 -50.62 47.94 -27.74
C VAL J 22 -50.01 48.95 -28.71
N GLU J 23 -48.80 48.68 -29.21
CA GLU J 23 -48.20 49.59 -30.17
C GLU J 23 -48.92 49.59 -31.51
N ALA J 24 -49.68 48.54 -31.82
CA ALA J 24 -50.48 48.53 -33.03
C ALA J 24 -51.81 49.24 -32.83
N ALA J 25 -52.38 49.22 -31.63
CA ALA J 25 -53.68 49.83 -31.39
C ALA J 25 -53.60 51.23 -30.79
N ARG J 26 -52.40 51.72 -30.44
CA ARG J 26 -52.28 53.06 -29.90
C ARG J 26 -52.24 54.11 -31.00
N ARG J 27 -51.47 53.86 -32.06
CA ARG J 27 -51.42 54.80 -33.17
C ARG J 27 -52.76 54.86 -33.89
N SER J 28 -53.45 53.73 -34.01
CA SER J 28 -54.64 53.62 -34.85
C SER J 28 -55.93 53.51 -34.04
N GLY J 29 -55.88 53.65 -32.73
CA GLY J 29 -57.04 53.44 -31.88
C GLY J 29 -57.08 54.36 -30.69
N ALA J 30 -57.64 53.86 -29.59
CA ALA J 30 -57.92 54.68 -28.42
C ALA J 30 -56.78 54.57 -27.40
N GLN J 31 -56.95 55.23 -26.26
CA GLN J 31 -55.95 55.27 -25.19
C GLN J 31 -55.95 53.91 -24.50
N VAL J 32 -55.22 52.97 -25.11
CA VAL J 32 -55.21 51.56 -24.75
C VAL J 32 -55.11 51.35 -23.24
N SER J 33 -56.03 50.56 -22.70
CA SER J 33 -56.19 50.41 -21.26
C SER J 33 -55.07 49.61 -20.58
N GLY J 34 -54.08 49.15 -21.32
CA GLY J 34 -53.00 48.41 -20.72
C GLY J 34 -53.41 46.99 -20.38
N PRO J 35 -52.48 46.05 -20.48
CA PRO J 35 -52.79 44.64 -20.18
C PRO J 35 -52.86 44.39 -18.67
N ILE J 36 -53.94 43.74 -18.24
CA ILE J 36 -54.10 43.41 -16.82
C ILE J 36 -53.51 42.03 -16.58
N PRO J 37 -52.88 41.79 -15.43
CA PRO J 37 -52.10 40.54 -15.26
C PRO J 37 -52.89 39.23 -15.27
N LEU J 38 -54.05 39.14 -14.59
CA LEU J 38 -54.84 37.90 -14.66
C LEU J 38 -54.09 36.65 -14.20
N PRO J 39 -54.14 36.31 -12.89
CA PRO J 39 -53.24 35.31 -12.28
C PRO J 39 -53.03 34.00 -13.03
N THR J 40 -51.94 33.32 -12.68
CA THR J 40 -51.48 32.11 -13.35
C THR J 40 -52.21 30.86 -12.84
N ARG J 41 -52.44 29.91 -13.74
CA ARG J 41 -52.98 28.60 -13.38
C ARG J 41 -51.83 27.59 -13.39
N VAL J 42 -51.57 26.98 -12.23
CA VAL J 42 -50.44 26.06 -12.06
C VAL J 42 -50.98 24.64 -11.96
N ARG J 43 -50.40 23.73 -12.74
CA ARG J 43 -50.78 22.33 -12.69
C ARG J 43 -49.53 21.50 -12.41
N ARG J 44 -49.51 20.83 -11.25
CA ARG J 44 -48.34 20.07 -10.80
C ARG J 44 -48.58 18.57 -10.91
N PHE J 45 -47.54 17.86 -11.36
CA PHE J 45 -47.56 16.41 -11.51
C PHE J 45 -46.47 15.85 -10.61
N THR J 46 -46.82 14.95 -9.70
CA THR J 46 -45.82 14.32 -8.85
C THR J 46 -45.69 12.84 -9.21
N VAL J 47 -44.47 12.43 -9.51
CA VAL J 47 -44.22 11.11 -10.06
C VAL J 47 -42.93 10.58 -9.45
N ILE J 48 -42.99 9.36 -8.89
CA ILE J 48 -41.82 8.71 -8.34
C ILE J 48 -40.68 8.73 -9.34
N ARG J 49 -39.46 8.95 -8.85
CA ARG J 49 -38.30 8.99 -9.74
C ARG J 49 -37.98 7.62 -10.28
N GLY J 50 -37.99 6.61 -9.41
CA GLY J 50 -37.62 5.27 -9.81
C GLY J 50 -38.72 4.56 -10.57
N PRO J 51 -38.33 3.67 -11.47
CA PRO J 51 -39.33 2.75 -12.03
C PRO J 51 -39.81 1.70 -11.03
N PHE J 52 -39.00 1.36 -10.02
CA PHE J 52 -39.39 0.42 -8.97
C PHE J 52 -39.44 1.16 -7.63
N LYS J 53 -39.64 0.40 -6.55
CA LYS J 53 -40.35 0.90 -5.36
C LYS J 53 -40.00 2.31 -4.91
N HIS J 54 -38.84 2.50 -4.28
CA HIS J 54 -38.24 3.81 -4.05
C HIS J 54 -39.22 4.96 -3.83
N LYS J 55 -40.10 4.83 -2.83
CA LYS J 55 -41.30 5.66 -2.78
C LYS J 55 -41.00 7.13 -2.54
N ASP J 56 -39.84 7.47 -1.99
CA ASP J 56 -39.61 8.79 -1.43
C ASP J 56 -38.62 9.66 -2.23
N SER J 57 -38.69 9.62 -3.55
CA SER J 57 -37.88 10.51 -4.40
C SER J 57 -38.70 11.57 -5.14
N ARG J 58 -39.60 11.15 -6.02
CA ARG J 58 -40.78 11.89 -6.48
C ARG J 58 -40.64 13.14 -7.38
N GLU J 59 -39.51 13.85 -7.36
CA GLU J 59 -39.18 14.90 -8.36
C GLU J 59 -40.36 15.57 -9.07
N HIS J 60 -41.26 16.27 -8.38
CA HIS J 60 -42.46 16.68 -9.11
C HIS J 60 -42.19 17.86 -10.05
N PHE J 61 -43.10 17.99 -11.02
CA PHE J 61 -43.06 18.95 -12.12
C PHE J 61 -44.26 19.88 -12.04
N GLU J 62 -44.19 20.95 -12.84
CA GLU J 62 -45.28 21.89 -12.96
C GLU J 62 -45.38 22.36 -14.41
N LEU J 63 -46.60 22.73 -14.80
CA LEU J 63 -46.91 23.31 -16.09
C LEU J 63 -47.84 24.48 -15.83
N ARG J 64 -47.40 25.69 -16.15
CA ARG J 64 -48.08 26.90 -15.72
C ARG J 64 -48.58 27.69 -16.92
N THR J 65 -49.81 28.17 -16.79
CA THR J 65 -50.53 28.91 -17.84
C THR J 65 -50.67 30.35 -17.39
N HIS J 66 -49.98 31.25 -18.09
CA HIS J 66 -50.05 32.68 -17.85
C HIS J 66 -51.10 33.31 -18.75
N ASN J 67 -51.66 34.44 -18.29
CA ASN J 67 -52.79 35.10 -18.95
C ASN J 67 -52.59 36.62 -18.96
N ARG J 68 -53.30 37.28 -19.87
CA ARG J 68 -53.27 38.73 -20.09
C ARG J 68 -54.64 39.16 -20.63
N LEU J 69 -54.87 40.49 -20.66
CA LEU J 69 -56.24 40.99 -20.62
C LEU J 69 -56.53 42.21 -21.50
N VAL J 70 -55.80 42.42 -22.60
CA VAL J 70 -55.57 43.76 -23.16
C VAL J 70 -56.76 44.71 -23.16
N ASP J 71 -57.90 44.30 -23.76
CA ASP J 71 -59.18 45.00 -23.58
C ASP J 71 -59.12 46.48 -23.98
N ILE J 72 -59.02 46.70 -25.29
CA ILE J 72 -59.02 48.07 -25.83
C ILE J 72 -60.44 48.62 -25.90
N ILE J 73 -60.62 49.85 -25.41
CA ILE J 73 -61.89 50.57 -25.56
C ILE J 73 -61.92 51.27 -26.91
N ASN J 74 -63.13 51.66 -27.35
CA ASN J 74 -63.36 52.34 -28.61
C ASN J 74 -62.87 51.50 -29.78
N PRO J 75 -63.58 50.43 -30.13
CA PRO J 75 -63.14 49.58 -31.24
C PRO J 75 -63.26 50.30 -32.57
N ASN J 76 -62.34 51.23 -32.84
CA ASN J 76 -62.35 51.93 -34.11
C ASN J 76 -61.97 50.98 -35.23
N ARG J 77 -62.66 51.12 -36.37
CA ARG J 77 -62.36 50.27 -37.52
C ARG J 77 -60.99 50.57 -38.10
N LYS J 78 -60.44 51.76 -37.87
CA LYS J 78 -59.08 52.07 -38.28
C LYS J 78 -58.05 51.41 -37.38
N THR J 79 -58.46 50.86 -36.23
CA THR J 79 -57.53 50.15 -35.36
C THR J 79 -57.17 48.78 -35.95
N ILE J 80 -58.16 48.07 -36.49
CA ILE J 80 -57.98 46.71 -36.99
C ILE J 80 -57.06 46.72 -38.21
N GLU J 81 -56.67 47.91 -38.66
CA GLU J 81 -55.68 48.01 -39.72
C GLU J 81 -54.35 47.42 -39.28
N GLN J 82 -53.73 48.04 -38.27
CA GLN J 82 -52.49 47.49 -37.73
C GLN J 82 -52.72 46.11 -37.11
N LEU J 83 -53.96 45.78 -36.79
CA LEU J 83 -54.27 44.54 -36.10
C LEU J 83 -54.68 43.46 -37.09
N MET J 84 -55.25 42.39 -36.53
CA MET J 84 -55.97 41.30 -37.15
C MET J 84 -55.12 40.25 -37.86
N THR J 85 -53.90 40.59 -38.27
CA THR J 85 -52.81 39.61 -38.37
C THR J 85 -51.47 40.30 -38.58
N LEU J 86 -50.73 40.56 -37.50
CA LEU J 86 -49.31 40.97 -37.63
C LEU J 86 -48.63 40.53 -36.33
N ASP J 87 -47.97 39.36 -36.38
CA ASP J 87 -47.49 38.78 -35.14
C ASP J 87 -46.26 37.91 -35.35
N LEU J 88 -45.33 38.00 -34.40
CA LEU J 88 -44.22 37.08 -34.17
C LEU J 88 -44.58 35.82 -33.37
N PRO J 89 -45.35 35.91 -32.27
CA PRO J 89 -45.45 34.76 -31.35
C PRO J 89 -46.19 33.58 -31.96
N THR J 90 -45.72 32.38 -31.60
CA THR J 90 -46.27 31.13 -32.12
C THR J 90 -47.02 30.31 -31.07
N GLY J 91 -46.39 30.04 -29.93
CA GLY J 91 -47.02 29.23 -28.91
C GLY J 91 -47.93 29.98 -27.98
N VAL J 92 -48.50 31.08 -28.46
CA VAL J 92 -49.41 31.94 -27.69
C VAL J 92 -50.77 31.91 -28.34
N GLU J 93 -51.82 31.71 -27.53
CA GLU J 93 -53.18 31.65 -28.03
C GLU J 93 -53.96 32.89 -27.61
N ILE J 94 -54.88 33.31 -28.49
CA ILE J 94 -55.56 34.60 -28.39
C ILE J 94 -57.07 34.38 -28.46
N GLU J 95 -57.79 34.85 -27.44
CA GLU J 95 -59.25 34.82 -27.40
C GLU J 95 -59.80 36.22 -27.59
N ILE J 96 -60.87 36.33 -28.35
CA ILE J 96 -61.49 37.60 -28.68
C ILE J 96 -63.01 37.45 -28.51
N LYS J 97 -63.63 38.47 -27.92
CA LYS J 97 -65.07 38.46 -27.69
C LYS J 97 -65.60 39.89 -27.82
N THR J 98 -66.92 40.00 -27.95
CA THR J 98 -67.58 41.29 -28.10
C THR J 98 -67.84 41.96 -26.75
N VAL J 99 -67.05 42.98 -26.44
N LYS K 1 -13.95 9.77 81.21
CA LYS K 1 -13.93 10.99 82.00
C LYS K 1 -12.49 11.34 82.39
N ARG K 2 -11.68 11.75 81.42
CA ARG K 2 -10.28 12.07 81.67
C ARG K 2 -9.98 13.55 81.66
N GLN K 3 -10.70 14.34 80.86
CA GLN K 3 -10.43 15.77 80.70
C GLN K 3 -9.03 16.02 80.12
N VAL K 4 -8.86 15.56 78.88
CA VAL K 4 -7.58 15.67 78.19
C VAL K 4 -7.35 17.09 77.69
N ALA K 5 -8.29 17.60 76.90
CA ALA K 5 -8.31 18.98 76.40
C ALA K 5 -7.25 19.27 75.35
N SER K 6 -6.36 18.32 75.09
CA SER K 6 -5.32 18.49 74.07
C SER K 6 -4.76 17.12 73.73
N GLY K 7 -4.56 16.86 72.45
CA GLY K 7 -4.10 15.55 72.04
C GLY K 7 -3.64 15.52 70.60
N ARG K 8 -3.66 14.32 70.02
CA ARG K 8 -3.20 14.07 68.67
C ARG K 8 -4.29 13.36 67.87
N ALA K 9 -4.58 13.88 66.68
CA ALA K 9 -5.61 13.31 65.82
C ALA K 9 -4.95 12.61 64.64
N TYR K 10 -4.86 11.28 64.73
CA TYR K 10 -4.32 10.45 63.66
C TYR K 10 -5.37 10.20 62.58
N ILE K 11 -4.92 10.24 61.33
CA ILE K 11 -5.76 9.97 60.17
C ILE K 11 -5.09 8.88 59.33
N HIS K 12 -5.77 7.75 59.17
CA HIS K 12 -5.30 6.60 58.40
C HIS K 12 -6.19 6.49 57.17
N ALA K 13 -5.75 7.06 56.06
CA ALA K 13 -6.50 7.04 54.81
C ALA K 13 -5.96 5.96 53.89
N SER K 14 -6.86 5.34 53.14
CA SER K 14 -6.48 4.37 52.13
C SER K 14 -7.54 4.40 51.04
N TYR K 15 -7.21 3.78 49.91
CA TYR K 15 -8.17 3.75 48.81
C TYR K 15 -9.41 2.92 49.14
N ASN K 16 -9.46 2.27 50.30
CA ASN K 16 -10.63 1.51 50.70
C ASN K 16 -11.40 2.12 51.85
N ASN K 17 -10.73 2.86 52.73
CA ASN K 17 -11.40 3.39 53.91
C ASN K 17 -10.54 4.48 54.51
N THR K 18 -11.18 5.32 55.32
CA THR K 18 -10.51 6.38 56.06
C THR K 18 -10.92 6.27 57.51
N ILE K 19 -9.95 6.22 58.42
CA ILE K 19 -10.24 5.95 59.83
C ILE K 19 -9.47 6.92 60.72
N VAL K 20 -10.18 7.53 61.66
CA VAL K 20 -9.66 8.59 62.51
C VAL K 20 -9.47 8.03 63.92
N THR K 21 -8.29 8.24 64.48
CA THR K 21 -7.98 7.79 65.83
C THR K 21 -7.48 8.99 66.63
N ILE K 22 -8.21 9.36 67.68
CA ILE K 22 -7.91 10.56 68.47
C ILE K 22 -7.35 10.14 69.83
N THR K 23 -6.19 10.72 70.19
CA THR K 23 -5.36 10.26 71.29
C THR K 23 -5.00 11.40 72.24
N ASP K 24 -4.51 10.99 73.40
CA ASP K 24 -3.88 11.91 74.35
C ASP K 24 -2.51 12.31 73.81
N PRO K 25 -1.86 13.30 74.43
CA PRO K 25 -0.53 13.72 73.94
C PRO K 25 0.51 12.61 73.95
N ASP K 26 0.36 11.61 74.84
CA ASP K 26 1.30 10.49 74.85
C ASP K 26 1.10 9.56 73.67
N GLY K 27 -0.09 9.56 73.08
CA GLY K 27 -0.40 8.71 71.94
C GLY K 27 -1.45 7.66 72.22
N ASN K 28 -1.88 7.50 73.46
CA ASN K 28 -2.89 6.50 73.77
C ASN K 28 -4.26 7.00 73.32
N PRO K 29 -5.06 6.16 72.67
CA PRO K 29 -6.32 6.64 72.10
C PRO K 29 -7.40 6.83 73.14
N ILE K 30 -8.30 7.78 72.85
CA ILE K 30 -9.44 8.15 73.67
C ILE K 30 -10.70 7.61 73.03
N THR K 31 -10.97 8.05 71.80
CA THR K 31 -12.07 7.55 70.99
C THR K 31 -11.61 7.45 69.54
N TRP K 32 -12.52 7.06 68.66
CA TRP K 32 -12.21 6.89 67.25
C TRP K 32 -13.49 6.73 66.46
N SER K 33 -13.36 6.86 65.15
CA SER K 33 -14.45 6.68 64.20
C SER K 33 -13.87 6.25 62.86
N SER K 34 -14.74 5.95 61.91
CA SER K 34 -14.33 5.53 60.58
C SER K 34 -15.57 5.51 59.70
N GLY K 35 -15.38 5.04 58.46
CA GLY K 35 -16.50 4.92 57.55
C GLY K 35 -17.49 3.84 57.96
N GLY K 36 -17.00 2.79 58.63
CA GLY K 36 -17.88 1.73 59.08
C GLY K 36 -18.59 2.02 60.39
N VAL K 37 -18.00 2.87 61.23
CA VAL K 37 -18.68 3.31 62.43
C VAL K 37 -19.98 4.01 62.06
N ILE K 38 -19.91 4.91 61.07
CA ILE K 38 -21.14 5.38 60.45
C ILE K 38 -21.70 4.29 59.55
N GLY K 39 -22.97 4.44 59.18
CA GLY K 39 -23.70 3.40 58.51
C GLY K 39 -23.16 2.89 57.18
N TYR K 40 -22.07 3.47 56.68
CA TYR K 40 -21.51 3.04 55.41
C TYR K 40 -20.90 1.65 55.56
N LYS K 41 -21.18 0.79 54.58
CA LYS K 41 -20.78 -0.62 54.65
C LYS K 41 -19.82 -1.01 53.54
N GLY K 42 -20.22 -0.84 52.27
CA GLY K 42 -19.45 -1.37 51.16
C GLY K 42 -18.28 -0.51 50.77
N SER K 43 -18.18 -0.19 49.48
CA SER K 43 -17.10 0.65 49.00
C SER K 43 -17.25 2.11 49.44
N ARG K 44 -18.45 2.53 49.82
CA ARG K 44 -18.68 3.91 50.21
C ARG K 44 -17.75 4.36 51.34
N LYS K 45 -17.21 3.42 52.13
CA LYS K 45 -16.29 3.79 53.20
C LYS K 45 -15.06 4.52 52.69
N GLY K 46 -14.68 4.31 51.43
CA GLY K 46 -13.52 5.00 50.88
C GLY K 46 -13.88 6.29 50.19
N THR K 47 -14.83 7.01 50.75
CA THR K 47 -15.31 8.26 50.18
C THR K 47 -14.72 9.44 50.94
N PRO K 48 -14.53 10.58 50.28
CA PRO K 48 -14.24 11.82 51.04
C PRO K 48 -15.40 12.28 51.89
N TYR K 49 -16.64 11.96 51.52
CA TYR K 49 -17.78 12.25 52.39
C TYR K 49 -17.79 11.30 53.59
N ALA K 50 -17.60 10.01 53.33
CA ALA K 50 -17.47 9.04 54.42
C ALA K 50 -16.35 9.45 55.38
N ALA K 51 -15.22 9.88 54.83
CA ALA K 51 -14.16 10.41 55.67
C ALA K 51 -14.64 11.60 56.49
N GLN K 52 -15.28 12.57 55.82
CA GLN K 52 -15.77 13.75 56.52
C GLN K 52 -16.63 13.36 57.72
N LEU K 53 -17.63 12.50 57.48
CA LEU K 53 -18.49 12.04 58.56
C LEU K 53 -17.68 11.33 59.65
N ALA K 54 -16.69 10.52 59.27
CA ALA K 54 -15.92 9.79 60.25
C ALA K 54 -15.13 10.74 61.15
N ALA K 55 -14.48 11.72 60.55
CA ALA K 55 -13.71 12.68 61.32
C ALA K 55 -14.61 13.55 62.19
N LEU K 56 -15.79 13.91 61.68
CA LEU K 56 -16.69 14.71 62.51
C LEU K 56 -17.20 13.89 63.69
N ASP K 57 -17.57 12.64 63.47
CA ASP K 57 -18.00 11.79 64.57
C ASP K 57 -16.87 11.58 65.57
N ALA K 58 -15.63 11.52 65.08
CA ALA K 58 -14.49 11.42 65.97
C ALA K 58 -14.33 12.68 66.80
N ALA K 59 -14.41 13.83 66.16
CA ALA K 59 -14.27 15.09 66.86
C ALA K 59 -15.39 15.27 67.88
N LYS K 60 -16.62 14.89 67.53
CA LYS K 60 -17.74 15.01 68.45
C LYS K 60 -17.61 14.02 69.61
N LYS K 61 -17.09 12.82 69.34
CA LYS K 61 -16.80 11.89 70.42
C LYS K 61 -15.78 12.48 71.38
N ALA K 62 -14.77 13.17 70.83
CA ALA K 62 -13.72 13.74 71.65
C ALA K 62 -14.14 15.02 72.37
N MET K 63 -15.14 15.73 71.85
CA MET K 63 -15.69 16.88 72.57
C MET K 63 -16.27 16.43 73.91
N ALA K 64 -16.87 15.24 73.94
CA ALA K 64 -17.43 14.71 75.18
C ALA K 64 -16.36 14.54 76.24
N TYR K 65 -15.11 14.34 75.83
CA TYR K 65 -13.97 14.38 76.74
C TYR K 65 -13.45 15.79 76.95
N GLY K 66 -14.10 16.80 76.35
CA GLY K 66 -13.68 18.17 76.53
C GLY K 66 -12.33 18.48 75.92
N MET K 67 -12.04 17.92 74.75
CA MET K 67 -10.79 18.21 74.07
C MET K 67 -10.97 19.41 73.16
N GLN K 68 -9.96 20.29 73.14
CA GLN K 68 -9.98 21.50 72.34
C GLN K 68 -8.92 21.52 71.24
N SER K 69 -7.66 21.28 71.59
CA SER K 69 -6.56 21.37 70.64
C SER K 69 -6.10 19.97 70.23
N VAL K 70 -5.77 19.82 68.95
CA VAL K 70 -5.23 18.58 68.43
C VAL K 70 -4.04 18.88 67.53
N ASP K 71 -3.15 17.91 67.42
CA ASP K 71 -2.15 17.85 66.35
C ASP K 71 -2.55 16.72 65.42
N VAL K 72 -2.64 17.01 64.13
CA VAL K 72 -3.10 16.02 63.17
C VAL K 72 -1.89 15.32 62.56
N ILE K 73 -2.02 14.02 62.34
CA ILE K 73 -0.98 13.20 61.74
C ILE K 73 -1.66 12.32 60.70
N VAL K 74 -1.35 12.56 59.42
CA VAL K 74 -1.91 11.80 58.32
C VAL K 74 -0.97 10.67 57.94
N ARG K 75 -1.52 9.49 57.71
CA ARG K 75 -0.77 8.37 57.16
C ARG K 75 -1.61 7.71 56.07
N GLY K 76 -0.94 7.31 55.01
CA GLY K 76 -1.63 6.69 53.90
C GLY K 76 -2.09 7.71 52.88
N THR K 77 -1.91 7.37 51.60
CA THR K 77 -2.49 8.12 50.51
C THR K 77 -3.83 7.49 50.17
N GLY K 78 -4.86 8.32 50.04
CA GLY K 78 -6.17 7.80 49.72
C GLY K 78 -7.24 8.87 49.76
N ALA K 79 -8.37 8.63 49.08
CA ALA K 79 -9.44 9.60 49.06
C ALA K 79 -9.88 9.91 50.49
N GLY K 80 -10.44 11.11 50.67
CA GLY K 80 -10.92 11.52 51.97
C GLY K 80 -9.85 11.92 52.96
N ARG K 81 -8.57 11.83 52.58
CA ARG K 81 -7.52 12.32 53.47
C ARG K 81 -7.71 13.82 53.73
N GLU K 82 -7.60 14.63 52.69
CA GLU K 82 -7.70 16.07 52.84
C GLU K 82 -9.10 16.48 53.27
N GLN K 83 -10.12 15.68 52.98
CA GLN K 83 -11.47 16.00 53.43
C GLN K 83 -11.66 15.72 54.91
N ALA K 84 -11.01 14.69 55.44
CA ALA K 84 -10.99 14.52 56.88
C ALA K 84 -10.19 15.63 57.55
N ILE K 85 -9.08 16.05 56.92
CA ILE K 85 -8.34 17.21 57.39
C ILE K 85 -9.29 18.40 57.51
N ARG K 86 -9.96 18.73 56.41
CA ARG K 86 -10.83 19.91 56.42
C ARG K 86 -12.05 19.71 57.31
N ALA K 87 -12.44 18.46 57.57
CA ALA K 87 -13.51 18.21 58.52
C ALA K 87 -13.08 18.58 59.94
N LEU K 88 -11.89 18.14 60.34
CA LEU K 88 -11.38 18.53 61.65
C LEU K 88 -11.00 20.01 61.70
N GLN K 89 -10.63 20.58 60.55
CA GLN K 89 -10.03 21.91 60.52
C GLN K 89 -11.00 22.95 61.05
N ALA K 90 -12.27 22.81 60.73
CA ALA K 90 -13.35 23.46 61.48
C ALA K 90 -14.30 22.35 61.88
N SER K 91 -13.97 21.68 62.97
CA SER K 91 -14.87 20.73 63.62
C SER K 91 -15.26 21.21 65.01
N GLY K 92 -14.78 22.38 65.40
CA GLY K 92 -14.73 22.79 66.78
C GLY K 92 -13.36 22.61 67.39
N LEU K 93 -12.65 21.55 67.03
CA LEU K 93 -11.29 21.38 67.49
C LEU K 93 -10.38 22.37 66.79
N GLN K 94 -9.40 22.89 67.52
CA GLN K 94 -8.36 23.70 66.91
C GLN K 94 -7.22 22.79 66.47
N VAL K 95 -6.85 22.89 65.20
CA VAL K 95 -5.75 22.10 64.66
C VAL K 95 -4.47 22.88 64.87
N LYS K 96 -3.59 22.37 65.73
CA LYS K 96 -2.32 23.05 66.00
C LYS K 96 -1.25 22.73 64.96
N SER K 97 -1.26 21.54 64.39
CA SER K 97 -0.29 21.17 63.36
C SER K 97 -0.84 20.03 62.52
N ILE K 98 -0.38 19.97 61.27
CA ILE K 98 -0.65 18.85 60.39
C ILE K 98 0.68 18.26 59.96
N VAL K 99 0.80 16.94 60.07
CA VAL K 99 2.06 16.24 59.82
C VAL K 99 1.76 14.97 59.05
N ASP K 100 2.51 14.73 57.97
CA ASP K 100 2.32 13.55 57.13
C ASP K 100 3.39 12.53 57.48
N ASP K 101 3.00 11.47 58.18
CA ASP K 101 3.91 10.45 58.65
C ASP K 101 3.72 9.13 57.90
N THR K 102 3.33 9.21 56.63
CA THR K 102 3.01 8.00 55.87
C THR K 102 4.24 7.09 55.78
N PRO K 103 4.16 5.85 56.26
CA PRO K 103 5.37 5.01 56.31
C PRO K 103 5.77 4.55 54.92
N VAL K 104 7.04 4.75 54.60
CA VAL K 104 7.64 4.28 53.36
C VAL K 104 8.81 3.40 53.73
N PRO K 105 8.98 2.23 53.13
CA PRO K 105 10.16 1.42 53.40
C PRO K 105 11.34 1.92 52.58
N HIS K 106 12.49 1.32 52.85
CA HIS K 106 13.71 1.59 52.09
C HIS K 106 13.99 0.44 51.14
N ASN K 107 12.93 -0.04 50.46
CA ASN K 107 12.92 -1.27 49.67
C ASN K 107 13.05 -2.49 50.55
N GLY K 108 12.04 -2.68 51.40
CA GLY K 108 12.10 -3.71 52.42
C GLY K 108 11.47 -5.02 52.04
N CYS K 109 10.19 -4.99 51.70
CA CYS K 109 9.44 -6.21 51.44
C CYS K 109 8.93 -6.24 50.01
N ARG K 110 8.62 -7.45 49.55
CA ARG K 110 8.05 -7.62 48.23
C ARG K 110 6.56 -7.34 48.28
N PRO K 111 6.04 -6.39 47.52
CA PRO K 111 4.61 -6.12 47.52
C PRO K 111 3.83 -7.29 46.90
N LYS K 112 2.51 -7.23 47.06
CA LYS K 112 1.67 -8.18 46.36
C LYS K 112 1.83 -7.97 44.85
N LYS K 113 1.36 -8.98 44.09
CA LYS K 113 1.23 -8.83 42.65
C LYS K 113 0.49 -7.55 42.29
N LYS K 114 -0.48 -7.16 43.12
CA LYS K 114 -1.28 -5.97 42.86
C LYS K 114 -0.41 -4.72 42.76
N PHE K 115 0.66 -4.66 43.54
CA PHE K 115 1.44 -3.43 43.70
C PHE K 115 2.82 -3.49 43.04
N ARG K 116 3.12 -4.55 42.29
CA ARG K 116 4.47 -4.74 41.79
C ARG K 116 4.76 -3.75 40.67
N LYS K 117 5.92 -3.93 40.04
CA LYS K 117 6.43 -3.06 38.97
C LYS K 117 6.66 -1.64 39.49
N PRO L 1 32.90 -17.46 3.78
CA PRO L 1 33.83 -18.09 4.72
C PRO L 1 35.24 -17.73 4.36
N THR L 2 36.18 -17.90 5.28
CA THR L 2 37.56 -17.60 4.95
C THR L 2 38.11 -18.65 4.00
N ILE L 3 39.22 -18.31 3.37
CA ILE L 3 39.86 -19.27 2.47
C ILE L 3 40.38 -20.46 3.26
N ASN L 4 41.10 -20.20 4.36
CA ASN L 4 41.60 -21.30 5.18
C ASN L 4 40.46 -22.18 5.69
N GLN L 5 39.25 -21.63 5.83
CA GLN L 5 38.10 -22.45 6.20
C GLN L 5 37.70 -23.38 5.06
N LEU L 6 37.68 -22.86 3.83
CA LEU L 6 37.39 -23.70 2.69
C LEU L 6 38.47 -24.76 2.52
N VAL L 7 39.71 -24.41 2.85
CA VAL L 7 40.78 -25.38 2.86
C VAL L 7 40.50 -26.46 3.88
N ARG L 8 40.20 -26.07 5.12
CA ARG L 8 39.88 -27.03 6.17
C ARG L 8 38.58 -27.76 5.87
N LYS L 9 37.50 -27.01 5.72
CA LYS L 9 36.18 -27.61 5.63
C LYS L 9 35.77 -27.90 4.18
N GLY L 10 35.70 -26.86 3.36
CA GLY L 10 35.29 -26.99 1.97
C GLY L 10 33.83 -26.64 1.77
N ARG L 11 33.43 -26.67 0.51
CA ARG L 11 32.02 -26.58 0.14
C ARG L 11 31.35 -27.94 0.32
N GLU L 12 30.03 -27.96 0.22
CA GLU L 12 29.27 -29.18 0.39
C GLU L 12 28.34 -29.36 -0.79
N LYS L 13 28.49 -30.49 -1.50
CA LYS L 13 27.68 -30.80 -2.66
C LYS L 13 26.29 -31.25 -2.20
N VAL L 14 25.27 -30.53 -2.64
CA VAL L 14 23.90 -30.88 -2.28
C VAL L 14 23.40 -31.95 -3.23
N ARG L 15 22.80 -33.00 -2.68
CA ARG L 15 22.23 -34.08 -3.47
C ARG L 15 20.72 -33.91 -3.54
N LYS L 16 20.14 -34.25 -4.69
CA LYS L 16 18.70 -34.17 -4.91
C LYS L 16 18.06 -35.52 -4.66
N LYS L 17 16.85 -35.50 -4.11
CA LYS L 17 16.13 -36.72 -3.76
C LYS L 17 15.10 -37.02 -4.83
N SER L 18 15.12 -38.25 -5.33
CA SER L 18 14.27 -38.64 -6.45
C SER L 18 12.80 -38.50 -6.10
N LYS L 19 12.07 -37.73 -6.91
CA LYS L 19 10.64 -37.59 -6.74
C LYS L 19 9.86 -38.85 -7.10
N VAL L 20 10.54 -39.88 -7.61
CA VAL L 20 9.86 -41.07 -8.12
C VAL L 20 10.64 -42.31 -7.71
N PRO L 21 10.35 -42.91 -6.56
CA PRO L 21 10.85 -44.26 -6.27
C PRO L 21 10.07 -45.36 -7.01
N ALA L 22 10.06 -45.25 -8.33
CA ALA L 22 9.91 -46.39 -9.22
C ALA L 22 11.32 -46.86 -9.51
N LEU L 23 11.82 -47.72 -8.62
CA LEU L 23 13.24 -47.93 -8.41
C LEU L 23 13.94 -48.40 -9.67
N LYS L 24 15.26 -48.49 -9.58
CA LYS L 24 16.15 -48.93 -10.65
C LYS L 24 16.33 -47.83 -11.68
N GLY L 25 15.97 -46.60 -11.32
CA GLY L 25 15.91 -45.50 -12.26
C GLY L 25 15.01 -45.87 -13.41
N ALA L 26 14.10 -46.81 -13.18
CA ALA L 26 13.32 -47.37 -14.26
C ALA L 26 12.30 -46.34 -14.75
N PRO L 27 12.25 -46.07 -16.04
CA PRO L 27 11.27 -45.11 -16.55
C PRO L 27 9.84 -45.61 -16.48
N PHE L 28 9.63 -46.92 -16.35
CA PHE L 28 8.29 -47.46 -16.18
C PHE L 28 8.38 -48.67 -15.27
N ARG L 29 7.30 -48.96 -14.54
CA ARG L 29 7.29 -50.13 -13.68
C ARG L 29 5.94 -50.82 -13.76
N ARG L 30 5.97 -52.16 -13.71
CA ARG L 30 4.75 -52.97 -13.80
C ARG L 30 4.21 -53.27 -12.41
N GLY L 31 2.89 -53.13 -12.27
CA GLY L 31 2.26 -53.35 -10.99
C GLY L 31 0.92 -54.05 -11.17
N VAL L 32 0.46 -54.66 -10.08
CA VAL L 32 -0.83 -55.29 -10.03
C VAL L 32 -1.68 -54.49 -9.05
N CYS L 33 -2.89 -54.14 -9.48
CA CYS L 33 -3.74 -53.26 -8.67
C CYS L 33 -4.12 -53.94 -7.37
N THR L 34 -4.47 -53.12 -6.39
CA THR L 34 -5.07 -53.56 -5.14
C THR L 34 -6.43 -52.93 -4.92
N VAL L 35 -6.50 -51.60 -4.99
CA VAL L 35 -7.73 -50.87 -4.75
C VAL L 35 -7.90 -49.83 -5.85
N VAL L 36 -9.14 -49.66 -6.30
CA VAL L 36 -9.52 -48.57 -7.19
C VAL L 36 -10.50 -47.70 -6.44
N ARG L 37 -10.04 -46.53 -6.01
CA ARG L 37 -10.82 -45.62 -5.18
C ARG L 37 -11.09 -44.33 -5.93
N THR L 38 -11.74 -43.42 -5.21
CA THR L 38 -12.07 -42.08 -5.66
C THR L 38 -11.63 -41.12 -4.57
N VAL L 39 -10.85 -40.10 -4.94
CA VAL L 39 -10.27 -39.18 -3.99
C VAL L 39 -10.79 -37.77 -4.26
N THR L 40 -11.03 -37.01 -3.20
CA THR L 40 -11.35 -35.60 -3.34
C THR L 40 -10.07 -34.76 -3.32
N PRO L 41 -9.96 -33.79 -4.22
CA PRO L 41 -8.71 -33.02 -4.35
C PRO L 41 -8.66 -31.88 -3.34
N LYS L 42 -7.61 -31.08 -3.44
CA LYS L 42 -7.37 -29.99 -2.50
C LYS L 42 -8.15 -28.74 -2.91
N LYS L 43 -8.11 -27.74 -2.02
CA LYS L 43 -9.10 -26.66 -1.83
C LYS L 43 -9.71 -26.07 -3.09
N PRO L 44 -8.93 -25.53 -4.04
CA PRO L 44 -9.54 -24.79 -5.15
C PRO L 44 -10.40 -25.65 -6.07
N ASN L 45 -10.33 -26.98 -5.97
CA ASN L 45 -10.99 -27.89 -6.88
C ASN L 45 -11.90 -28.84 -6.14
N SER L 46 -12.74 -29.52 -6.93
CA SER L 46 -13.70 -30.49 -6.40
C SER L 46 -14.07 -31.38 -7.57
N ALA L 47 -13.83 -32.68 -7.43
CA ALA L 47 -14.18 -33.66 -8.45
C ALA L 47 -13.97 -35.04 -7.84
N LEU L 48 -14.20 -36.08 -8.64
CA LEU L 48 -13.99 -37.46 -8.21
C LEU L 48 -12.90 -38.08 -9.07
N ARG L 49 -11.66 -38.07 -8.56
CA ARG L 49 -10.50 -38.53 -9.31
C ARG L 49 -10.27 -40.01 -9.07
N LYS L 50 -10.09 -40.77 -10.15
CA LYS L 50 -9.87 -42.21 -10.08
C LYS L 50 -8.39 -42.47 -9.80
N VAL L 51 -8.12 -43.23 -8.73
CA VAL L 51 -6.76 -43.52 -8.30
C VAL L 51 -6.68 -45.02 -8.01
N ALA L 52 -5.46 -45.56 -8.06
CA ALA L 52 -5.25 -46.98 -7.82
C ALA L 52 -4.01 -47.21 -6.97
N LYS L 53 -4.17 -47.90 -5.84
CA LYS L 53 -3.04 -48.36 -5.04
C LYS L 53 -2.49 -49.63 -5.70
N VAL L 54 -1.27 -49.56 -6.20
CA VAL L 54 -0.74 -50.67 -6.99
C VAL L 54 0.51 -51.23 -6.31
N ARG L 55 0.65 -52.55 -6.40
CA ARG L 55 1.82 -53.26 -5.92
C ARG L 55 2.80 -53.37 -7.10
N LEU L 56 3.99 -52.80 -6.95
CA LEU L 56 4.96 -52.75 -8.03
C LEU L 56 5.99 -53.88 -7.91
N THR L 57 6.50 -54.32 -9.06
CA THR L 57 7.66 -55.21 -9.07
C THR L 57 8.81 -54.60 -8.30
N SER L 58 8.88 -53.26 -8.32
CA SER L 58 9.84 -52.52 -7.51
C SER L 58 9.84 -52.98 -6.05
N GLY L 59 8.68 -53.37 -5.54
CA GLY L 59 8.51 -53.63 -4.13
C GLY L 59 7.75 -52.55 -3.39
N TYR L 60 7.38 -51.47 -4.06
CA TYR L 60 6.61 -50.40 -3.47
C TYR L 60 5.14 -50.56 -3.86
N GLU L 61 4.26 -50.23 -2.93
CA GLU L 61 2.84 -50.13 -3.20
C GLU L 61 2.49 -48.65 -3.10
N VAL L 62 2.05 -48.07 -4.22
CA VAL L 62 1.87 -46.62 -4.31
C VAL L 62 0.61 -46.30 -5.08
N THR L 63 0.02 -45.15 -4.76
CA THR L 63 -1.15 -44.66 -5.47
C THR L 63 -0.71 -44.00 -6.77
N ALA L 64 -1.38 -44.38 -7.86
CA ALA L 64 -1.12 -43.80 -9.17
C ALA L 64 -2.42 -43.34 -9.78
N TYR L 65 -2.33 -42.39 -10.69
CA TYR L 65 -3.50 -41.76 -11.29
C TYR L 65 -3.92 -42.50 -12.55
N ILE L 66 -5.21 -42.47 -12.81
CA ILE L 66 -5.81 -43.14 -13.96
C ILE L 66 -6.38 -42.07 -14.89
N PRO L 67 -5.57 -41.53 -15.80
CA PRO L 67 -6.04 -40.41 -16.62
C PRO L 67 -7.09 -40.86 -17.63
N GLY L 68 -7.87 -39.90 -18.11
CA GLY L 68 -8.86 -40.13 -19.14
C GLY L 68 -10.28 -40.13 -18.60
N GLU L 69 -11.22 -40.08 -19.54
CA GLU L 69 -12.64 -39.96 -19.19
C GLU L 69 -13.22 -41.26 -18.66
N GLY L 70 -12.69 -42.41 -19.06
CA GLY L 70 -13.21 -43.68 -18.58
C GLY L 70 -12.10 -44.72 -18.51
N HIS L 71 -12.23 -45.64 -17.56
CA HIS L 71 -11.21 -46.65 -17.35
C HIS L 71 -11.83 -48.00 -17.02
N ASN L 72 -11.05 -49.05 -17.26
CA ASN L 72 -11.40 -50.42 -16.91
C ASN L 72 -10.27 -51.00 -16.07
N LEU L 73 -10.40 -50.88 -14.75
CA LEU L 73 -9.33 -51.30 -13.84
C LEU L 73 -9.97 -51.95 -12.62
N GLN L 74 -9.88 -53.27 -12.55
CA GLN L 74 -10.47 -54.02 -11.46
C GLN L 74 -9.43 -54.24 -10.35
N GLU L 75 -9.76 -55.10 -9.39
CA GLU L 75 -8.85 -55.35 -8.28
C GLU L 75 -7.53 -55.93 -8.78
N HIS L 76 -7.58 -56.91 -9.68
CA HIS L 76 -6.38 -57.64 -10.08
C HIS L 76 -5.84 -57.21 -11.45
N SER L 77 -6.21 -56.04 -11.93
CA SER L 77 -5.72 -55.59 -13.23
C SER L 77 -4.23 -55.30 -13.20
N VAL L 78 -3.50 -55.90 -14.13
CA VAL L 78 -2.07 -55.64 -14.30
C VAL L 78 -1.91 -54.37 -15.11
N VAL L 79 -1.21 -53.39 -14.54
CA VAL L 79 -1.09 -52.06 -15.13
C VAL L 79 0.39 -51.69 -15.19
N LEU L 80 0.73 -50.85 -16.17
CA LEU L 80 2.07 -50.26 -16.27
C LEU L 80 1.99 -48.80 -15.85
N ILE L 81 2.93 -48.35 -15.01
CA ILE L 81 2.88 -47.01 -14.47
C ILE L 81 4.15 -46.26 -14.83
N ARG L 82 4.00 -44.94 -14.94
CA ARG L 82 5.08 -44.01 -15.24
C ARG L 82 5.17 -42.92 -14.18
N GLY L 83 6.04 -41.94 -14.40
CA GLY L 83 6.18 -40.82 -13.50
C GLY L 83 5.21 -39.71 -13.84
N GLY L 84 5.32 -38.63 -13.07
CA GLY L 84 4.39 -37.53 -13.21
C GLY L 84 3.32 -37.60 -12.14
N ARG L 85 3.07 -36.46 -11.50
CA ARG L 85 2.19 -36.41 -10.35
C ARG L 85 0.86 -35.77 -10.74
N VAL L 86 0.01 -35.61 -9.73
CA VAL L 86 -1.25 -34.91 -9.83
C VAL L 86 -1.20 -33.80 -8.79
N LYS L 87 -0.99 -32.57 -9.22
CA LYS L 87 -0.68 -31.50 -8.29
C LYS L 87 -1.77 -31.28 -7.25
N LEU L 89 -3.81 -32.94 -5.93
CA LEU L 89 -4.23 -34.22 -5.43
C LEU L 89 -3.15 -34.86 -4.58
N PRO L 90 -3.04 -34.42 -3.32
CA PRO L 90 -1.85 -34.77 -2.51
C PRO L 90 -1.65 -36.27 -2.38
N GLY L 91 -0.39 -36.68 -2.48
CA GLY L 91 0.01 -38.06 -2.32
C GLY L 91 0.32 -38.78 -3.61
N VAL L 92 -0.41 -38.46 -4.69
CA VAL L 92 -0.26 -39.19 -5.94
C VAL L 92 0.92 -38.59 -6.70
N ARG L 93 1.94 -39.40 -6.92
CA ARG L 93 3.15 -38.96 -7.60
C ARG L 93 3.42 -39.70 -8.91
N TYR L 94 2.65 -40.72 -9.25
CA TYR L 94 2.89 -41.53 -10.44
C TYR L 94 1.63 -41.60 -11.27
N HIS L 95 1.82 -41.80 -12.57
CA HIS L 95 0.70 -41.93 -13.49
C HIS L 95 0.64 -43.34 -14.03
N ILE L 96 -0.57 -43.78 -14.31
CA ILE L 96 -0.80 -45.03 -15.02
C ILE L 96 -0.78 -44.75 -16.51
N VAL L 97 -0.17 -45.64 -17.26
CA VAL L 97 -0.16 -45.55 -18.70
C VAL L 97 -1.35 -46.35 -19.22
N ARG L 98 -2.12 -45.73 -20.11
CA ARG L 98 -3.22 -46.43 -20.77
C ARG L 98 -2.76 -47.02 -22.09
N GLY L 99 -3.51 -48.00 -22.57
CA GLY L 99 -3.06 -48.78 -23.70
C GLY L 99 -2.01 -49.81 -23.38
N VAL L 100 -1.81 -50.10 -22.09
CA VAL L 100 -0.88 -51.14 -21.65
C VAL L 100 -1.68 -52.15 -20.84
N TYR L 101 -1.00 -53.13 -20.25
CA TYR L 101 -1.47 -54.50 -20.14
C TYR L 101 -2.98 -54.68 -20.00
N ASP L 102 -3.58 -54.22 -18.89
CA ASP L 102 -5.01 -54.44 -18.66
C ASP L 102 -5.83 -53.15 -18.63
N ALA L 103 -5.18 -51.99 -18.75
CA ALA L 103 -5.87 -50.71 -18.81
C ALA L 103 -6.04 -50.34 -20.27
N ALA L 104 -7.28 -50.37 -20.74
CA ALA L 104 -7.57 -50.03 -22.13
C ALA L 104 -7.38 -48.54 -22.36
N GLY L 105 -6.94 -48.21 -23.57
CA GLY L 105 -6.83 -46.81 -23.93
C GLY L 105 -8.21 -46.14 -23.97
N VAL L 106 -8.22 -44.85 -23.67
CA VAL L 106 -9.45 -44.08 -23.74
C VAL L 106 -10.06 -44.21 -25.14
N LYS L 107 -11.39 -44.25 -25.20
CA LYS L 107 -12.10 -44.47 -26.44
C LYS L 107 -12.77 -43.19 -26.92
N ASP L 108 -13.04 -43.16 -28.23
CA ASP L 108 -13.62 -42.00 -28.92
C ASP L 108 -12.75 -40.76 -28.80
N ARG L 109 -11.46 -40.94 -28.53
CA ARG L 109 -10.53 -39.84 -28.33
C ARG L 109 -9.85 -39.55 -29.66
N LYS L 110 -10.14 -38.39 -30.25
CA LYS L 110 -9.61 -38.06 -31.55
C LYS L 110 -8.46 -37.06 -31.51
N LYS L 111 -8.22 -36.39 -30.39
CA LYS L 111 -7.32 -35.23 -30.35
C LYS L 111 -5.89 -35.56 -29.95
N SER L 112 -5.67 -36.04 -28.73
CA SER L 112 -4.32 -36.36 -28.26
C SER L 112 -4.29 -37.83 -27.93
N ARG L 113 -4.10 -38.66 -28.95
CA ARG L 113 -4.36 -40.08 -28.78
C ARG L 113 -3.18 -40.81 -28.16
N SER L 114 -1.96 -40.48 -28.57
CA SER L 114 -0.82 -41.26 -28.11
C SER L 114 -0.66 -41.20 -26.61
N LYS L 115 -1.11 -40.12 -25.97
CA LYS L 115 -0.96 -39.98 -24.52
C LYS L 115 -1.96 -40.86 -23.78
N TYR L 116 -3.19 -40.96 -24.27
CA TYR L 116 -4.20 -41.79 -23.66
C TYR L 116 -4.34 -43.15 -24.35
N GLY L 117 -3.36 -43.51 -25.19
CA GLY L 117 -3.22 -44.87 -25.67
C GLY L 117 -4.22 -45.31 -26.71
N THR L 118 -4.79 -44.37 -27.45
CA THR L 118 -5.83 -44.69 -28.42
C THR L 118 -5.26 -44.73 -29.82
N LYS L 119 -5.50 -45.84 -30.53
CA LYS L 119 -4.91 -45.99 -31.84
C LYS L 119 -5.64 -45.12 -32.86
N LYS L 120 -4.95 -44.83 -33.96
CA LYS L 120 -5.51 -43.96 -34.99
C LYS L 120 -6.82 -44.54 -35.51
N PRO L 121 -7.87 -43.73 -35.62
CA PRO L 121 -9.10 -44.20 -36.26
C PRO L 121 -8.86 -44.51 -37.73
N LYS L 122 -9.66 -45.43 -38.24
CA LYS L 122 -9.59 -45.91 -39.62
C LYS L 122 -10.29 -44.90 -40.54
N GLU L 123 -10.86 -45.41 -41.62
CA GLU L 123 -11.05 -44.78 -42.93
C GLU L 123 -11.16 -43.26 -43.01
N ALA L 124 -10.69 -42.71 -44.13
CA ALA L 124 -10.89 -41.31 -44.50
C ALA L 124 -12.38 -40.98 -44.62
N ALA L 125 -12.69 -39.69 -44.58
N ALA M 1 -90.11 5.66 36.07
CA ALA M 1 -90.89 4.45 36.33
C ALA M 1 -90.54 3.33 35.36
N ARG M 2 -91.53 2.51 35.02
CA ARG M 2 -91.34 1.21 34.36
C ARG M 2 -91.98 1.24 32.99
N ILE M 3 -91.19 1.51 31.96
CA ILE M 3 -91.71 1.73 30.61
C ILE M 3 -91.23 0.61 29.71
N ALA M 4 -92.16 0.04 28.95
CA ALA M 4 -91.86 -0.82 27.81
C ALA M 4 -90.88 -1.92 28.21
N GLY M 5 -91.36 -2.78 29.08
CA GLY M 5 -90.52 -3.84 29.57
C GLY M 5 -89.89 -3.50 30.90
N VAL M 6 -89.18 -4.49 31.43
CA VAL M 6 -88.81 -4.54 32.83
C VAL M 6 -87.77 -3.49 33.20
N GLU M 7 -87.33 -2.70 32.22
CA GLU M 7 -86.27 -1.74 32.48
C GLU M 7 -86.84 -0.46 33.07
N ILE M 8 -86.14 0.07 34.08
CA ILE M 8 -86.48 1.34 34.70
C ILE M 8 -85.28 2.28 34.58
N PRO M 9 -85.34 3.29 33.73
CA PRO M 9 -84.31 4.34 33.74
C PRO M 9 -84.67 5.42 34.74
N ARG M 10 -83.65 6.00 35.36
CA ARG M 10 -83.91 6.79 36.56
C ARG M 10 -82.93 7.94 36.71
N ASN M 11 -83.44 9.06 37.21
CA ASN M 11 -82.63 10.11 37.84
C ASN M 11 -81.71 10.81 36.85
N LYS M 12 -82.20 11.04 35.64
CA LYS M 12 -81.50 11.86 34.66
C LYS M 12 -82.50 12.24 33.57
N ARG M 13 -82.02 13.00 32.59
CA ARG M 13 -82.87 13.45 31.50
C ARG M 13 -83.62 12.29 30.88
N VAL M 14 -84.83 12.57 30.39
CA VAL M 14 -85.73 11.50 29.96
C VAL M 14 -85.27 10.93 28.62
N ASP M 15 -84.76 11.76 27.72
CA ASP M 15 -84.19 11.24 26.48
C ASP M 15 -83.06 10.26 26.78
N VAL M 16 -82.07 10.70 27.52
CA VAL M 16 -80.99 9.85 27.98
C VAL M 16 -81.54 8.61 28.67
N ALA M 17 -82.60 8.77 29.46
CA ALA M 17 -83.22 7.63 30.13
C ALA M 17 -83.71 6.59 29.13
N LEU M 18 -84.56 7.02 28.20
CA LEU M 18 -85.06 6.15 27.14
C LEU M 18 -83.95 5.53 26.31
N THR M 19 -82.74 6.09 26.34
CA THR M 19 -81.62 5.41 25.68
C THR M 19 -81.38 4.04 26.30
N TYR M 20 -81.54 3.93 27.62
CA TYR M 20 -81.31 2.66 28.30
C TYR M 20 -82.35 1.61 27.95
N ILE M 21 -83.39 1.99 27.20
CA ILE M 21 -84.25 1.01 26.58
C ILE M 21 -83.47 0.26 25.50
N TYR M 22 -83.79 -1.02 25.30
CA TYR M 22 -83.03 -1.82 24.36
C TYR M 22 -83.35 -1.45 22.91
N GLY M 23 -84.63 -1.40 22.56
CA GLY M 23 -84.93 -1.10 21.18
C GLY M 23 -84.93 0.38 20.84
N ILE M 24 -84.32 1.21 21.68
CA ILE M 24 -84.49 2.66 21.59
C ILE M 24 -83.14 3.35 21.74
N GLY M 25 -82.78 4.14 20.72
CA GLY M 25 -81.63 5.00 20.78
C GLY M 25 -82.01 6.46 20.97
N LYS M 26 -81.20 7.38 20.45
CA LYS M 26 -81.45 8.80 20.67
C LYS M 26 -82.44 9.36 19.67
N ALA M 27 -82.44 8.86 18.43
CA ALA M 27 -83.46 9.27 17.48
C ALA M 27 -84.84 8.93 17.99
N ARG M 28 -85.04 7.66 18.39
CA ARG M 28 -86.34 7.24 18.89
C ARG M 28 -86.68 7.91 20.22
N ALA M 29 -85.67 8.33 20.99
CA ALA M 29 -85.93 9.05 22.23
C ALA M 29 -86.46 10.46 21.93
N LYS M 30 -85.74 11.20 21.08
CA LYS M 30 -86.21 12.51 20.66
C LYS M 30 -87.62 12.42 20.08
N GLU M 31 -87.85 11.45 19.20
CA GLU M 31 -89.16 11.33 18.57
C GLU M 31 -90.24 11.03 19.60
N ALA M 32 -89.98 10.06 20.49
CA ALA M 32 -90.98 9.67 21.48
C ALA M 32 -91.33 10.85 22.39
N LEU M 33 -90.32 11.52 22.93
CA LEU M 33 -90.60 12.67 23.80
C LEU M 33 -91.27 13.81 23.04
N GLU M 34 -90.99 13.93 21.74
CA GLU M 34 -91.58 15.01 20.95
C GLU M 34 -93.07 14.75 20.71
N LYS M 35 -93.40 13.56 20.20
CA LYS M 35 -94.80 13.23 19.96
C LYS M 35 -95.58 13.02 21.25
N THR M 36 -94.89 12.82 22.37
CA THR M 36 -95.55 12.78 23.66
C THR M 36 -95.55 14.15 24.35
N GLY M 37 -94.85 15.13 23.79
CA GLY M 37 -94.91 16.49 24.30
C GLY M 37 -94.40 16.63 25.72
N ILE M 38 -93.29 15.98 26.02
CA ILE M 38 -92.66 16.06 27.33
C ILE M 38 -91.30 16.71 27.15
N ASN M 39 -90.95 17.61 28.06
CA ASN M 39 -89.64 18.23 28.03
C ASN M 39 -88.58 17.16 28.26
N PRO M 40 -87.69 16.91 27.29
CA PRO M 40 -86.65 15.90 27.49
C PRO M 40 -85.68 16.23 28.60
N ALA M 41 -85.67 17.47 29.10
CA ALA M 41 -84.71 17.85 30.13
C ALA M 41 -85.17 17.48 31.53
N THR M 42 -86.48 17.41 31.76
CA THR M 42 -87.00 17.08 33.09
C THR M 42 -86.49 15.71 33.52
N ARG M 43 -86.20 15.56 34.81
CA ARG M 43 -85.63 14.31 35.28
C ARG M 43 -86.70 13.23 35.39
N VAL M 44 -86.24 11.98 35.51
CA VAL M 44 -87.16 10.85 35.56
C VAL M 44 -88.02 10.92 36.81
N LYS M 45 -87.42 11.28 37.95
CA LYS M 45 -88.20 11.37 39.18
C LYS M 45 -89.23 12.48 39.11
N ASP M 46 -88.96 13.54 38.36
CA ASP M 46 -89.86 14.68 38.23
C ASP M 46 -90.94 14.46 37.18
N LEU M 47 -91.13 13.22 36.71
CA LEU M 47 -92.13 12.90 35.70
C LEU M 47 -93.47 12.60 36.35
N THR M 48 -94.54 13.07 35.72
CA THR M 48 -95.89 12.81 36.19
C THR M 48 -96.31 11.39 35.87
N GLU M 49 -97.16 10.83 36.73
CA GLU M 49 -97.78 9.55 36.40
C GLU M 49 -98.56 9.65 35.10
N ALA M 50 -99.14 10.82 34.83
CA ALA M 50 -99.74 11.07 33.53
C ALA M 50 -98.69 11.02 32.43
N GLU M 51 -97.56 11.71 32.64
CA GLU M 51 -96.48 11.69 31.66
C GLU M 51 -95.93 10.27 31.47
N VAL M 52 -95.69 9.56 32.58
CA VAL M 52 -95.14 8.21 32.48
C VAL M 52 -96.09 7.29 31.74
N VAL M 53 -97.40 7.42 31.99
CA VAL M 53 -98.36 6.51 31.39
C VAL M 53 -98.56 6.86 29.91
N ARG M 54 -98.50 8.15 29.57
CA ARG M 54 -98.56 8.56 28.16
C ARG M 54 -97.36 8.01 27.40
N LEU M 55 -96.16 8.29 27.91
CA LEU M 55 -94.93 7.83 27.29
C LEU M 55 -94.93 6.31 27.15
N ARG M 56 -95.24 5.61 28.24
CA ARG M 56 -95.39 4.16 28.19
C ARG M 56 -96.32 3.77 27.06
N GLU M 57 -97.53 4.35 27.03
CA GLU M 57 -98.51 3.98 26.02
C GLU M 57 -97.93 4.10 24.61
N TYR M 58 -97.21 5.19 24.33
CA TYR M 58 -96.62 5.34 23.00
C TYR M 58 -95.54 4.30 22.76
N VAL M 59 -94.48 4.34 23.56
CA VAL M 59 -93.29 3.56 23.31
C VAL M 59 -93.61 2.06 23.28
N GLU M 60 -94.48 1.62 24.19
CA GLU M 60 -94.78 0.18 24.34
C GLU M 60 -95.15 -0.46 23.01
N ASN M 61 -96.23 -0.01 22.39
CA ASN M 61 -96.58 -0.52 21.07
C ASN M 61 -96.58 0.64 20.09
N THR M 62 -95.41 1.01 19.65
CA THR M 62 -95.21 1.71 18.40
C THR M 62 -94.07 1.12 17.60
N TRP M 63 -93.00 0.68 18.26
CA TRP M 63 -91.99 -0.16 17.66
C TRP M 63 -91.78 -1.38 18.53
N LYS M 64 -91.41 -2.49 17.87
CA LYS M 64 -90.94 -3.65 18.61
C LYS M 64 -89.78 -3.25 19.50
N LEU M 65 -89.66 -3.92 20.64
CA LEU M 65 -88.72 -3.53 21.67
C LEU M 65 -88.09 -4.80 22.25
N GLU M 66 -87.58 -4.70 23.48
CA GLU M 66 -86.50 -5.53 24.02
C GLU M 66 -86.51 -6.99 23.59
N GLY M 67 -87.46 -7.76 24.08
CA GLY M 67 -87.42 -9.19 23.87
C GLY M 67 -87.82 -9.55 22.46
N GLU M 68 -88.94 -8.99 22.02
CA GLU M 68 -89.39 -9.15 20.64
C GLU M 68 -88.25 -8.87 19.66
N LEU M 69 -87.50 -7.80 19.90
CA LEU M 69 -86.34 -7.49 19.07
C LEU M 69 -85.31 -8.61 19.14
N ARG M 70 -84.80 -8.91 20.34
CA ARG M 70 -83.75 -9.92 20.48
C ARG M 70 -84.12 -11.21 19.76
N ALA M 71 -85.34 -11.68 19.99
CA ALA M 71 -85.81 -12.88 19.31
C ALA M 71 -85.83 -12.69 17.80
N GLU M 72 -86.28 -11.52 17.33
CA GLU M 72 -86.42 -11.32 15.90
C GLU M 72 -85.08 -11.32 15.20
N VAL M 73 -84.09 -10.65 15.79
CA VAL M 73 -82.75 -10.67 15.22
C VAL M 73 -82.17 -12.08 15.30
N ALA M 74 -82.35 -12.73 16.46
CA ALA M 74 -81.87 -14.10 16.61
C ALA M 74 -82.46 -15.00 15.53
N ALA M 75 -83.70 -14.74 15.13
CA ALA M 75 -84.36 -15.52 14.10
C ALA M 75 -83.96 -15.08 12.70
N ASN M 76 -83.54 -13.81 12.55
CA ASN M 76 -82.93 -13.38 11.30
C ASN M 76 -81.67 -14.16 11.03
N ILE M 77 -80.81 -14.29 12.04
CA ILE M 77 -79.57 -15.04 11.87
C ILE M 77 -79.85 -16.54 11.77
N LYS M 78 -80.76 -17.04 12.61
CA LYS M 78 -81.15 -18.46 12.51
C LYS M 78 -81.62 -18.77 11.10
N ARG M 79 -82.53 -17.96 10.56
CA ARG M 79 -82.98 -18.15 9.19
C ARG M 79 -81.82 -18.08 8.21
N LEU M 80 -80.87 -17.16 8.46
CA LEU M 80 -79.69 -17.08 7.61
C LEU M 80 -78.94 -18.40 7.57
N MET M 81 -78.80 -19.05 8.72
CA MET M 81 -78.02 -20.28 8.76
C MET M 81 -78.81 -21.47 8.22
N ASP M 82 -80.12 -21.49 8.48
CA ASP M 82 -80.95 -22.62 8.07
C ASP M 82 -81.05 -22.77 6.56
N ILE M 83 -80.77 -21.70 5.80
CA ILE M 83 -80.91 -21.74 4.35
C ILE M 83 -79.59 -22.01 3.65
N GLY M 84 -78.48 -22.07 4.39
CA GLY M 84 -77.20 -22.28 3.76
C GLY M 84 -76.64 -21.05 3.09
N CYS M 85 -77.13 -19.87 3.44
CA CYS M 85 -76.66 -18.63 2.83
C CYS M 85 -75.21 -18.36 3.21
N TYR M 86 -74.60 -17.40 2.50
CA TYR M 86 -73.21 -17.05 2.77
C TYR M 86 -73.06 -16.40 4.13
N ARG M 87 -73.86 -15.37 4.42
CA ARG M 87 -73.89 -14.81 5.76
C ARG M 87 -74.19 -15.88 6.80
N GLY M 88 -74.87 -16.96 6.40
CA GLY M 88 -75.10 -18.06 7.31
C GLY M 88 -73.83 -18.83 7.65
N LEU M 89 -72.90 -18.87 6.71
CA LEU M 89 -71.56 -19.36 7.01
C LEU M 89 -70.81 -18.35 7.88
N ARG M 90 -70.80 -17.08 7.46
CA ARG M 90 -70.05 -16.07 8.21
C ARG M 90 -70.52 -15.97 9.66
N HIS M 91 -71.79 -16.25 9.90
CA HIS M 91 -72.30 -16.34 11.27
C HIS M 91 -72.02 -17.71 11.88
N ARG M 92 -72.03 -18.76 11.06
CA ARG M 92 -71.81 -20.12 11.58
C ARG M 92 -70.43 -20.27 12.18
N ARG M 93 -69.43 -19.55 11.65
CA ARG M 93 -68.07 -19.65 12.13
C ARG M 93 -67.64 -18.46 12.97
N GLY M 94 -68.46 -17.42 13.08
CA GLY M 94 -68.13 -16.27 13.88
C GLY M 94 -67.11 -15.34 13.24
N LEU M 95 -67.30 -15.03 11.97
CA LEU M 95 -66.41 -14.19 11.19
C LEU M 95 -67.15 -12.95 10.71
N PRO M 96 -66.44 -11.91 10.29
CA PRO M 96 -67.09 -10.74 9.69
C PRO M 96 -68.05 -11.12 8.57
N VAL M 97 -69.28 -10.62 8.69
CA VAL M 97 -70.32 -10.91 7.72
C VAL M 97 -70.42 -9.85 6.63
N ARG M 98 -69.92 -8.64 6.87
CA ARG M 98 -70.10 -7.52 5.98
C ARG M 98 -68.92 -7.31 5.03
N GLY M 99 -68.10 -8.33 4.82
CA GLY M 99 -67.03 -8.25 3.86
C GLY M 99 -65.84 -7.41 4.30
N GLN M 100 -65.28 -7.71 5.47
CA GLN M 100 -64.03 -7.10 5.90
C GLN M 100 -62.93 -8.15 5.90
N ARG M 101 -61.69 -7.67 5.80
CA ARG M 101 -60.55 -8.58 5.73
C ARG M 101 -60.39 -9.35 7.03
N THR M 102 -59.92 -10.59 6.91
CA THR M 102 -59.74 -11.48 8.05
C THR M 102 -58.30 -11.94 8.25
N ARG M 103 -57.38 -11.60 7.34
CA ARG M 103 -55.97 -11.91 7.54
C ARG M 103 -55.43 -11.17 8.76
N THR M 104 -55.83 -9.91 8.91
CA THR M 104 -55.47 -9.05 10.03
C THR M 104 -56.75 -8.74 10.80
N ASN M 105 -56.73 -7.70 11.63
CA ASN M 105 -57.35 -7.72 12.95
C ASN M 105 -58.65 -8.52 13.09
N ALA M 106 -59.76 -8.03 12.54
CA ALA M 106 -61.07 -8.69 12.66
C ALA M 106 -61.26 -9.35 14.03
N ARG M 107 -60.80 -8.68 15.10
CA ARG M 107 -60.67 -9.33 16.39
C ARG M 107 -61.99 -9.37 17.13
N THR M 108 -62.72 -8.27 17.10
CA THR M 108 -63.98 -8.18 17.84
C THR M 108 -64.98 -9.24 17.38
N ARG M 109 -64.75 -9.85 16.22
CA ARG M 109 -65.62 -10.91 15.73
C ARG M 109 -65.11 -12.30 16.07
N LYS M 110 -63.79 -12.50 16.10
CA LYS M 110 -63.19 -13.79 16.44
C LYS M 110 -62.92 -13.94 17.93
N GLY M 111 -63.26 -12.93 18.74
CA GLY M 111 -62.96 -12.96 20.14
C GLY M 111 -61.49 -12.75 20.40
N PRO M 112 -61.01 -13.20 21.56
CA PRO M 112 -59.60 -13.00 21.91
C PRO M 112 -58.68 -13.67 20.89
N ARG M 113 -57.39 -13.33 21.00
CA ARG M 113 -56.37 -13.64 19.99
C ARG M 113 -55.62 -14.90 20.40
N LYS M 114 -55.98 -16.03 19.79
CA LYS M 114 -55.52 -17.35 20.23
C LYS M 114 -54.25 -17.71 19.48
N THR M 115 -53.11 -17.32 20.07
CA THR M 115 -51.81 -17.44 19.41
C THR M 115 -51.40 -18.89 19.21
N VAL M 116 -50.55 -19.12 18.21
CA VAL M 116 -49.93 -20.41 17.94
C VAL M 116 -48.45 -20.18 17.61
N ALA M 117 -47.74 -21.24 17.22
CA ALA M 117 -46.30 -21.18 17.00
C ALA M 117 -45.97 -20.25 15.84
N GLY M 118 -44.66 -20.07 15.61
CA GLY M 118 -44.18 -19.21 14.54
C GLY M 118 -43.48 -19.94 13.42
N ALA N 1 -46.04 -4.48 -20.58
CA ALA N 1 -46.73 -4.13 -21.80
C ALA N 1 -46.76 -5.30 -22.77
N ARG N 2 -47.69 -6.22 -22.55
CA ARG N 2 -47.89 -7.31 -23.50
C ARG N 2 -48.63 -6.80 -24.72
N LYS N 3 -48.27 -7.32 -25.90
CA LYS N 3 -48.76 -6.74 -27.15
C LYS N 3 -50.19 -7.13 -27.47
N ALA N 4 -50.70 -8.22 -26.92
CA ALA N 4 -52.12 -8.52 -27.09
C ALA N 4 -52.98 -7.58 -26.26
N LEU N 5 -52.48 -7.16 -25.10
CA LEU N 5 -53.22 -6.26 -24.22
C LEU N 5 -53.36 -4.86 -24.81
N ILE N 6 -52.61 -4.52 -25.86
CA ILE N 6 -52.78 -3.24 -26.50
C ILE N 6 -53.98 -3.32 -27.45
N GLU N 7 -54.67 -4.45 -27.41
CA GLU N 7 -56.06 -4.48 -27.86
C GLU N 7 -56.94 -3.60 -27.00
N LYS N 8 -56.43 -3.09 -25.88
CA LYS N 8 -57.16 -2.15 -25.04
C LYS N 8 -57.90 -1.13 -25.88
N ALA N 9 -57.16 -0.46 -26.78
CA ALA N 9 -57.80 0.41 -27.75
C ALA N 9 -58.79 -0.42 -28.55
N LYS N 10 -60.07 -0.15 -28.37
CA LYS N 10 -61.11 -0.94 -29.02
C LYS N 10 -62.31 -0.03 -29.27
N ARG N 11 -62.69 0.11 -30.54
CA ARG N 11 -63.89 0.85 -30.88
C ARG N 11 -65.14 0.21 -30.25
N THR N 12 -65.04 -1.05 -29.85
CA THR N 12 -66.11 -1.75 -29.15
C THR N 12 -65.52 -2.41 -27.91
N PRO N 13 -65.33 -1.63 -26.83
CA PRO N 13 -64.96 -2.25 -25.55
C PRO N 13 -66.08 -3.07 -24.92
N LYS N 14 -67.26 -3.06 -25.54
CA LYS N 14 -68.43 -3.88 -25.21
C LYS N 14 -69.13 -3.40 -23.95
N PHE N 15 -68.51 -2.48 -23.21
CA PHE N 15 -69.02 -2.00 -21.94
C PHE N 15 -68.27 -0.73 -21.57
N LYS N 16 -69.00 0.26 -21.03
CA LYS N 16 -68.36 1.50 -20.61
C LYS N 16 -67.30 1.26 -19.53
N VAL N 17 -67.63 0.41 -18.55
CA VAL N 17 -66.74 0.22 -17.40
C VAL N 17 -65.51 -0.57 -17.82
N ARG N 18 -65.66 -1.53 -18.72
CA ARG N 18 -64.50 -2.30 -19.16
C ARG N 18 -63.48 -1.44 -19.90
N ALA N 19 -63.84 -0.23 -20.30
CA ALA N 19 -62.88 0.68 -20.90
C ALA N 19 -61.87 1.12 -19.86
N TYR N 20 -60.60 1.21 -20.26
CA TYR N 20 -59.57 1.64 -19.33
C TYR N 20 -58.43 2.29 -20.08
N THR N 21 -57.61 3.03 -19.32
CA THR N 21 -56.55 3.86 -19.88
C THR N 21 -55.20 3.16 -19.78
N ARG N 22 -54.39 3.29 -20.83
CA ARG N 22 -53.02 2.80 -20.86
C ARG N 22 -52.08 3.91 -21.33
N CYS N 23 -50.80 3.71 -21.03
CA CYS N 23 -49.79 4.65 -21.49
C CYS N 23 -49.63 4.52 -23.00
N VAL N 24 -49.51 5.66 -23.68
CA VAL N 24 -49.42 5.65 -25.12
C VAL N 24 -48.03 5.25 -25.61
N ARG N 25 -46.99 5.50 -24.81
CA ARG N 25 -45.62 5.27 -25.25
C ARG N 25 -45.11 3.88 -24.87
N CYS N 26 -45.10 3.58 -23.58
CA CYS N 26 -44.64 2.28 -23.09
C CYS N 26 -45.77 1.27 -22.92
N GLY N 27 -47.02 1.71 -22.93
CA GLY N 27 -48.12 0.79 -22.79
C GLY N 27 -48.36 0.31 -21.38
N ARG N 28 -47.89 1.04 -20.38
CA ARG N 28 -48.16 0.66 -19.00
C ARG N 28 -49.64 0.91 -18.66
N ALA N 29 -50.10 0.24 -17.60
CA ALA N 29 -51.49 0.33 -17.15
C ALA N 29 -51.66 1.21 -15.92
N ARG N 30 -50.67 1.22 -15.03
CA ARG N 30 -50.73 1.92 -13.76
C ARG N 30 -50.00 3.24 -13.84
N SER N 31 -50.40 4.18 -12.98
CA SER N 31 -49.89 5.55 -12.97
C SER N 31 -49.99 6.18 -14.36
N VAL N 32 -51.21 6.20 -14.88
CA VAL N 32 -51.48 6.68 -16.23
C VAL N 32 -52.12 8.06 -16.11
N TYR N 33 -51.29 9.11 -16.20
CA TYR N 33 -51.81 10.46 -16.13
C TYR N 33 -52.62 10.76 -17.38
N ARG N 34 -53.83 11.28 -17.18
CA ARG N 34 -54.79 11.41 -18.27
C ARG N 34 -54.52 12.63 -19.13
N PHE N 35 -54.09 13.73 -18.52
CA PHE N 35 -53.79 14.95 -19.24
C PHE N 35 -52.75 14.71 -20.33
N PHE N 36 -51.77 13.85 -20.06
CA PHE N 36 -50.72 13.54 -21.01
C PHE N 36 -50.97 12.29 -21.82
N GLY N 37 -51.88 11.42 -21.37
CA GLY N 37 -51.95 10.11 -21.98
C GLY N 37 -50.70 9.29 -21.80
N LEU N 38 -49.76 9.74 -21.01
CA LEU N 38 -48.57 8.99 -20.67
C LEU N 38 -48.75 8.27 -19.34
N CYS N 39 -47.81 7.38 -19.04
CA CYS N 39 -47.67 6.90 -17.68
C CYS N 39 -46.79 7.90 -16.93
N ARG N 40 -46.32 7.53 -15.74
CA ARG N 40 -45.46 8.46 -15.01
C ARG N 40 -44.01 8.35 -15.44
N ILE N 41 -43.58 7.18 -15.90
CA ILE N 41 -42.19 6.96 -16.30
C ILE N 41 -41.90 7.67 -17.62
N CYS N 42 -42.71 7.40 -18.63
CA CYS N 42 -42.60 8.17 -19.86
C CYS N 42 -42.75 9.64 -19.60
N LEU N 43 -43.62 10.00 -18.66
CA LEU N 43 -43.80 11.39 -18.29
C LEU N 43 -42.48 12.01 -17.86
N ARG N 44 -41.77 11.37 -16.93
CA ARG N 44 -40.50 11.94 -16.51
C ARG N 44 -39.50 11.96 -17.65
N GLU N 45 -39.43 10.88 -18.44
CA GLU N 45 -38.44 10.79 -19.51
C GLU N 45 -38.59 11.94 -20.50
N LEU N 46 -39.81 12.11 -21.04
CA LEU N 46 -40.02 13.17 -22.02
C LEU N 46 -39.93 14.55 -21.38
N ALA N 47 -40.43 14.69 -20.16
CA ALA N 47 -40.31 15.97 -19.47
C ALA N 47 -38.84 16.38 -19.36
N HIS N 48 -37.97 15.42 -19.07
CA HIS N 48 -36.53 15.72 -19.06
C HIS N 48 -36.04 16.07 -20.46
N LYS N 49 -36.48 15.33 -21.47
CA LYS N 49 -36.07 15.68 -22.82
C LYS N 49 -36.57 17.05 -23.26
N GLY N 50 -37.54 17.62 -22.54
CA GLY N 50 -38.09 18.90 -22.93
C GLY N 50 -39.05 18.83 -24.09
N GLN N 51 -39.63 17.67 -24.36
CA GLN N 51 -40.60 17.49 -25.43
C GLN N 51 -42.03 17.74 -24.98
N LEU N 52 -42.23 18.18 -23.73
CA LEU N 52 -43.54 18.56 -23.21
C LEU N 52 -43.60 20.08 -23.09
N PRO N 53 -44.29 20.78 -23.99
CA PRO N 53 -44.26 22.25 -23.96
C PRO N 53 -44.86 22.80 -22.67
N GLY N 54 -44.18 23.82 -22.13
CA GLY N 54 -44.61 24.47 -20.91
C GLY N 54 -44.26 23.75 -19.62
N VAL N 55 -43.94 22.47 -19.69
CA VAL N 55 -43.67 21.67 -18.50
C VAL N 55 -42.24 21.91 -18.04
N ARG N 56 -42.06 22.01 -16.72
CA ARG N 56 -40.82 22.50 -16.13
C ARG N 56 -40.58 21.73 -14.83
N LYS N 57 -39.40 21.92 -14.25
CA LYS N 57 -39.17 21.45 -12.90
C LYS N 57 -39.73 22.46 -11.90
N ALA N 58 -40.42 21.95 -10.88
CA ALA N 58 -41.07 22.78 -9.89
C ALA N 58 -40.20 22.91 -8.65
N SER N 59 -40.33 24.06 -7.97
CA SER N 59 -39.57 24.33 -6.77
C SER N 59 -40.13 25.55 -6.04
N TRP N 60 -40.37 25.41 -4.73
CA TRP N 60 -40.92 26.51 -3.94
C TRP N 60 -40.82 26.30 -2.42
N PRO O 1 48.53 -6.19 49.68
CA PRO O 1 48.88 -5.81 48.31
C PRO O 1 50.34 -6.14 47.98
N ILE O 2 50.98 -5.28 47.19
CA ILE O 2 52.38 -5.42 46.84
C ILE O 2 53.05 -4.05 46.96
N THR O 3 53.89 -3.88 47.97
CA THR O 3 54.49 -2.58 48.23
C THR O 3 55.58 -2.27 47.22
N LYS O 4 55.77 -0.98 46.96
CA LYS O 4 56.78 -0.54 46.03
C LYS O 4 58.16 -1.04 46.41
N GLU O 5 58.40 -1.27 47.71
CA GLU O 5 59.70 -1.78 48.13
C GLU O 5 59.90 -3.24 47.72
N GLU O 6 58.85 -4.05 47.81
CA GLU O 6 58.93 -5.41 47.28
C GLU O 6 59.16 -5.37 45.78
N LYS O 7 58.41 -4.52 45.09
CA LYS O 7 58.57 -4.34 43.64
C LYS O 7 60.01 -4.02 43.29
N GLN O 8 60.58 -3.00 43.94
CA GLN O 8 61.97 -2.65 43.68
C GLN O 8 62.88 -3.83 43.99
N LYS O 9 62.62 -4.55 45.09
CA LYS O 9 63.45 -5.68 45.45
C LYS O 9 63.54 -6.69 44.32
N VAL O 10 62.38 -7.06 43.76
CA VAL O 10 62.37 -8.11 42.74
C VAL O 10 62.91 -7.58 41.41
N ILE O 11 62.54 -6.36 41.04
CA ILE O 11 63.11 -5.74 39.84
C ILE O 11 64.63 -5.76 39.90
N GLN O 12 65.19 -5.18 40.96
CA GLN O 12 66.64 -5.11 41.08
C GLN O 12 67.27 -6.50 41.14
N GLU O 13 66.55 -7.48 41.70
CA GLU O 13 67.09 -8.84 41.70
C GLU O 13 67.21 -9.37 40.28
N PHE O 14 66.27 -9.02 39.42
CA PHE O 14 66.23 -9.58 38.07
C PHE O 14 66.65 -8.62 36.98
N ALA O 15 67.00 -7.38 37.32
CA ALA O 15 67.43 -6.43 36.30
C ALA O 15 68.69 -6.95 35.62
N ARG O 16 68.65 -7.02 34.29
CA ARG O 16 69.83 -7.45 33.53
C ARG O 16 71.02 -6.55 33.83
N PHE O 17 70.80 -5.25 33.85
CA PHE O 17 71.82 -4.27 34.19
C PHE O 17 71.15 -3.23 35.09
N PRO O 18 71.91 -2.38 35.78
CA PRO O 18 71.26 -1.36 36.60
C PRO O 18 70.38 -0.46 35.76
N GLY O 19 69.17 -0.20 36.27
CA GLY O 19 68.18 0.57 35.53
C GLY O 19 67.32 -0.23 34.58
N ASP O 20 67.49 -1.55 34.54
CA ASP O 20 66.69 -2.39 33.66
C ASP O 20 65.32 -2.59 34.30
N THR O 21 64.30 -1.92 33.75
CA THR O 21 62.94 -2.06 34.23
C THR O 21 62.05 -2.84 33.28
N GLY O 22 62.56 -3.27 32.12
CA GLY O 22 61.68 -3.79 31.10
C GLY O 22 62.08 -5.11 30.45
N SER O 23 63.21 -5.67 30.87
CA SER O 23 63.69 -6.93 30.29
C SER O 23 62.61 -8.01 30.38
N THR O 24 62.80 -9.06 29.58
CA THR O 24 61.91 -10.21 29.67
C THR O 24 61.90 -10.78 31.08
N GLU O 25 63.09 -10.91 31.69
CA GLU O 25 63.19 -11.51 33.02
C GLU O 25 62.47 -10.68 34.07
N VAL O 26 62.62 -9.36 34.02
CA VAL O 26 61.91 -8.49 34.97
C VAL O 26 60.41 -8.67 34.83
N GLN O 27 59.92 -8.78 33.60
CA GLN O 27 58.49 -8.98 33.38
C GLN O 27 58.03 -10.30 33.96
N VAL O 28 58.60 -11.40 33.48
CA VAL O 28 58.24 -12.74 33.95
C VAL O 28 58.28 -12.81 35.46
N ALA O 29 59.28 -12.18 36.07
CA ALA O 29 59.43 -12.24 37.52
C ALA O 29 58.35 -11.46 38.24
N LEU O 30 58.02 -10.26 37.72
CA LEU O 30 56.92 -9.48 38.28
C LEU O 30 55.61 -10.27 38.21
N LEU O 31 55.29 -10.79 37.03
CA LEU O 31 54.10 -11.63 36.88
C LEU O 31 54.14 -12.81 37.83
N THR O 32 55.32 -13.37 38.08
CA THR O 32 55.39 -14.49 39.00
C THR O 32 55.03 -14.06 40.40
N LEU O 33 55.50 -12.88 40.81
CA LEU O 33 55.10 -12.33 42.10
C LEU O 33 53.58 -12.20 42.18
N ARG O 34 53.00 -11.52 41.19
CA ARG O 34 51.55 -11.29 41.21
C ARG O 34 50.79 -12.60 41.19
N ILE O 35 51.24 -13.55 40.37
CA ILE O 35 50.55 -14.82 40.23
C ILE O 35 50.55 -15.57 41.55
N ASN O 36 51.70 -15.64 42.21
CA ASN O 36 51.77 -16.36 43.48
C ASN O 36 50.92 -15.69 44.54
N ARG O 37 50.93 -14.35 44.58
CA ARG O 37 50.10 -13.64 45.54
C ARG O 37 48.62 -13.87 45.27
N LEU O 38 48.22 -13.94 43.99
CA LEU O 38 46.83 -14.18 43.64
C LEU O 38 46.42 -15.61 43.93
N SER O 39 47.31 -16.56 43.73
CA SER O 39 47.01 -17.94 44.08
C SER O 39 46.81 -18.08 45.58
N GLU O 40 47.66 -17.42 46.37
CA GLU O 40 47.43 -17.42 47.81
C GLU O 40 46.12 -16.75 48.17
N HIS O 41 45.74 -15.70 47.43
CA HIS O 41 44.41 -15.09 47.60
C HIS O 41 43.30 -16.04 47.21
N LEU O 42 43.56 -17.02 46.36
CA LEU O 42 42.53 -17.90 45.83
C LEU O 42 42.49 -19.25 46.53
N LYS O 43 43.40 -19.54 47.46
CA LYS O 43 43.15 -20.64 48.36
C LYS O 43 42.03 -20.28 49.34
N VAL O 44 42.07 -19.08 49.88
CA VAL O 44 40.90 -18.47 50.47
C VAL O 44 40.08 -17.96 49.30
N HIS O 45 38.83 -17.56 49.55
CA HIS O 45 38.05 -16.83 48.56
C HIS O 45 38.06 -17.56 47.21
N LYS O 46 37.80 -18.86 47.27
CA LYS O 46 37.73 -19.64 46.05
C LYS O 46 36.42 -19.41 45.28
N LYS O 47 35.51 -18.63 45.84
CA LYS O 47 34.27 -18.26 45.17
C LYS O 47 34.38 -16.94 44.41
N ASP O 48 35.58 -16.36 44.34
CA ASP O 48 35.84 -15.11 43.63
C ASP O 48 36.42 -15.45 42.27
N HIS O 49 35.56 -15.55 41.26
CA HIS O 49 36.02 -15.94 39.94
C HIS O 49 36.51 -14.78 39.11
N HIS O 50 35.98 -13.58 39.35
CA HIS O 50 36.40 -12.43 38.55
C HIS O 50 37.90 -12.15 38.71
N SER O 51 38.46 -12.38 39.90
CA SER O 51 39.90 -12.32 40.06
C SER O 51 40.57 -13.46 39.31
N HIS O 52 40.04 -14.68 39.48
CA HIS O 52 40.56 -15.85 38.79
C HIS O 52 40.76 -15.59 37.31
N ARG O 53 39.90 -14.76 36.71
CA ARG O 53 40.13 -14.29 35.35
C ARG O 53 41.51 -13.65 35.24
N GLY O 54 41.74 -12.58 36.01
CA GLY O 54 43.05 -11.95 36.03
C GLY O 54 44.18 -12.95 36.18
N LEU O 55 43.94 -14.02 36.92
CA LEU O 55 44.96 -15.06 37.08
C LEU O 55 45.24 -15.77 35.76
N LEU O 56 44.20 -16.23 35.06
CA LEU O 56 44.42 -16.89 33.77
C LEU O 56 45.16 -15.97 32.79
N MET O 57 44.83 -14.67 32.83
CA MET O 57 45.48 -13.75 31.91
C MET O 57 46.95 -13.56 32.27
N MET O 58 47.26 -13.51 33.57
CA MET O 58 48.66 -13.41 33.98
C MET O 58 49.45 -14.64 33.54
N VAL O 59 48.94 -15.84 33.86
CA VAL O 59 49.64 -17.05 33.45
C VAL O 59 49.89 -17.03 31.94
N GLY O 60 48.89 -16.59 31.17
CA GLY O 60 49.05 -16.54 29.73
C GLY O 60 50.18 -15.64 29.28
N GLN O 61 50.22 -14.42 29.82
CA GLN O 61 51.30 -13.51 29.42
C GLN O 61 52.66 -14.03 29.86
N ARG O 62 52.74 -14.67 31.02
CA ARG O 62 54.01 -15.24 31.47
C ARG O 62 54.46 -16.37 30.55
N ARG O 63 53.52 -17.21 30.10
CA ARG O 63 53.86 -18.28 29.18
C ARG O 63 54.32 -17.74 27.83
N ARG O 64 53.72 -16.64 27.38
CA ARG O 64 54.18 -16.06 26.12
C ARG O 64 55.59 -15.47 26.27
N LEU O 65 55.87 -14.83 27.40
CA LEU O 65 57.21 -14.30 27.59
C LEU O 65 58.24 -15.43 27.65
N LEU O 66 57.93 -16.48 28.41
CA LEU O 66 58.86 -17.59 28.54
C LEU O 66 59.07 -18.30 27.22
N ARG O 67 58.00 -18.50 26.44
CA ARG O 67 58.17 -19.07 25.12
C ARG O 67 59.07 -18.21 24.25
N TYR O 68 58.91 -16.88 24.35
CA TYR O 68 59.78 -15.98 23.61
C TYR O 68 61.24 -16.19 23.99
N LEU O 69 61.55 -16.06 25.28
CA LEU O 69 62.94 -16.21 25.71
C LEU O 69 63.50 -17.58 25.31
N GLN O 70 62.75 -18.64 25.58
CA GLN O 70 63.04 -19.99 25.10
C GLN O 70 63.49 -19.94 23.64
N ARG O 71 62.79 -19.18 22.81
CA ARG O 71 63.23 -19.05 21.42
C ARG O 71 64.56 -18.34 21.32
N GLU O 72 64.72 -17.23 22.03
CA GLU O 72 65.82 -16.33 21.70
C GLU O 72 67.13 -16.73 22.37
N ASP O 73 67.09 -17.11 23.65
CA ASP O 73 68.30 -17.42 24.42
C ASP O 73 67.98 -18.46 25.46
N PRO O 74 67.95 -19.74 25.08
CA PRO O 74 67.58 -20.80 26.03
C PRO O 74 68.38 -20.78 27.33
N GLU O 75 69.58 -20.21 27.30
CA GLU O 75 70.37 -20.09 28.51
C GLU O 75 69.67 -19.22 29.53
N ARG O 76 69.34 -17.98 29.17
CA ARG O 76 68.66 -17.09 30.10
C ARG O 76 67.29 -17.64 30.48
N TYR O 77 66.69 -18.44 29.59
CA TYR O 77 65.39 -19.03 29.89
C TYR O 77 65.51 -20.04 31.03
N ARG O 78 66.40 -21.01 30.88
CA ARG O 78 66.64 -21.97 31.96
C ARG O 78 67.09 -21.25 33.23
N ALA O 79 67.92 -20.22 33.10
CA ALA O 79 68.37 -19.48 34.26
C ALA O 79 67.20 -18.86 35.01
N LEU O 80 66.35 -18.15 34.27
CA LEU O 80 65.12 -17.60 34.83
C LEU O 80 64.34 -18.65 35.60
N ILE O 81 64.04 -19.78 34.97
CA ILE O 81 63.24 -20.81 35.62
C ILE O 81 63.93 -21.31 36.88
N GLU O 82 65.22 -21.60 36.77
CA GLU O 82 65.98 -22.09 37.91
C GLU O 82 65.95 -21.11 39.07
N LYS O 83 65.80 -19.81 38.77
CA LYS O 83 65.66 -18.85 39.86
C LYS O 83 64.24 -18.83 40.41
N LEU O 84 63.25 -18.72 39.53
CA LEU O 84 61.86 -18.62 39.97
C LEU O 84 61.30 -19.95 40.44
N GLY O 85 61.73 -21.06 39.86
CA GLY O 85 61.21 -22.36 40.23
C GLY O 85 59.86 -22.67 39.62
N ILE O 86 59.75 -22.54 38.30
CA ILE O 86 58.48 -22.79 37.60
C ILE O 86 58.61 -24.00 36.71
N ARG O 87 57.52 -24.34 36.01
CA ARG O 87 57.31 -25.51 35.15
C ARG O 87 57.10 -26.77 35.97
N GLY O 88 57.15 -26.68 37.30
CA GLY O 88 57.04 -27.85 38.15
C GLY O 88 58.23 -28.04 39.07
N MET P 1 57.58 -63.76 -30.40
CA MET P 1 58.50 -62.71 -30.77
C MET P 1 57.74 -61.52 -31.32
N VAL P 2 58.46 -60.43 -31.55
CA VAL P 2 57.86 -59.21 -32.06
C VAL P 2 57.78 -59.29 -33.58
N LYS P 3 56.69 -58.77 -34.15
CA LYS P 3 56.37 -58.96 -35.55
C LYS P 3 56.01 -57.64 -36.24
N ILE P 4 56.02 -57.70 -37.57
CA ILE P 4 55.58 -56.60 -38.43
C ILE P 4 54.37 -57.10 -39.21
N ARG P 5 53.25 -56.39 -39.09
CA ARG P 5 52.02 -56.85 -39.71
C ARG P 5 51.09 -55.67 -39.95
N LEU P 6 49.90 -55.97 -40.45
CA LEU P 6 48.90 -54.96 -40.78
C LEU P 6 47.83 -54.90 -39.70
N ALA P 7 47.56 -53.70 -39.19
CA ALA P 7 46.50 -53.48 -38.21
C ALA P 7 45.32 -52.80 -38.90
N ARG P 8 44.16 -53.47 -38.89
CA ARG P 8 43.03 -53.02 -39.70
C ARG P 8 42.37 -51.78 -39.09
N PHE P 9 42.20 -50.74 -39.91
CA PHE P 9 41.73 -49.46 -39.37
C PHE P 9 40.56 -48.85 -40.13
N GLY P 10 40.42 -49.18 -41.41
CA GLY P 10 39.29 -48.66 -42.14
C GLY P 10 37.97 -49.25 -41.66
N SER P 11 36.89 -48.53 -41.95
CA SER P 11 35.56 -48.98 -41.55
C SER P 11 35.12 -50.18 -42.37
N LYS P 12 33.89 -50.62 -42.12
CA LYS P 12 33.35 -51.81 -42.78
C LYS P 12 33.39 -51.64 -44.29
N HIS P 13 33.89 -52.66 -44.99
CA HIS P 13 33.94 -52.69 -46.44
C HIS P 13 34.92 -51.66 -47.01
N ASN P 14 35.61 -50.94 -46.12
CA ASN P 14 36.62 -49.94 -46.49
C ASN P 14 37.84 -50.13 -45.61
N PRO P 15 38.59 -51.21 -45.82
CA PRO P 15 39.76 -51.46 -44.97
C PRO P 15 40.93 -50.56 -45.33
N HIS P 16 41.54 -50.00 -44.30
CA HIS P 16 42.87 -49.41 -44.40
C HIS P 16 43.69 -50.03 -43.28
N TYR P 17 44.88 -50.48 -43.60
CA TYR P 17 45.75 -51.08 -42.61
C TYR P 17 46.86 -50.10 -42.22
N ARG P 18 47.38 -50.32 -41.03
CA ARG P 18 48.59 -49.65 -40.55
C ARG P 18 49.66 -50.72 -40.40
N ILE P 19 50.61 -50.73 -41.33
CA ILE P 19 51.78 -51.58 -41.18
C ILE P 19 52.54 -51.13 -39.95
N VAL P 20 52.91 -52.09 -39.11
CA VAL P 20 53.02 -51.84 -37.68
C VAL P 20 53.92 -52.91 -37.06
N VAL P 21 54.65 -52.51 -36.02
CA VAL P 21 55.42 -53.43 -35.19
C VAL P 21 54.66 -53.67 -33.90
N THR P 22 54.51 -54.93 -33.51
CA THR P 22 53.84 -55.25 -32.26
C THR P 22 54.20 -56.67 -31.86
N ASP P 23 54.10 -56.94 -30.56
CA ASP P 23 54.31 -58.31 -30.08
C ASP P 23 53.22 -59.20 -30.67
N ALA P 24 53.66 -60.37 -31.17
CA ALA P 24 52.74 -61.30 -31.81
C ALA P 24 51.59 -61.71 -30.92
N ARG P 25 51.69 -61.43 -29.61
CA ARG P 25 50.66 -61.84 -28.68
C ARG P 25 49.52 -60.83 -28.59
N ARG P 26 49.80 -59.55 -28.82
CA ARG P 26 48.74 -58.56 -28.69
C ARG P 26 47.75 -58.69 -29.84
N LYS P 27 46.48 -58.43 -29.53
CA LYS P 27 45.44 -58.46 -30.55
C LYS P 27 45.83 -57.56 -31.72
N ARG P 28 45.37 -57.91 -32.91
CA ARG P 28 45.88 -57.21 -34.10
C ARG P 28 45.51 -55.73 -34.06
N ASP P 29 44.28 -55.40 -33.68
CA ASP P 29 43.85 -54.01 -33.62
C ASP P 29 44.25 -53.32 -32.34
N GLY P 30 45.12 -53.93 -31.52
CA GLY P 30 45.50 -53.37 -30.24
C GLY P 30 46.70 -52.45 -30.32
N LYS P 31 47.23 -52.14 -29.14
CA LYS P 31 48.36 -51.21 -29.05
C LYS P 31 49.57 -51.74 -29.79
N TYR P 32 50.02 -51.00 -30.79
CA TYR P 32 51.26 -51.41 -31.44
C TYR P 32 52.46 -50.69 -30.83
N ILE P 33 53.63 -51.10 -31.26
CA ILE P 33 54.87 -50.54 -30.72
C ILE P 33 55.32 -49.33 -31.50
N GLU P 34 55.19 -49.38 -32.83
CA GLU P 34 55.49 -48.23 -33.68
C GLU P 34 54.82 -48.45 -35.02
N LYS P 35 54.29 -47.36 -35.59
CA LYS P 35 53.65 -47.42 -36.90
C LYS P 35 54.66 -47.05 -37.98
N ILE P 36 54.92 -47.99 -38.89
CA ILE P 36 55.93 -47.80 -39.92
C ILE P 36 55.37 -47.74 -41.32
N GLY P 37 54.06 -47.89 -41.49
CA GLY P 37 53.49 -47.78 -42.82
C GLY P 37 51.98 -47.74 -42.77
N TYR P 38 51.40 -47.40 -43.91
CA TYR P 38 49.95 -47.50 -44.06
C TYR P 38 49.65 -48.05 -45.45
N TYR P 39 48.50 -48.71 -45.55
CA TYR P 39 48.19 -49.53 -46.71
C TYR P 39 46.71 -49.45 -47.03
N ASP P 40 46.39 -49.11 -48.28
CA ASP P 40 45.02 -49.12 -48.76
C ASP P 40 44.89 -50.19 -49.84
N PRO P 41 44.30 -51.34 -49.54
CA PRO P 41 44.29 -52.44 -50.52
C PRO P 41 43.38 -52.22 -51.70
N ARG P 42 42.42 -51.30 -51.59
CA ARG P 42 41.55 -50.97 -52.70
C ARG P 42 42.11 -49.88 -53.56
N LYS P 43 43.25 -49.29 -53.17
CA LYS P 43 43.93 -48.27 -53.94
C LYS P 43 42.97 -47.15 -54.34
N THR P 44 42.45 -46.47 -53.33
CA THR P 44 41.52 -45.37 -53.56
C THR P 44 42.22 -44.03 -53.73
N THR P 45 43.44 -43.90 -53.22
CA THR P 45 44.27 -42.73 -53.41
C THR P 45 45.50 -43.09 -54.22
N PRO P 46 46.04 -42.14 -54.99
CA PRO P 46 47.29 -42.43 -55.70
C PRO P 46 48.40 -42.88 -54.77
N ASP P 47 48.54 -42.24 -53.62
CA ASP P 47 49.41 -42.75 -52.57
C ASP P 47 48.56 -43.68 -51.73
N TRP P 48 48.55 -44.95 -52.10
CA TRP P 48 47.80 -45.96 -51.37
C TRP P 48 48.66 -46.91 -50.55
N LEU P 49 49.97 -46.91 -50.74
CA LEU P 49 50.86 -47.69 -49.88
C LEU P 49 52.09 -46.87 -49.59
N LYS P 50 52.44 -46.74 -48.31
CA LYS P 50 53.67 -46.03 -47.96
C LYS P 50 54.32 -46.69 -46.76
N VAL P 51 55.65 -46.71 -46.78
CA VAL P 51 56.47 -47.35 -45.75
C VAL P 51 57.67 -46.45 -45.48
N ASP P 52 58.03 -46.32 -44.20
CA ASP P 52 59.29 -45.71 -43.78
C ASP P 52 60.37 -46.79 -43.83
N VAL P 53 61.22 -46.72 -44.87
CA VAL P 53 62.09 -47.85 -45.20
C VAL P 53 63.15 -48.06 -44.11
N GLU P 54 63.81 -46.97 -43.69
CA GLU P 54 64.90 -47.12 -42.73
C GLU P 54 64.42 -47.72 -41.42
N ARG P 55 63.18 -47.43 -41.03
CA ARG P 55 62.65 -47.94 -39.78
C ARG P 55 62.39 -49.44 -39.88
N ALA P 56 61.68 -49.86 -40.93
CA ALA P 56 61.53 -51.29 -41.18
C ALA P 56 62.88 -51.98 -41.19
N ARG P 57 63.90 -51.35 -41.76
CA ARG P 57 65.22 -51.96 -41.76
C ARG P 57 65.76 -52.10 -40.35
N TYR P 58 65.57 -51.08 -39.51
CA TYR P 58 65.97 -51.21 -38.10
C TYR P 58 65.29 -52.41 -37.46
N TRP P 59 63.96 -52.43 -37.44
CA TRP P 59 63.23 -53.47 -36.75
C TRP P 59 63.60 -54.85 -37.28
N LEU P 60 63.79 -54.97 -38.59
CA LEU P 60 64.23 -56.24 -39.15
C LEU P 60 65.61 -56.61 -38.64
N SER P 61 66.51 -55.63 -38.52
CA SER P 61 67.83 -55.91 -38.00
C SER P 61 67.74 -56.49 -36.60
N VAL P 62 66.99 -55.84 -35.71
CA VAL P 62 66.92 -56.32 -34.33
C VAL P 62 66.00 -57.53 -34.20
N GLY P 63 65.30 -57.92 -35.25
CA GLY P 63 64.65 -59.20 -35.29
C GLY P 63 63.14 -59.24 -35.28
N ALA P 64 62.46 -58.19 -35.75
CA ALA P 64 61.03 -58.30 -35.96
C ALA P 64 60.76 -59.16 -37.19
N GLN P 65 59.75 -60.02 -37.09
CA GLN P 65 59.46 -60.96 -38.16
C GLN P 65 58.16 -60.58 -38.84
N PRO P 66 58.16 -60.27 -40.13
CA PRO P 66 56.95 -59.80 -40.79
C PRO P 66 56.08 -60.94 -41.29
N THR P 67 54.80 -60.62 -41.45
CA THR P 67 53.86 -61.52 -42.10
C THR P 67 54.28 -61.77 -43.55
N ASP P 68 53.63 -62.74 -44.18
CA ASP P 68 53.87 -62.94 -45.60
C ASP P 68 53.39 -61.75 -46.40
N THR P 69 52.23 -61.21 -46.05
CA THR P 69 51.69 -60.03 -46.73
C THR P 69 52.44 -58.76 -46.35
N ALA P 70 52.74 -58.59 -45.07
CA ALA P 70 53.62 -57.51 -44.65
C ALA P 70 54.90 -57.50 -45.47
N ARG P 71 55.55 -58.67 -45.59
CA ARG P 71 56.78 -58.77 -46.38
C ARG P 71 56.54 -58.44 -47.84
N ARG P 72 55.37 -58.82 -48.38
CA ARG P 72 55.07 -58.42 -49.75
C ARG P 72 55.07 -56.91 -49.88
N LEU P 73 54.48 -56.21 -48.91
CA LEU P 73 54.35 -54.76 -49.01
C LEU P 73 55.69 -54.06 -48.82
N LEU P 74 56.47 -54.47 -47.83
CA LEU P 74 57.80 -53.89 -47.65
C LEU P 74 58.66 -54.15 -48.88
N ARG P 75 58.68 -55.39 -49.35
CA ARG P 75 59.42 -55.73 -50.57
C ARG P 75 59.04 -54.79 -51.71
N GLN P 76 57.74 -54.56 -51.89
CA GLN P 76 57.32 -53.63 -52.95
C GLN P 76 57.87 -52.24 -52.71
N ALA P 77 58.01 -51.83 -51.45
CA ALA P 77 58.54 -50.51 -51.13
C ALA P 77 60.06 -50.43 -51.27
N GLY P 78 60.72 -51.54 -51.58
CA GLY P 78 62.17 -51.51 -51.73
C GLY P 78 62.94 -51.66 -50.45
N VAL P 79 62.33 -52.25 -49.42
CA VAL P 79 63.05 -52.46 -48.17
C VAL P 79 64.09 -53.57 -48.32
N PHE P 80 63.82 -54.54 -49.19
CA PHE P 80 64.76 -55.62 -49.41
C PHE P 80 65.66 -55.39 -50.61
N ARG P 81 65.28 -54.48 -51.50
CA ARG P 81 66.05 -54.20 -52.70
C ARG P 81 67.44 -53.72 -52.34
N GLN P 82 68.46 -54.46 -52.76
CA GLN P 82 69.85 -54.15 -52.47
C GLN P 82 70.58 -53.55 -53.66
N GLU P 83 69.91 -53.38 -54.79
CA GLU P 83 70.55 -53.00 -56.04
C GLU P 83 71.31 -51.67 -55.95
N ALA P 84 70.57 -50.61 -55.63
N PRO Q 1 65.38 -40.59 -11.50
CA PRO Q 1 66.33 -40.57 -10.39
C PRO Q 1 65.73 -41.01 -9.07
N LYS Q 2 66.54 -41.60 -8.21
CA LYS Q 2 66.09 -41.94 -6.87
C LYS Q 2 65.68 -40.69 -6.11
N LYS Q 3 64.44 -40.67 -5.62
CA LYS Q 3 63.89 -39.50 -4.95
C LYS Q 3 64.59 -39.25 -3.60
N VAL Q 4 64.92 -37.98 -3.35
CA VAL Q 4 65.64 -37.59 -2.14
C VAL Q 4 64.87 -36.47 -1.45
N LEU Q 5 64.66 -36.63 -0.14
CA LEU Q 5 63.90 -35.69 0.68
C LEU Q 5 64.77 -35.17 1.81
N THR Q 6 64.45 -33.99 2.31
CA THR Q 6 65.07 -33.50 3.54
C THR Q 6 64.02 -33.52 4.64
N GLY Q 7 64.38 -34.07 5.80
CA GLY Q 7 63.45 -34.19 6.90
C GLY Q 7 64.11 -34.10 8.27
N VAL Q 8 63.33 -34.33 9.33
CA VAL Q 8 63.78 -34.16 10.71
C VAL Q 8 63.45 -35.41 11.49
N VAL Q 9 64.47 -36.03 12.09
CA VAL Q 9 64.28 -37.27 12.84
C VAL Q 9 63.46 -36.98 14.09
N VAL Q 10 62.37 -37.71 14.26
CA VAL Q 10 61.48 -37.54 15.39
C VAL Q 10 61.45 -38.76 16.29
N SER Q 11 61.97 -39.90 15.85
CA SER Q 11 61.96 -41.09 16.70
C SER Q 11 63.12 -42.00 16.31
N ASP Q 12 64.16 -42.01 17.15
CA ASP Q 12 65.27 -42.94 17.04
C ASP Q 12 65.05 -44.19 17.87
N LYS Q 13 63.84 -44.40 18.36
CA LYS Q 13 63.52 -45.43 19.33
C LYS Q 13 63.60 -46.86 18.77
N MET Q 14 64.06 -47.04 17.53
CA MET Q 14 64.20 -48.36 16.93
C MET Q 14 65.66 -48.70 16.74
N GLN Q 15 65.90 -49.98 16.46
CA GLN Q 15 67.24 -50.46 16.14
C GLN Q 15 67.49 -50.24 14.66
N LYS Q 16 68.48 -49.40 14.34
CA LYS Q 16 68.89 -49.11 12.96
C LYS Q 16 67.73 -48.61 12.10
N THR Q 17 66.81 -47.89 12.72
CA THR Q 17 65.71 -47.26 12.00
C THR Q 17 65.42 -45.94 12.68
N VAL Q 18 65.27 -44.88 11.90
CA VAL Q 18 64.86 -43.58 12.41
C VAL Q 18 63.62 -43.14 11.66
N THR Q 19 62.75 -42.39 12.34
CA THR Q 19 61.52 -41.87 11.76
C THR Q 19 61.77 -40.43 11.35
N VAL Q 20 61.88 -40.18 10.05
CA VAL Q 20 62.18 -38.85 9.52
C VAL Q 20 60.89 -38.21 9.05
N LEU Q 21 60.61 -37.00 9.55
CA LEU Q 21 59.41 -36.26 9.19
C LEU Q 21 59.74 -35.26 8.09
N VAL Q 22 58.98 -35.32 6.99
CA VAL Q 22 59.25 -34.55 5.78
C VAL Q 22 58.02 -33.73 5.43
N GLU Q 23 58.22 -32.43 5.22
CA GLU Q 23 57.13 -31.53 4.85
C GLU Q 23 57.15 -31.25 3.35
N ARG Q 24 56.04 -30.70 2.86
CA ARG Q 24 55.96 -30.23 1.49
C ARG Q 24 54.98 -29.08 1.43
N GLN Q 25 55.26 -28.13 0.54
CA GLN Q 25 54.48 -26.91 0.36
C GLN Q 25 53.90 -26.89 -1.04
N PHE Q 26 52.62 -26.52 -1.17
CA PHE Q 26 52.03 -26.47 -2.49
C PHE Q 26 50.69 -25.75 -2.48
N PRO Q 27 50.28 -25.12 -3.58
CA PRO Q 27 48.98 -24.46 -3.60
C PRO Q 27 47.85 -25.46 -3.62
N HIS Q 28 46.77 -25.11 -2.97
CA HIS Q 28 45.55 -25.91 -3.02
C HIS Q 28 45.08 -25.98 -4.47
N PRO Q 29 44.78 -27.17 -5.00
CA PRO Q 29 44.45 -27.27 -6.43
C PRO Q 29 43.22 -26.50 -6.85
N LEU Q 30 42.34 -26.16 -5.90
CA LEU Q 30 41.16 -25.36 -6.20
C LEU Q 30 41.19 -24.01 -5.50
N TYR Q 31 41.53 -23.98 -4.22
CA TYR Q 31 41.45 -22.77 -3.42
C TYR Q 31 42.77 -22.01 -3.35
N GLY Q 32 43.81 -22.48 -4.02
CA GLY Q 32 44.97 -21.66 -4.34
C GLY Q 32 45.89 -21.33 -3.18
N LYS Q 33 45.36 -21.32 -1.97
CA LYS Q 33 46.18 -21.09 -0.78
C LYS Q 33 47.32 -22.11 -0.73
N VAL Q 34 48.50 -21.67 -0.31
CA VAL Q 34 49.58 -22.62 -0.10
C VAL Q 34 49.30 -23.39 1.18
N ILE Q 35 49.17 -24.70 1.06
CA ILE Q 35 49.02 -25.57 2.21
C ILE Q 35 50.30 -26.40 2.36
N LYS Q 36 50.48 -26.90 3.57
CA LYS Q 36 51.71 -27.55 4.01
C LYS Q 36 51.34 -28.92 4.55
N ARG Q 37 51.77 -29.97 3.86
CA ARG Q 37 51.49 -31.33 4.29
C ARG Q 37 52.79 -32.00 4.74
N SER Q 38 52.67 -33.18 5.34
CA SER Q 38 53.83 -33.82 5.95
C SER Q 38 53.63 -35.33 5.98
N LYS Q 39 54.74 -36.04 6.07
CA LYS Q 39 54.74 -37.51 5.99
C LYS Q 39 56.01 -38.03 6.65
N LYS Q 40 55.86 -39.10 7.44
CA LYS Q 40 56.99 -39.76 8.09
C LYS Q 40 57.45 -40.94 7.25
N TYR Q 41 58.76 -41.03 7.06
CA TYR Q 41 59.40 -42.14 6.37
C TYR Q 41 60.32 -42.87 7.34
N LEU Q 42 60.33 -44.20 7.26
CA LEU Q 42 61.18 -45.02 8.12
C LEU Q 42 62.48 -45.28 7.39
N ALA Q 43 63.57 -44.75 7.92
CA ALA Q 43 64.86 -44.70 7.24
C ALA Q 43 65.89 -45.59 7.92
N HIS Q 44 66.77 -46.16 7.11
CA HIS Q 44 67.77 -47.12 7.55
C HIS Q 44 69.00 -46.37 8.06
N ASP Q 45 69.35 -46.60 9.32
CA ASP Q 45 70.53 -46.03 9.96
C ASP Q 45 71.39 -47.20 10.43
N PRO Q 46 72.20 -47.78 9.54
CA PRO Q 46 72.94 -49.00 9.90
C PRO Q 46 73.99 -48.78 10.98
N GLU Q 47 74.38 -47.54 11.23
CA GLU Q 47 75.42 -47.24 12.20
C GLU Q 47 74.86 -46.59 13.47
N GLU Q 48 73.53 -46.58 13.65
CA GLU Q 48 72.89 -45.84 14.74
C GLU Q 48 73.37 -44.39 14.77
N LYS Q 49 73.74 -43.89 13.60
CA LYS Q 49 74.56 -42.70 13.47
C LYS Q 49 73.79 -41.43 13.80
N TYR Q 50 72.49 -41.39 13.51
CA TYR Q 50 71.68 -40.18 13.59
C TYR Q 50 70.80 -40.24 14.82
N LYS Q 51 70.69 -39.10 15.52
CA LYS Q 51 69.98 -39.01 16.78
C LYS Q 51 68.82 -38.04 16.64
N LEU Q 52 68.03 -37.94 17.71
CA LEU Q 52 66.79 -37.18 17.71
C LEU Q 52 67.05 -35.71 17.38
N GLY Q 53 66.24 -35.15 16.48
CA GLY Q 53 66.31 -33.75 16.16
C GLY Q 53 67.16 -33.40 14.95
N ASP Q 54 67.85 -34.36 14.35
CA ASP Q 54 68.71 -34.07 13.21
C ASP Q 54 67.89 -33.82 11.95
N VAL Q 55 68.37 -32.89 11.11
CA VAL Q 55 67.79 -32.65 9.80
C VAL Q 55 68.69 -33.32 8.76
N VAL Q 56 68.14 -34.35 8.11
CA VAL Q 56 68.90 -35.25 7.27
C VAL Q 56 68.30 -35.27 5.87
N GLU Q 57 69.09 -35.73 4.91
CA GLU Q 57 68.56 -36.12 3.62
C GLU Q 57 68.35 -37.63 3.57
N ILE Q 58 67.36 -38.03 2.78
CA ILE Q 58 66.72 -39.33 2.82
C ILE Q 58 66.57 -39.78 1.37
N ILE Q 59 67.18 -40.90 1.02
CA ILE Q 59 67.28 -41.29 -0.37
C ILE Q 59 66.52 -42.58 -0.59
N GLU Q 60 65.80 -42.63 -1.71
CA GLU Q 60 65.06 -43.81 -2.12
C GLU Q 60 66.01 -45.00 -2.23
N SER Q 61 65.58 -46.14 -1.69
CA SER Q 61 66.50 -47.25 -1.51
C SER Q 61 65.79 -48.57 -1.77
N ARG Q 62 66.60 -49.58 -2.04
CA ARG Q 62 66.14 -50.96 -2.02
C ARG Q 62 65.43 -51.23 -0.69
N PRO Q 63 64.32 -51.96 -0.69
CA PRO Q 63 63.58 -52.17 0.56
C PRO Q 63 64.40 -52.89 1.63
N ILE Q 64 64.34 -52.37 2.85
CA ILE Q 64 65.06 -52.92 3.99
C ILE Q 64 64.11 -53.72 4.87
N SER Q 65 62.85 -53.28 4.94
CA SER Q 65 61.79 -54.02 5.62
C SER Q 65 60.46 -53.47 5.13
N LYS Q 66 59.39 -54.18 5.51
CA LYS Q 66 58.06 -53.65 5.28
C LYS Q 66 58.00 -52.26 5.84
N ARG Q 67 57.53 -51.32 5.04
CA ARG Q 67 57.38 -49.93 5.45
C ARG Q 67 58.71 -49.19 5.61
N LYS Q 68 59.82 -49.78 5.15
CA LYS Q 68 61.15 -49.18 5.29
C LYS Q 68 61.87 -49.21 3.95
N ARG Q 69 61.79 -48.11 3.19
CA ARG Q 69 62.30 -48.07 1.82
C ARG Q 69 63.32 -46.95 1.58
N PHE Q 70 63.85 -46.33 2.63
CA PHE Q 70 64.78 -45.23 2.45
C PHE Q 70 66.01 -45.40 3.33
N ARG Q 71 67.14 -44.85 2.87
CA ARG Q 71 68.36 -44.80 3.66
C ARG Q 71 68.74 -43.34 3.90
N VAL Q 72 69.49 -43.10 4.97
CA VAL Q 72 69.85 -41.75 5.38
C VAL Q 72 71.10 -41.34 4.61
N LEU Q 73 70.94 -40.39 3.69
CA LEU Q 73 72.03 -39.99 2.83
C LEU Q 73 73.10 -39.23 3.62
N ARG Q 74 72.74 -38.07 4.17
CA ARG Q 74 73.68 -37.18 4.81
C ARG Q 74 72.95 -36.34 5.85
N LEU Q 75 73.72 -35.66 6.69
CA LEU Q 75 73.16 -34.76 7.69
C LEU Q 75 73.22 -33.34 7.17
N VAL Q 76 72.05 -32.74 6.95
CA VAL Q 76 71.99 -31.34 6.55
C VAL Q 76 72.36 -30.44 7.70
N GLU Q 77 71.62 -30.55 8.81
CA GLU Q 77 71.93 -29.70 9.96
C GLU Q 77 71.73 -30.49 11.24
N SER Q 78 72.59 -30.20 12.22
CA SER Q 78 72.59 -30.92 13.48
C SER Q 78 71.30 -30.70 14.25
N GLY Q 79 71.16 -31.39 15.38
CA GLY Q 79 69.93 -31.40 16.16
C GLY Q 79 69.25 -30.06 16.38
N ARG Q 80 68.01 -29.95 15.91
CA ARG Q 80 67.17 -28.80 16.21
C ARG Q 80 65.82 -29.33 16.72
N MET Q 81 65.67 -29.25 18.03
CA MET Q 81 64.54 -29.87 18.73
C MET Q 81 63.25 -29.08 18.59
N ASP Q 82 63.31 -27.81 18.17
CA ASP Q 82 62.08 -27.03 18.01
C ASP Q 82 61.07 -27.78 17.15
N LEU Q 83 61.53 -28.35 16.04
CA LEU Q 83 60.66 -29.09 15.14
C LEU Q 83 60.09 -30.32 15.84
N VAL Q 84 60.94 -31.07 16.52
CA VAL Q 84 60.49 -32.25 17.26
C VAL Q 84 59.43 -31.86 18.27
N GLU Q 85 59.65 -30.77 19.00
CA GLU Q 85 58.68 -30.26 19.96
C GLU Q 85 57.35 -30.01 19.29
N LYS Q 86 57.36 -29.19 18.23
CA LYS Q 86 56.13 -28.95 17.45
C LYS Q 86 55.41 -30.27 17.17
N TYR Q 87 56.15 -31.27 16.71
CA TYR Q 87 55.53 -32.55 16.36
C TYR Q 87 54.94 -33.25 17.59
N LEU Q 88 55.66 -33.23 18.70
CA LEU Q 88 55.18 -33.92 19.88
C LEU Q 88 53.94 -33.26 20.44
N ILE Q 89 53.84 -31.93 20.37
CA ILE Q 89 52.62 -31.26 20.77
C ILE Q 89 51.47 -31.67 19.85
N ARG Q 90 51.70 -31.64 18.54
CA ARG Q 90 50.67 -32.06 17.60
C ARG Q 90 50.18 -33.47 17.95
N ARG Q 91 51.07 -34.35 18.39
CA ARG Q 91 50.67 -35.69 18.78
C ARG Q 91 49.91 -35.70 20.11
N GLN Q 92 50.40 -34.93 21.09
CA GLN Q 92 49.84 -35.00 22.44
C GLN Q 92 48.45 -34.40 22.50
N ASN Q 93 48.14 -33.45 21.62
CA ASN Q 93 46.77 -32.94 21.56
C ASN Q 93 45.77 -34.05 21.32
N TYR Q 94 46.19 -35.12 20.63
CA TYR Q 94 45.26 -36.19 20.25
C TYR Q 94 44.65 -36.90 21.46
N GLU Q 95 45.30 -36.86 22.62
CA GLU Q 95 44.69 -37.43 23.81
C GLU Q 95 43.51 -36.62 24.29
N SER Q 96 43.39 -35.38 23.87
CA SER Q 96 42.39 -34.47 24.41
C SER Q 96 41.05 -34.54 23.69
N LEU Q 97 40.92 -35.39 22.66
CA LEU Q 97 39.64 -35.55 21.96
C LEU Q 97 39.32 -37.03 21.76
N SER Q 98 38.76 -37.67 22.80
CA SER Q 98 38.25 -39.03 22.65
C SER Q 98 36.76 -39.13 22.95
N LYS Q 99 36.33 -38.81 24.17
CA LYS Q 99 34.96 -39.07 24.59
C LYS Q 99 34.64 -38.37 25.91
N PRO R 1 12.31 23.63 38.26
CA PRO R 1 13.64 23.86 37.66
C PRO R 1 14.68 24.39 38.65
N SER R 2 14.27 24.56 39.91
CA SER R 2 15.15 24.96 41.01
C SER R 2 15.88 26.29 40.70
N ARG R 3 15.07 27.31 40.43
CA ARG R 3 15.56 28.68 40.26
C ARG R 3 15.52 29.48 41.56
N LYS R 4 15.22 28.83 42.69
CA LYS R 4 15.19 29.52 43.97
C LYS R 4 16.61 29.80 44.46
N ALA R 5 17.42 28.75 44.59
CA ALA R 5 18.82 28.88 44.96
C ALA R 5 19.51 27.55 44.73
N LYS R 6 20.83 27.61 44.56
CA LYS R 6 21.69 26.44 44.53
C LYS R 6 22.50 26.42 45.82
N VAL R 7 22.68 25.22 46.39
CA VAL R 7 23.26 25.14 47.73
C VAL R 7 24.77 25.39 47.70
N LYS R 8 25.46 25.03 46.61
CA LYS R 8 26.91 25.23 46.57
C LYS R 8 27.27 26.71 46.58
N ALA R 9 26.64 27.50 45.72
CA ALA R 9 26.84 28.95 45.74
C ALA R 9 26.25 29.61 46.97
N THR R 10 25.44 28.89 47.76
CA THR R 10 24.99 29.34 49.07
C THR R 10 26.00 28.98 50.15
N LEU R 11 27.18 28.52 49.77
CA LEU R 11 28.17 28.01 50.70
C LEU R 11 29.55 28.43 50.25
N GLY R 12 30.46 28.55 51.20
CA GLY R 12 31.82 28.96 50.92
C GLY R 12 32.77 27.80 50.81
N GLU R 13 33.94 27.94 51.43
CA GLU R 13 34.94 26.89 51.44
C GLU R 13 34.52 25.78 52.39
N PHE R 14 34.41 24.55 51.89
CA PHE R 14 34.07 23.44 52.75
C PHE R 14 34.59 22.13 52.16
N ASP R 15 34.76 21.15 53.03
CA ASP R 15 35.32 19.85 52.69
C ASP R 15 34.20 18.85 52.45
N LEU R 16 34.11 18.36 51.22
CA LEU R 16 33.06 17.41 50.88
C LEU R 16 33.20 16.10 51.65
N ARG R 17 34.40 15.77 52.10
CA ARG R 17 34.65 14.47 52.70
C ARG R 17 34.57 14.51 54.22
N ASP R 18 34.01 15.55 54.81
CA ASP R 18 33.85 15.65 56.25
C ASP R 18 32.49 15.08 56.63
N TYR R 19 32.49 13.87 57.16
CA TYR R 19 31.27 13.26 57.65
C TYR R 19 30.81 13.84 58.98
N ARG R 20 31.71 14.50 59.71
CA ARG R 20 31.41 14.98 61.05
C ARG R 20 30.96 16.44 61.08
N ASN R 21 30.92 17.12 59.93
CA ASN R 21 30.57 18.54 59.87
C ASN R 21 29.08 18.64 59.57
N VAL R 22 28.28 18.73 60.63
CA VAL R 22 26.83 18.64 60.47
C VAL R 22 26.26 19.95 59.94
N GLU R 23 26.61 21.07 60.56
CA GLU R 23 25.94 22.33 60.24
C GLU R 23 26.13 22.75 58.79
N VAL R 24 26.84 21.94 58.01
CA VAL R 24 26.93 22.12 56.57
C VAL R 24 26.20 21.02 55.82
N LEU R 25 26.34 19.76 56.25
CA LEU R 25 25.65 18.66 55.58
C LEU R 25 24.14 18.79 55.75
N LYS R 26 23.70 19.24 56.92
CA LYS R 26 22.34 19.72 57.14
C LYS R 26 21.81 20.50 55.94
N ARG R 27 22.61 21.44 55.42
CA ARG R 27 22.18 22.32 54.34
C ARG R 27 21.88 21.57 53.05
N PHE R 28 22.39 20.34 52.91
CA PHE R 28 22.19 19.55 51.70
C PHE R 28 21.03 18.57 51.80
N LEU R 29 20.45 18.39 52.98
CA LEU R 29 19.28 17.54 53.11
C LEU R 29 18.00 18.35 52.90
N SER R 30 16.93 17.66 52.55
CA SER R 30 15.67 18.31 52.25
C SER R 30 14.90 18.59 53.54
N GLU R 31 13.64 18.99 53.40
CA GLU R 31 12.77 19.16 54.55
C GLU R 31 12.47 17.81 55.19
N THR R 32 12.28 16.78 54.38
CA THR R 32 12.35 15.41 54.85
C THR R 32 13.81 15.05 55.07
N GLY R 33 14.07 13.82 55.47
CA GLY R 33 15.46 13.46 55.62
C GLY R 33 16.22 13.20 54.35
N LYS R 34 15.64 13.45 53.18
CA LYS R 34 16.18 12.95 51.92
C LYS R 34 17.32 13.80 51.39
N ILE R 35 18.20 13.16 50.62
CA ILE R 35 19.37 13.80 50.02
C ILE R 35 18.93 14.53 48.75
N LEU R 36 19.28 15.82 48.65
CA LEU R 36 18.83 16.64 47.55
C LEU R 36 19.48 16.21 46.23
N PRO R 37 18.79 16.38 45.11
CA PRO R 37 19.40 16.13 43.80
C PRO R 37 20.24 17.32 43.33
N ARG R 38 20.97 17.09 42.24
CA ARG R 38 21.86 18.12 41.71
C ARG R 38 21.13 19.37 41.26
N ARG R 39 19.82 19.29 41.06
CA ARG R 39 19.04 20.50 40.79
C ARG R 39 19.22 21.51 41.91
N ARG R 40 19.07 21.06 43.15
CA ARG R 40 19.16 21.96 44.29
C ARG R 40 20.60 22.16 44.73
N THR R 41 21.33 21.07 44.94
CA THR R 41 22.70 21.19 45.46
C THR R 41 23.61 21.94 44.50
N GLY R 42 23.35 21.84 43.20
CA GLY R 42 24.26 22.41 42.25
C GLY R 42 25.62 21.75 42.19
N LEU R 43 25.77 20.59 42.80
CA LEU R 43 27.03 19.86 42.76
C LEU R 43 27.25 19.29 41.36
N SER R 44 28.43 18.73 41.17
CA SER R 44 28.79 18.04 39.94
C SER R 44 28.66 16.53 40.15
N ALA R 45 28.97 15.77 39.11
CA ALA R 45 28.87 14.31 39.20
C ALA R 45 29.74 13.79 40.33
N LYS R 46 31.04 14.07 40.26
CA LYS R 46 31.98 13.63 41.29
C LYS R 46 31.62 14.21 42.65
N GLU R 47 31.26 15.50 42.69
CA GLU R 47 30.95 16.15 43.96
C GLU R 47 29.76 15.50 44.64
N GLN R 48 28.62 15.40 43.94
CA GLN R 48 27.43 14.78 44.52
C GLN R 48 27.69 13.32 44.87
N ARG R 49 28.50 12.64 44.06
CA ARG R 49 28.85 11.26 44.35
C ARG R 49 29.53 11.14 45.71
N ILE R 50 30.50 12.01 46.00
CA ILE R 50 31.25 11.90 47.25
C ILE R 50 30.43 12.41 48.43
N LEU R 51 29.79 13.57 48.27
CA LEU R 51 28.94 14.11 49.32
C LEU R 51 27.88 13.09 49.74
N ALA R 52 27.35 12.34 48.79
CA ALA R 52 26.42 11.26 49.13
C ALA R 52 27.02 10.35 50.20
N LYS R 53 28.21 9.82 49.93
CA LYS R 53 28.78 8.83 50.85
C LYS R 53 29.15 9.45 52.18
N THR R 54 29.57 10.71 52.21
CA THR R 54 29.86 11.31 53.51
C THR R 54 28.59 11.61 54.30
N ILE R 55 27.47 11.83 53.60
CA ILE R 55 26.19 12.01 54.28
C ILE R 55 25.71 10.68 54.85
N LYS R 56 25.85 9.59 54.09
CA LYS R 56 25.50 8.28 54.61
C LYS R 56 26.36 7.94 55.82
N ARG R 57 27.67 8.16 55.70
CA ARG R 57 28.58 8.02 56.85
C ARG R 57 28.06 8.80 58.05
N ALA R 58 27.60 10.04 57.83
CA ALA R 58 27.08 10.83 58.94
C ALA R 58 25.78 10.26 59.48
N ARG R 59 24.95 9.67 58.62
CA ARG R 59 23.67 9.12 59.06
C ARG R 59 23.87 7.95 60.01
N ILE R 60 24.85 7.08 59.73
CA ILE R 60 25.10 5.97 60.64
C ILE R 60 25.41 6.49 62.04
N LEU R 61 26.22 7.55 62.12
CA LEU R 61 26.66 8.08 63.40
C LEU R 61 25.55 8.73 64.20
N GLY R 62 24.37 8.94 63.63
CA GLY R 62 23.32 9.62 64.35
C GLY R 62 23.39 11.12 64.31
N LEU R 63 24.18 11.70 63.40
CA LEU R 63 24.31 13.14 63.26
C LEU R 63 23.30 13.72 62.29
N LEU R 64 23.11 13.05 61.16
CA LEU R 64 22.04 13.34 60.22
C LEU R 64 21.00 12.24 60.27
N PRO R 65 19.72 12.57 60.06
CA PRO R 65 18.69 11.54 60.13
C PRO R 65 18.57 10.76 58.83
N PHE R 66 17.91 9.61 58.92
CA PHE R 66 17.59 8.86 57.72
C PHE R 66 16.31 9.37 57.08
N THR R 67 15.32 9.74 57.89
CA THR R 67 14.06 10.26 57.39
C THR R 67 13.43 11.14 58.44
N GLU R 68 12.59 12.06 57.98
CA GLU R 68 11.87 13.00 58.84
C GLU R 68 10.39 12.99 58.48
N LYS R 69 9.60 13.54 59.40
CA LYS R 69 8.19 13.75 59.13
C LYS R 69 7.99 15.09 58.44
N LEU R 70 7.00 15.14 57.56
CA LEU R 70 6.67 16.35 56.82
C LEU R 70 5.70 17.21 57.62
N VAL R 71 5.99 18.50 57.72
CA VAL R 71 5.20 19.42 58.53
C VAL R 71 4.31 20.26 57.64
N ARG R 72 3.17 20.70 58.20
CA ARG R 72 2.29 21.74 57.69
C ARG R 72 1.40 21.31 56.53
N LYS R 73 1.50 20.08 56.03
CA LYS R 73 0.83 19.68 54.78
C LYS R 73 -0.66 20.03 54.66
N PRO S 1 -78.63 -5.03 5.86
CA PRO S 1 -78.57 -3.60 5.53
C PRO S 1 -78.18 -3.33 4.08
N ARG S 2 -78.68 -4.14 3.15
CA ARG S 2 -78.21 -4.13 1.77
C ARG S 2 -79.15 -3.33 0.86
N SER S 3 -78.80 -3.28 -0.42
CA SER S 3 -79.54 -2.49 -1.40
C SER S 3 -79.04 -2.78 -2.81
N LEU S 4 -79.95 -2.78 -3.79
CA LEU S 4 -79.56 -2.58 -5.19
C LEU S 4 -80.19 -1.32 -5.77
N LYS S 5 -81.51 -1.32 -6.00
CA LYS S 5 -82.25 -0.19 -6.55
C LYS S 5 -83.68 -0.58 -6.87
N LYS S 6 -84.49 0.36 -7.35
CA LYS S 6 -85.72 0.01 -8.05
C LYS S 6 -85.40 -0.44 -9.47
N GLY S 7 -86.22 -1.36 -9.98
CA GLY S 7 -85.90 -2.01 -11.24
C GLY S 7 -84.89 -3.13 -11.08
N VAL S 8 -85.27 -4.15 -10.28
CA VAL S 8 -84.34 -5.21 -9.88
C VAL S 8 -83.76 -5.93 -11.10
N PHE S 9 -82.59 -6.53 -10.91
CA PHE S 9 -81.84 -7.17 -11.98
C PHE S 9 -81.83 -8.68 -11.81
N VAL S 10 -82.09 -9.39 -12.90
CA VAL S 10 -81.93 -10.84 -13.02
C VAL S 10 -81.44 -11.13 -14.43
N ASP S 11 -80.38 -11.93 -14.55
CA ASP S 11 -79.83 -12.27 -15.85
C ASP S 11 -80.85 -13.05 -16.67
N ASP S 12 -80.91 -12.75 -17.97
CA ASP S 12 -81.96 -13.29 -18.83
C ASP S 12 -81.58 -14.57 -19.54
N HIS S 13 -80.40 -15.12 -19.29
CA HIS S 13 -80.10 -16.47 -19.76
C HIS S 13 -81.02 -17.47 -19.05
N LEU S 14 -80.82 -17.62 -17.75
CA LEU S 14 -81.65 -18.51 -16.96
C LEU S 14 -83.05 -17.94 -16.73
N LEU S 15 -83.25 -16.64 -16.96
CA LEU S 15 -84.60 -16.10 -16.82
C LEU S 15 -85.52 -16.71 -17.86
N GLU S 16 -85.09 -16.72 -19.13
CA GLU S 16 -85.85 -17.42 -20.16
C GLU S 16 -85.76 -18.93 -19.98
N LYS S 17 -84.63 -19.43 -19.47
CA LYS S 17 -84.50 -20.86 -19.27
C LYS S 17 -85.55 -21.39 -18.30
N VAL S 18 -85.74 -20.70 -17.17
CA VAL S 18 -86.57 -21.23 -16.09
C VAL S 18 -88.04 -21.18 -16.47
N LEU S 19 -88.47 -20.11 -17.16
CA LEU S 19 -89.85 -20.07 -17.61
C LEU S 19 -90.09 -21.05 -18.74
N GLU S 20 -89.11 -21.23 -19.61
CA GLU S 20 -89.24 -22.25 -20.64
C GLU S 20 -89.30 -23.65 -20.04
N LEU S 21 -88.78 -23.85 -18.83
CA LEU S 21 -89.05 -25.11 -18.14
C LEU S 21 -90.45 -25.11 -17.52
N ASN S 22 -90.79 -24.05 -16.79
CA ASN S 22 -92.07 -23.97 -16.10
C ASN S 22 -93.25 -24.19 -17.05
N ALA S 23 -93.11 -23.79 -18.31
CA ALA S 23 -94.17 -24.05 -19.28
C ALA S 23 -94.45 -25.54 -19.39
N LYS S 24 -93.40 -26.36 -19.49
CA LYS S 24 -93.56 -27.79 -19.72
C LYS S 24 -93.10 -28.65 -18.55
N GLY S 25 -92.77 -28.06 -17.41
CA GLY S 25 -92.59 -28.89 -16.24
C GLY S 25 -91.42 -28.44 -15.38
N GLU S 26 -90.91 -29.41 -14.62
CA GLU S 26 -89.97 -29.21 -13.52
C GLU S 26 -88.55 -29.61 -13.89
N LYS S 27 -88.24 -29.63 -15.19
CA LYS S 27 -87.12 -30.41 -15.73
C LYS S 27 -85.85 -30.28 -14.88
N ARG S 28 -85.02 -31.32 -14.96
CA ARG S 28 -83.88 -31.51 -14.07
C ARG S 28 -82.86 -30.40 -14.24
N LEU S 29 -81.72 -30.49 -13.55
CA LEU S 29 -80.88 -29.37 -13.16
C LEU S 29 -80.60 -28.35 -14.24
N ILE S 30 -80.28 -27.13 -13.84
CA ILE S 30 -79.74 -26.13 -14.75
C ILE S 30 -78.24 -26.01 -14.48
N LYS S 31 -77.52 -25.40 -15.43
CA LYS S 31 -76.09 -25.12 -15.28
C LYS S 31 -75.83 -23.67 -15.63
N THR S 32 -75.49 -22.85 -14.63
CA THR S 32 -75.35 -21.42 -14.86
C THR S 32 -74.04 -20.92 -14.26
N TRP S 33 -73.34 -20.11 -15.04
CA TRP S 33 -72.19 -19.33 -14.61
C TRP S 33 -72.59 -17.93 -14.15
N SER S 34 -73.86 -17.59 -14.23
CA SER S 34 -74.35 -16.26 -13.89
C SER S 34 -74.97 -16.32 -12.49
N ARG S 35 -74.12 -16.12 -11.48
CA ARG S 35 -74.55 -16.10 -10.08
C ARG S 35 -74.95 -14.70 -9.63
N ARG S 36 -74.58 -13.67 -10.37
CA ARG S 36 -74.89 -12.28 -10.02
C ARG S 36 -76.38 -11.99 -10.01
N SER S 37 -77.21 -12.92 -10.49
CA SER S 37 -78.63 -12.71 -10.69
C SER S 37 -79.41 -12.98 -9.40
N THR S 38 -80.56 -12.32 -9.27
CA THR S 38 -81.39 -12.38 -8.08
C THR S 38 -82.36 -13.56 -8.16
N ILE S 39 -82.74 -14.07 -6.99
CA ILE S 39 -83.69 -15.17 -6.90
C ILE S 39 -85.10 -14.60 -6.88
N VAL S 40 -85.96 -15.14 -7.74
CA VAL S 40 -87.32 -14.62 -7.92
C VAL S 40 -88.30 -15.77 -7.72
N PRO S 41 -89.57 -15.46 -7.38
CA PRO S 41 -90.48 -16.54 -6.98
C PRO S 41 -90.64 -17.64 -8.01
N GLU S 42 -90.57 -17.31 -9.30
CA GLU S 42 -90.76 -18.31 -10.34
C GLU S 42 -89.61 -19.29 -10.45
N MET S 43 -88.59 -19.16 -9.61
CA MET S 43 -87.51 -20.14 -9.56
C MET S 43 -87.66 -21.14 -8.42
N VAL S 44 -88.57 -20.86 -7.47
CA VAL S 44 -88.71 -21.72 -6.31
C VAL S 44 -89.07 -23.14 -6.73
N GLY S 45 -88.44 -24.11 -6.07
CA GLY S 45 -88.66 -25.50 -6.37
C GLY S 45 -87.67 -26.12 -7.33
N HIS S 46 -86.99 -25.30 -8.14
CA HIS S 46 -86.07 -25.82 -9.14
C HIS S 46 -84.71 -26.15 -8.52
N THR S 47 -83.79 -26.64 -9.34
CA THR S 47 -82.43 -26.91 -8.91
C THR S 47 -81.45 -26.34 -9.92
N ILE S 48 -80.53 -25.50 -9.42
CA ILE S 48 -79.65 -24.68 -10.24
C ILE S 48 -78.21 -24.96 -9.85
N ALA S 49 -77.42 -25.41 -10.82
CA ALA S 49 -76.01 -25.69 -10.61
C ALA S 49 -75.23 -24.41 -10.84
N VAL S 50 -74.71 -23.83 -9.77
CA VAL S 50 -74.01 -22.55 -9.85
C VAL S 50 -72.51 -22.80 -9.96
N TYR S 51 -71.86 -22.06 -10.86
CA TYR S 51 -70.41 -22.14 -10.90
C TYR S 51 -69.82 -21.34 -9.74
N ASN S 52 -68.89 -21.94 -9.02
CA ASN S 52 -68.19 -21.27 -7.93
C ASN S 52 -66.77 -20.87 -8.29
N GLY S 53 -66.41 -20.98 -9.57
CA GLY S 53 -65.04 -20.81 -10.00
C GLY S 53 -64.36 -22.12 -10.37
N LYS S 54 -64.79 -23.23 -9.78
CA LYS S 54 -64.23 -24.54 -10.06
C LYS S 54 -65.25 -25.50 -10.67
N GLN S 55 -66.41 -25.67 -10.04
CA GLN S 55 -67.41 -26.61 -10.51
C GLN S 55 -68.80 -26.02 -10.29
N HIS S 56 -69.81 -26.76 -10.76
CA HIS S 56 -71.20 -26.38 -10.62
C HIS S 56 -71.80 -27.11 -9.42
N VAL S 57 -72.41 -26.37 -8.52
CA VAL S 57 -72.96 -26.93 -7.29
C VAL S 57 -74.46 -27.08 -7.45
N PRO S 58 -75.04 -28.22 -7.03
CA PRO S 58 -76.49 -28.42 -7.15
C PRO S 58 -77.31 -27.71 -6.08
N VAL S 59 -77.66 -26.46 -6.34
CA VAL S 59 -78.38 -25.63 -5.36
C VAL S 59 -79.88 -25.83 -5.53
N TYR S 60 -80.50 -26.50 -4.55
CA TYR S 60 -81.95 -26.56 -4.50
C TYR S 60 -82.48 -25.28 -3.87
N ILE S 61 -83.42 -24.62 -4.56
CA ILE S 61 -83.92 -23.31 -4.15
C ILE S 61 -85.32 -23.45 -3.59
N THR S 62 -85.54 -22.85 -2.41
CA THR S 62 -86.79 -22.93 -1.67
C THR S 62 -87.50 -21.59 -1.65
N GLU S 63 -88.63 -21.54 -0.94
CA GLU S 63 -89.40 -20.31 -0.84
C GLU S 63 -88.67 -19.25 -0.03
N ASN S 64 -88.06 -19.64 1.10
CA ASN S 64 -87.36 -18.69 1.95
C ASN S 64 -86.04 -18.22 1.34
N MET S 65 -85.66 -18.73 0.18
CA MET S 65 -84.45 -18.30 -0.50
C MET S 65 -84.69 -17.17 -1.50
N VAL S 66 -85.90 -16.60 -1.50
CA VAL S 66 -86.24 -15.55 -2.45
C VAL S 66 -85.50 -14.27 -2.09
N GLY S 67 -84.80 -13.70 -3.08
CA GLY S 67 -84.16 -12.40 -2.96
C GLY S 67 -82.65 -12.42 -2.94
N HIS S 68 -82.04 -13.57 -2.67
CA HIS S 68 -80.59 -13.64 -2.61
C HIS S 68 -80.00 -13.92 -4.00
N LYS S 69 -78.70 -13.67 -4.13
CA LYS S 69 -77.96 -14.02 -5.33
C LYS S 69 -77.52 -15.47 -5.27
N LEU S 70 -77.31 -16.06 -6.46
CA LEU S 70 -76.86 -17.45 -6.52
C LEU S 70 -75.52 -17.63 -5.83
N GLY S 71 -74.61 -16.67 -5.99
CA GLY S 71 -73.29 -16.79 -5.39
C GLY S 71 -73.30 -16.93 -3.88
N GLU S 72 -74.41 -16.57 -3.23
CA GLU S 72 -74.50 -16.72 -1.79
C GLU S 72 -74.49 -18.19 -1.38
N PHE S 73 -75.01 -19.07 -2.22
CA PHE S 73 -75.11 -20.49 -1.90
C PHE S 73 -74.04 -21.32 -2.59
N ALA S 74 -73.12 -20.69 -3.31
CA ALA S 74 -71.99 -21.35 -3.95
C ALA S 74 -70.71 -20.70 -3.44
N PRO S 75 -70.14 -21.20 -2.36
CA PRO S 75 -68.88 -20.62 -1.86
C PRO S 75 -67.74 -20.84 -2.84
N THR S 76 -66.93 -19.80 -3.03
CA THR S 76 -65.83 -19.83 -3.98
C THR S 76 -64.52 -20.26 -3.32
N ARG S 77 -64.27 -19.83 -2.09
CA ARG S 77 -63.07 -20.22 -1.36
C ARG S 77 -63.37 -21.43 -0.48
N THR S 78 -62.40 -22.34 -0.44
CA THR S 78 -62.49 -23.55 0.39
C THR S 78 -61.43 -23.44 1.49
N TYR S 79 -61.86 -23.29 2.74
CA TYR S 79 -60.96 -23.05 3.86
C TYR S 79 -61.05 -24.17 4.88
N ARG S 80 -59.90 -24.74 5.23
CA ARG S 80 -59.74 -25.77 6.27
C ARG S 80 -60.71 -26.95 6.10
N GLY S 81 -60.30 -27.94 5.32
N ARG T 1 34.39 -87.10 -23.06
CA ARG T 1 33.75 -86.18 -24.00
C ARG T 1 34.64 -84.98 -24.28
N ASN T 2 35.86 -85.02 -23.75
CA ASN T 2 36.72 -83.85 -23.68
C ASN T 2 37.95 -83.97 -24.58
N LEU T 3 38.84 -83.00 -24.43
CA LEU T 3 40.04 -82.82 -25.26
C LEU T 3 41.19 -83.69 -24.74
N SER T 4 42.16 -83.93 -25.62
CA SER T 4 43.36 -84.70 -25.28
C SER T 4 44.46 -83.83 -24.67
N ALA T 5 44.15 -82.62 -24.21
CA ALA T 5 45.07 -81.92 -23.31
C ALA T 5 45.35 -82.73 -22.06
N LEU T 6 44.54 -83.75 -21.75
CA LEU T 6 44.86 -84.73 -20.72
C LEU T 6 46.27 -85.26 -20.88
N LYS T 7 46.73 -85.42 -22.13
CA LYS T 7 48.12 -85.82 -22.38
C LYS T 7 49.10 -84.97 -21.58
N ARG T 8 49.01 -83.63 -21.75
CA ARG T 8 49.85 -82.72 -20.98
C ARG T 8 49.76 -83.00 -19.48
N HIS T 9 48.53 -83.17 -18.97
CA HIS T 9 48.37 -83.57 -17.56
C HIS T 9 49.22 -84.79 -17.25
N ARG T 10 49.06 -85.87 -18.03
CA ARG T 10 49.90 -87.05 -17.87
C ARG T 10 51.36 -86.66 -17.76
N GLN T 11 51.85 -85.89 -18.73
CA GLN T 11 53.27 -85.53 -18.77
C GLN T 11 53.69 -84.84 -17.49
N SER T 12 52.87 -83.91 -16.98
CA SER T 12 53.22 -83.19 -15.76
C SER T 12 53.56 -84.18 -14.65
N LEU T 13 52.72 -85.19 -14.46
CA LEU T 13 52.96 -86.17 -13.39
C LEU T 13 54.32 -86.82 -13.54
N LYS T 14 54.71 -87.16 -14.78
CA LYS T 14 56.06 -87.65 -15.01
C LYS T 14 57.07 -86.58 -14.60
N ARG T 15 56.93 -85.39 -15.18
CA ARG T 15 57.94 -84.35 -14.97
C ARG T 15 58.04 -83.97 -13.51
N ARG T 16 56.90 -83.72 -12.85
CA ARG T 16 56.92 -83.51 -11.41
C ARG T 16 57.78 -84.56 -10.71
N LEU T 17 57.47 -85.85 -10.95
CA LEU T 17 58.23 -86.90 -10.30
C LEU T 17 59.72 -86.81 -10.66
N ARG T 18 60.01 -86.57 -11.94
CA ARG T 18 61.40 -86.45 -12.38
C ARG T 18 62.10 -85.30 -11.64
N ASN T 19 61.38 -84.21 -11.38
CA ASN T 19 61.95 -83.07 -10.66
C ASN T 19 62.04 -83.33 -9.17
N LYS T 20 61.20 -84.22 -8.64
CA LYS T 20 61.20 -84.47 -7.20
C LYS T 20 62.43 -85.26 -6.81
N ALA T 21 62.65 -86.41 -7.46
CA ALA T 21 63.80 -87.25 -7.18
C ALA T 21 65.09 -86.45 -7.23
N LYS T 22 65.21 -85.51 -8.16
CA LYS T 22 66.39 -84.65 -8.18
C LYS T 22 66.46 -83.81 -6.90
N LYS T 23 65.40 -83.07 -6.59
CA LYS T 23 65.43 -82.22 -5.42
C LYS T 23 65.75 -83.01 -4.16
N SER T 24 64.99 -84.10 -3.91
CA SER T 24 65.24 -84.94 -2.75
C SER T 24 66.68 -85.42 -2.68
N ALA T 25 67.31 -85.69 -3.83
CA ALA T 25 68.72 -86.01 -3.81
C ALA T 25 69.54 -84.85 -3.27
N ILE T 26 69.42 -83.70 -3.93
CA ILE T 26 70.22 -82.53 -3.59
C ILE T 26 70.19 -82.27 -2.09
N LYS T 27 68.98 -82.08 -1.54
CA LYS T 27 68.85 -81.81 -0.11
C LYS T 27 69.52 -82.88 0.73
N THR T 28 69.22 -84.15 0.45
CA THR T 28 69.80 -85.22 1.27
C THR T 28 71.32 -85.20 1.22
N LEU T 29 71.90 -84.76 0.10
CA LEU T 29 73.36 -84.64 0.04
C LEU T 29 73.85 -83.39 0.77
N SER T 30 73.12 -82.28 0.62
CA SER T 30 73.59 -81.02 1.21
C SER T 30 73.74 -81.16 2.71
N LYS T 31 72.66 -81.55 3.41
CA LYS T 31 72.77 -81.88 4.83
C LYS T 31 73.97 -82.79 5.08
N LYS T 32 74.09 -83.85 4.28
CA LYS T 32 75.13 -84.85 4.51
C LYS T 32 76.51 -84.21 4.50
N ALA T 33 76.72 -83.19 3.67
CA ALA T 33 78.01 -82.50 3.68
C ALA T 33 78.15 -81.63 4.92
N ILE T 34 77.12 -80.84 5.22
CA ILE T 34 77.19 -79.93 6.36
C ILE T 34 77.49 -80.71 7.63
N GLN T 35 76.74 -81.79 7.86
CA GLN T 35 77.06 -82.72 8.94
C GLN T 35 78.56 -82.94 9.06
N LEU T 36 79.18 -83.50 8.00
CA LEU T 36 80.60 -83.83 8.06
C LEU T 36 81.44 -82.60 8.31
N ALA T 37 81.06 -81.46 7.72
CA ALA T 37 81.79 -80.22 7.98
C ALA T 37 81.64 -79.80 9.44
N GLN T 38 80.40 -79.83 9.95
CA GLN T 38 80.17 -79.44 11.33
C GLN T 38 80.81 -80.42 12.29
N GLU T 39 80.88 -81.71 11.91
CA GLU T 39 81.60 -82.70 12.68
C GLU T 39 83.11 -82.61 12.50
N GLY T 40 83.60 -81.62 11.75
CA GLY T 40 85.02 -81.47 11.53
C GLY T 40 85.63 -82.45 10.54
N LYS T 41 84.84 -83.34 9.96
CA LYS T 41 85.34 -84.27 8.94
C LYS T 41 85.57 -83.48 7.66
N ALA T 42 86.85 -83.27 7.31
CA ALA T 42 87.18 -82.35 6.23
C ALA T 42 87.19 -83.03 4.86
N GLU T 43 88.04 -84.06 4.70
CA GLU T 43 88.14 -84.71 3.40
C GLU T 43 86.80 -85.30 2.97
N GLU T 44 86.04 -85.83 3.92
CA GLU T 44 84.74 -86.43 3.60
C GLU T 44 83.72 -85.35 3.24
N ALA T 45 83.59 -84.32 4.09
CA ALA T 45 82.62 -83.26 3.80
C ALA T 45 82.88 -82.62 2.45
N LEU T 46 84.15 -82.39 2.12
CA LEU T 46 84.45 -81.82 0.81
C LEU T 46 84.10 -82.79 -0.30
N LYS T 47 84.63 -84.02 -0.22
CA LYS T 47 84.38 -85.00 -1.27
C LYS T 47 82.88 -85.15 -1.56
N ILE T 48 82.05 -85.04 -0.51
CA ILE T 48 80.60 -85.08 -0.75
C ILE T 48 80.12 -83.75 -1.31
N MET T 49 80.66 -82.65 -0.81
CA MET T 49 80.21 -81.33 -1.26
C MET T 49 80.35 -81.18 -2.77
N ARG T 50 81.45 -81.67 -3.35
CA ARG T 50 81.59 -81.60 -4.80
C ARG T 50 80.41 -82.29 -5.49
N LYS T 51 80.03 -83.47 -5.01
CA LYS T 51 78.96 -84.21 -5.66
C LYS T 51 77.63 -83.53 -5.48
N ALA T 52 77.45 -82.80 -4.37
CA ALA T 52 76.24 -82.01 -4.20
C ALA T 52 76.21 -80.84 -5.18
N GLU T 53 77.35 -80.16 -5.32
CA GLU T 53 77.48 -79.12 -6.34
C GLU T 53 77.15 -79.67 -7.72
N SER T 54 77.71 -80.84 -8.06
CA SER T 54 77.45 -81.47 -9.34
C SER T 54 75.97 -81.76 -9.51
N LEU T 55 75.32 -82.27 -8.47
CA LEU T 55 73.89 -82.54 -8.57
C LEU T 55 73.10 -81.27 -8.79
N ILE T 56 73.52 -80.17 -8.15
CA ILE T 56 72.80 -78.91 -8.29
C ILE T 56 72.95 -78.38 -9.72
N ASP T 57 74.19 -78.23 -10.18
CA ASP T 57 74.43 -77.72 -11.53
C ASP T 57 73.81 -78.62 -12.58
N LYS T 58 73.82 -79.93 -12.35
CA LYS T 58 73.21 -80.85 -13.29
C LYS T 58 71.69 -80.70 -13.29
N ALA T 59 71.10 -80.42 -12.12
CA ALA T 59 69.68 -80.16 -12.07
C ALA T 59 69.32 -78.88 -12.81
N ALA T 60 70.19 -77.87 -12.75
CA ALA T 60 69.96 -76.62 -13.47
C ALA T 60 69.90 -76.80 -14.97
N LYS T 61 70.45 -77.90 -15.50
CA LYS T 61 70.53 -78.09 -16.94
C LYS T 61 69.14 -78.07 -17.60
N GLY T 62 68.14 -78.63 -16.92
CA GLY T 62 66.80 -78.67 -17.50
C GLY T 62 65.79 -77.81 -16.78
N SER T 63 64.53 -78.22 -16.80
CA SER T 63 63.45 -77.47 -16.17
C SER T 63 63.30 -77.72 -14.68
N THR T 64 64.19 -78.51 -14.06
CA THR T 64 64.06 -78.81 -12.64
C THR T 64 64.37 -77.60 -11.79
N LEU T 65 65.54 -77.01 -11.99
CA LEU T 65 66.10 -76.09 -11.03
C LEU T 65 66.49 -74.74 -11.57
N HIS T 66 66.12 -74.38 -12.80
CA HIS T 66 66.95 -73.73 -13.81
C HIS T 66 67.67 -72.55 -13.17
N LYS T 67 67.65 -71.36 -13.78
CA LYS T 67 68.49 -70.18 -13.51
C LYS T 67 68.92 -69.94 -12.07
N ASN T 68 69.44 -68.74 -11.78
CA ASN T 68 70.31 -68.49 -10.63
C ASN T 68 69.92 -69.17 -9.31
N ALA T 69 68.81 -69.92 -9.28
CA ALA T 69 68.49 -70.78 -8.14
C ALA T 69 69.62 -71.75 -7.83
N ALA T 70 70.23 -72.34 -8.86
CA ALA T 70 71.35 -73.24 -8.63
C ALA T 70 72.54 -72.50 -8.05
N ALA T 71 72.79 -71.27 -8.54
CA ALA T 71 73.87 -70.46 -8.02
C ALA T 71 73.63 -70.09 -6.56
N ARG T 72 72.40 -69.72 -6.22
CA ARG T 72 72.06 -69.44 -4.82
C ARG T 72 72.33 -70.66 -3.94
N ARG T 73 71.80 -71.82 -4.33
CA ARG T 73 71.98 -73.03 -3.53
C ARG T 73 73.47 -73.36 -3.36
N LYS T 74 74.23 -73.29 -4.45
CA LYS T 74 75.66 -73.55 -4.39
C LYS T 74 76.35 -72.57 -3.43
N SER T 75 76.04 -71.28 -3.55
CA SER T 75 76.67 -70.29 -2.67
C SER T 75 76.38 -70.61 -1.21
N ARG T 76 75.11 -70.83 -0.88
CA ARG T 76 74.73 -71.06 0.51
C ARG T 76 75.26 -72.38 1.05
N LEU T 77 75.56 -73.34 0.19
CA LEU T 77 76.23 -74.56 0.66
C LEU T 77 77.71 -74.29 0.93
N MET T 78 78.43 -73.82 -0.08
CA MET T 78 79.87 -73.65 0.06
C MET T 78 80.20 -72.74 1.24
N ARG T 79 79.42 -71.69 1.43
CA ARG T 79 79.73 -70.78 2.54
C ARG T 79 79.56 -71.47 3.89
N LYS T 80 78.47 -72.22 4.07
CA LYS T 80 78.24 -72.87 5.36
C LYS T 80 79.32 -73.93 5.65
N VAL T 81 79.71 -74.69 4.63
CA VAL T 81 80.72 -75.71 4.86
C VAL T 81 82.07 -75.08 5.17
N ARG T 82 82.43 -74.01 4.44
CA ARG T 82 83.69 -73.33 4.75
C ARG T 82 83.69 -72.76 6.15
N GLN T 83 82.54 -72.28 6.64
CA GLN T 83 82.48 -71.74 8.00
C GLN T 83 82.62 -72.84 9.05
N LEU T 84 81.97 -73.99 8.84
CA LEU T 84 82.15 -75.10 9.76
C LEU T 84 83.59 -75.57 9.78
N LEU T 85 84.14 -75.87 8.61
CA LEU T 85 85.54 -76.23 8.50
C LEU T 85 86.47 -75.08 8.84
N GLU T 86 85.94 -73.91 9.20
CA GLU T 86 86.74 -72.88 9.83
C GLU T 86 86.66 -72.98 11.35
N ALA T 87 85.49 -73.26 11.89
CA ALA T 87 85.41 -73.64 13.30
C ALA T 87 86.18 -74.92 13.60
N ALA T 88 86.65 -75.66 12.59
CA ALA T 88 87.51 -76.82 12.84
C ALA T 88 88.92 -76.64 12.29
N GLY T 89 89.08 -76.37 11.00
CA GLY T 89 90.36 -76.17 10.36
C GLY T 89 90.66 -77.22 9.30
N ALA T 90 91.76 -76.96 8.57
CA ALA T 90 92.37 -77.94 7.67
C ALA T 90 91.45 -78.43 6.54
N PRO T 91 91.20 -77.62 5.50
CA PRO T 91 90.42 -78.10 4.34
C PRO T 91 91.16 -79.13 3.49
N LEU T 92 91.09 -80.40 3.90
CA LEU T 92 91.96 -81.45 3.37
C LEU T 92 91.88 -81.66 1.87
N ILE T 93 90.74 -82.18 1.36
CA ILE T 93 90.73 -82.71 0.00
C ILE T 93 90.88 -81.62 -1.05
N GLY T 94 90.76 -80.35 -0.67
CA GLY T 94 90.81 -79.28 -1.65
C GLY T 94 89.67 -79.43 -2.63
N GLY T 95 88.46 -79.55 -2.09
CA GLY T 95 87.30 -79.85 -2.90
C GLY T 95 86.76 -78.61 -3.58
N GLY T 96 85.46 -78.37 -3.44
CA GLY T 96 84.86 -77.19 -4.04
C GLY T 96 85.55 -75.90 -3.64
N LEU T 97 86.03 -75.84 -2.40
CA LEU T 97 86.59 -74.59 -1.89
C LEU T 97 87.91 -74.24 -2.56
N SER T 98 88.05 -72.97 -2.94
CA SER T 98 89.32 -72.44 -3.37
C SER T 98 90.16 -72.05 -2.16
N ALA T 99 91.47 -72.01 -2.35
CA ALA T 99 92.43 -71.80 -1.27
C ALA T 99 92.09 -70.60 -0.39
N GLY U 1 -66.33 10.27 18.90
CA GLY U 1 -65.27 11.04 18.27
C GLY U 1 -65.51 11.28 16.79
N LYS U 2 -64.43 11.24 16.01
CA LYS U 2 -64.52 11.48 14.58
C LYS U 2 -64.97 10.25 13.80
N GLY U 3 -65.05 9.08 14.43
CA GLY U 3 -65.51 7.91 13.74
C GLY U 3 -66.98 7.60 13.89
N ASP U 4 -67.71 8.46 14.60
CA ASP U 4 -69.15 8.28 14.81
C ASP U 4 -69.88 8.88 13.62
N ARG U 5 -70.55 8.01 12.84
CA ARG U 5 -71.28 8.51 11.68
C ARG U 5 -72.37 9.51 12.07
N ARG U 6 -72.98 9.33 13.24
CA ARG U 6 -74.16 10.09 13.63
C ARG U 6 -73.83 11.39 14.37
N THR U 7 -72.60 11.89 14.23
CA THR U 7 -72.21 13.18 14.80
C THR U 7 -71.90 14.17 13.68
N ARG U 8 -71.72 15.43 14.07
CA ARG U 8 -71.29 16.44 13.12
C ARG U 8 -69.85 16.19 12.69
N ARG U 9 -68.96 15.93 13.66
CA ARG U 9 -67.56 15.65 13.37
C ARG U 9 -67.37 14.36 12.59
N GLY U 10 -68.30 13.39 12.72
CA GLY U 10 -68.21 12.19 11.90
C GLY U 10 -68.40 12.48 10.43
N LYS U 11 -69.39 13.31 10.09
CA LYS U 11 -69.57 13.70 8.69
C LYS U 11 -68.44 14.58 8.21
N ILE U 12 -68.03 15.58 9.02
CA ILE U 12 -66.93 16.44 8.59
C ILE U 12 -65.66 15.62 8.38
N TRP U 13 -65.48 14.55 9.15
CA TRP U 13 -64.32 13.67 8.95
C TRP U 13 -64.47 12.85 7.67
N ARG U 14 -65.61 12.19 7.49
CA ARG U 14 -65.82 11.44 6.26
C ARG U 14 -66.18 12.34 5.08
N GLY U 15 -66.37 13.63 5.30
CA GLY U 15 -66.61 14.54 4.21
C GLY U 15 -67.95 14.39 3.52
N THR U 16 -68.95 13.86 4.21
CA THR U 16 -70.29 13.64 3.65
C THR U 16 -71.31 14.51 4.35
N TYR U 17 -72.54 14.41 3.86
CA TYR U 17 -73.69 15.10 4.45
C TYR U 17 -74.80 14.10 4.71
N GLY U 18 -75.59 14.37 5.74
CA GLY U 18 -76.67 13.50 6.13
C GLY U 18 -77.64 14.19 7.06
N LYS U 19 -78.32 13.41 7.90
CA LYS U 19 -79.24 14.01 8.85
C LYS U 19 -78.51 14.83 9.89
N TYR U 20 -77.31 14.41 10.28
CA TYR U 20 -76.56 15.02 11.37
C TYR U 20 -75.55 16.06 10.90
N ARG U 21 -75.54 16.39 9.62
CA ARG U 21 -74.73 17.49 9.10
C ARG U 21 -75.44 18.07 7.89
N PRO U 22 -76.45 18.91 8.09
CA PRO U 22 -77.22 19.43 6.96
C PRO U 22 -76.41 20.39 6.10
N ARG U 23 -76.94 20.63 4.90
CA ARG U 23 -76.43 21.64 3.99
C ARG U 23 -77.16 22.97 4.10
N LYS U 24 -77.81 23.23 5.24
CA LYS U 24 -78.68 24.38 5.40
C LYS U 24 -79.71 24.43 4.27
N LYS U 25 -79.33 25.08 3.18
#